data_7P4S
# 
_entry.id   7P4S 
# 
_audit_conform.dict_name       mmcif_pdbx.dic 
_audit_conform.dict_version    5.384 
_audit_conform.dict_location   http://mmcif.pdb.org/dictionaries/ascii/mmcif_pdbx.dic 
# 
loop_
_database_2.database_id 
_database_2.database_code 
_database_2.pdbx_database_accession 
_database_2.pdbx_DOI 
PDB   7P4S         pdb_00007p4s 10.2210/pdb7p4s/pdb 
WWPDB D_1292117005 ?            ?                   
# 
loop_
_pdbx_audit_revision_history.ordinal 
_pdbx_audit_revision_history.data_content_type 
_pdbx_audit_revision_history.major_revision 
_pdbx_audit_revision_history.minor_revision 
_pdbx_audit_revision_history.revision_date 
1 'Structure model' 1 0 2021-10-13 
2 'Structure model' 1 1 2024-01-31 
# 
_pdbx_audit_revision_details.ordinal             1 
_pdbx_audit_revision_details.revision_ordinal    1 
_pdbx_audit_revision_details.data_content_type   'Structure model' 
_pdbx_audit_revision_details.provider            repository 
_pdbx_audit_revision_details.type                'Initial release' 
_pdbx_audit_revision_details.description         ? 
_pdbx_audit_revision_details.details             ? 
# 
loop_
_pdbx_audit_revision_group.ordinal 
_pdbx_audit_revision_group.revision_ordinal 
_pdbx_audit_revision_group.data_content_type 
_pdbx_audit_revision_group.group 
1 2 'Structure model' 'Data collection'        
2 2 'Structure model' 'Refinement description' 
# 
loop_
_pdbx_audit_revision_category.ordinal 
_pdbx_audit_revision_category.revision_ordinal 
_pdbx_audit_revision_category.data_content_type 
_pdbx_audit_revision_category.category 
1 2 'Structure model' chem_comp_atom                
2 2 'Structure model' chem_comp_bond                
3 2 'Structure model' pdbx_initial_refinement_model 
# 
_pdbx_database_status.status_code                     REL 
_pdbx_database_status.status_code_sf                  REL 
_pdbx_database_status.status_code_mr                  ? 
_pdbx_database_status.entry_id                        7P4S 
_pdbx_database_status.recvd_initial_deposition_date   2021-07-13 
_pdbx_database_status.SG_entry                        N 
_pdbx_database_status.deposit_site                    PDBE 
_pdbx_database_status.process_site                    PDBE 
_pdbx_database_status.status_code_cs                  ? 
_pdbx_database_status.status_code_nmr_data            ? 
_pdbx_database_status.methods_development_category    ? 
_pdbx_database_status.pdb_format_compatible           Y 
# 
_audit_author.name               'Chung, C.' 
_audit_author.pdbx_ordinal       1 
_audit_author.identifier_ORCID   0000-0002-2480-3110 
# 
_citation.abstract                  ? 
_citation.abstract_id_CAS           ? 
_citation.book_id_ISBN              ? 
_citation.book_publisher            ? 
_citation.book_publisher_city       ? 
_citation.book_title                ? 
_citation.coordinate_linkage        ? 
_citation.country                   US 
_citation.database_id_Medline       ? 
_citation.details                   ? 
_citation.id                        primary 
_citation.journal_abbrev            'Acs Med.Chem.Lett.' 
_citation.journal_id_ASTM           ? 
_citation.journal_id_CSD            ? 
_citation.journal_id_ISSN           1948-5875 
_citation.journal_full              ? 
_citation.journal_issue             ? 
_citation.journal_volume            12 
_citation.language                  ? 
_citation.page_first                1308 
_citation.page_last                 1317 
_citation.title                     
'Optimization of Naphthyridones into Selective TATA-Binding Protein Associated Factor 1 (TAF1) Bromodomain Inhibitors.' 
_citation.year                      2021 
_citation.database_id_CSD           ? 
_citation.pdbx_database_id_DOI      10.1021/acsmedchemlett.1c00294 
_citation.pdbx_database_id_PubMed   34413961 
_citation.pdbx_database_id_patent   ? 
_citation.unpublished_flag          ? 
# 
loop_
_citation_author.citation_id 
_citation_author.name 
_citation_author.ordinal 
_citation_author.identifier_ORCID 
primary 'Clegg, M.A.'       1  ?                   
primary 'Theodoulou, N.H.'  2  ?                   
primary 'Bamborough, P.'    3  0000-0001-9479-2894 
primary 'Chung, C.W.'       4  0000-0002-2480-3110 
primary 'Craggs, P.D.'      5  ?                   
primary 'Demont, E.H.'      6  0000-0001-7307-3129 
primary 'Gordon, L.J.'      7  ?                   
primary 'Liwicki, G.M.'     8  0000-0003-3508-8711 
primary 'Phillipou, A.'     9  ?                   
primary 'Tomkinson, N.C.O.' 10 0000-0002-5509-0133 
primary 'Prinjha, R.K.'     11 ?                   
primary 'Humphreys, P.G.'   12 0000-0002-8614-7155 
# 
loop_
_entity.id 
_entity.type 
_entity.src_method 
_entity.pdbx_description 
_entity.formula_weight 
_entity.pdbx_number_of_molecules 
_entity.pdbx_ec 
_entity.pdbx_mutation 
_entity.pdbx_fragment 
_entity.details 
1 polymer     man 'Isoform 2a of Transcription initiation factor TFIID subunit 1' 15852.786 1   2.3.1.48,2.7.11.1 ? ? ? 
2 non-polymer syn 
'8-[[1-(3-azanylpropyl)piperidin-4-yl]amino]-5-[5-(hydroxymethyl)pyridin-3-yl]-3-methyl-1~{H}-1,7-naphthyridin-2-one' 422.523   2 
?                 ? ? ? 
3 water       nat water 18.015    120 ?                 ? ? ? 
# 
_entity_name_com.entity_id   1 
_entity_name_com.name        
;Cell cycle gene 1 protein,TBP-associated factor 250 kDa,p250,Transcription initiation factor TFIID 250 kDa subunit,TAF(II)250,TAFII-250,TAFII250
;
# 
_entity_poly.entity_id                      1 
_entity_poly.type                           'polypeptide(L)' 
_entity_poly.nstd_linkage                   no 
_entity_poly.nstd_monomer                   no 
_entity_poly.pdbx_seq_one_letter_code       
;GMDDDQVAFSFILDNIVTQKMMAVPDSWPFHHPVNKKFVPDYYKVIVNPMDLETIRKNISKHKYQSRESFLDDVNLILAN
SVKYNGPESQYTKTAQEIVNVCYQTLTEYDEHLTQLEKDICTAKEAALEEAELESLD
;
_entity_poly.pdbx_seq_one_letter_code_can   
;GMDDDQVAFSFILDNIVTQKMMAVPDSWPFHHPVNKKFVPDYYKVIVNPMDLETIRKNISKHKYQSRESFLDDVNLILAN
SVKYNGPESQYTKTAQEIVNVCYQTLTEYDEHLTQLEKDICTAKEAALEEAELESLD
;
_entity_poly.pdbx_strand_id                 A 
_entity_poly.pdbx_target_identifier         ? 
# 
loop_
_pdbx_entity_nonpoly.entity_id 
_pdbx_entity_nonpoly.name 
_pdbx_entity_nonpoly.comp_id 
2 '8-[[1-(3-azanylpropyl)piperidin-4-yl]amino]-5-[5-(hydroxymethyl)pyridin-3-yl]-3-methyl-1~{H}-1,7-naphthyridin-2-one' 5LV 
3 water                                                                                                                 HOH 
# 
loop_
_entity_poly_seq.entity_id 
_entity_poly_seq.num 
_entity_poly_seq.mon_id 
_entity_poly_seq.hetero 
1 1   GLY n 
1 2   MET n 
1 3   ASP n 
1 4   ASP n 
1 5   ASP n 
1 6   GLN n 
1 7   VAL n 
1 8   ALA n 
1 9   PHE n 
1 10  SER n 
1 11  PHE n 
1 12  ILE n 
1 13  LEU n 
1 14  ASP n 
1 15  ASN n 
1 16  ILE n 
1 17  VAL n 
1 18  THR n 
1 19  GLN n 
1 20  LYS n 
1 21  MET n 
1 22  MET n 
1 23  ALA n 
1 24  VAL n 
1 25  PRO n 
1 26  ASP n 
1 27  SER n 
1 28  TRP n 
1 29  PRO n 
1 30  PHE n 
1 31  HIS n 
1 32  HIS n 
1 33  PRO n 
1 34  VAL n 
1 35  ASN n 
1 36  LYS n 
1 37  LYS n 
1 38  PHE n 
1 39  VAL n 
1 40  PRO n 
1 41  ASP n 
1 42  TYR n 
1 43  TYR n 
1 44  LYS n 
1 45  VAL n 
1 46  ILE n 
1 47  VAL n 
1 48  ASN n 
1 49  PRO n 
1 50  MET n 
1 51  ASP n 
1 52  LEU n 
1 53  GLU n 
1 54  THR n 
1 55  ILE n 
1 56  ARG n 
1 57  LYS n 
1 58  ASN n 
1 59  ILE n 
1 60  SER n 
1 61  LYS n 
1 62  HIS n 
1 63  LYS n 
1 64  TYR n 
1 65  GLN n 
1 66  SER n 
1 67  ARG n 
1 68  GLU n 
1 69  SER n 
1 70  PHE n 
1 71  LEU n 
1 72  ASP n 
1 73  ASP n 
1 74  VAL n 
1 75  ASN n 
1 76  LEU n 
1 77  ILE n 
1 78  LEU n 
1 79  ALA n 
1 80  ASN n 
1 81  SER n 
1 82  VAL n 
1 83  LYS n 
1 84  TYR n 
1 85  ASN n 
1 86  GLY n 
1 87  PRO n 
1 88  GLU n 
1 89  SER n 
1 90  GLN n 
1 91  TYR n 
1 92  THR n 
1 93  LYS n 
1 94  THR n 
1 95  ALA n 
1 96  GLN n 
1 97  GLU n 
1 98  ILE n 
1 99  VAL n 
1 100 ASN n 
1 101 VAL n 
1 102 CYS n 
1 103 TYR n 
1 104 GLN n 
1 105 THR n 
1 106 LEU n 
1 107 THR n 
1 108 GLU n 
1 109 TYR n 
1 110 ASP n 
1 111 GLU n 
1 112 HIS n 
1 113 LEU n 
1 114 THR n 
1 115 GLN n 
1 116 LEU n 
1 117 GLU n 
1 118 LYS n 
1 119 ASP n 
1 120 ILE n 
1 121 CYS n 
1 122 THR n 
1 123 ALA n 
1 124 LYS n 
1 125 GLU n 
1 126 ALA n 
1 127 ALA n 
1 128 LEU n 
1 129 GLU n 
1 130 GLU n 
1 131 ALA n 
1 132 GLU n 
1 133 LEU n 
1 134 GLU n 
1 135 SER n 
1 136 LEU n 
1 137 ASP n 
# 
_entity_src_gen.entity_id                          1 
_entity_src_gen.pdbx_src_id                        1 
_entity_src_gen.pdbx_alt_source_flag               sample 
_entity_src_gen.pdbx_seq_type                      'Biological sequence' 
_entity_src_gen.pdbx_beg_seq_num                   1 
_entity_src_gen.pdbx_end_seq_num                   137 
_entity_src_gen.gene_src_common_name               Human 
_entity_src_gen.gene_src_genus                     ? 
_entity_src_gen.pdbx_gene_src_gene                 'TAF1, BA2R, CCG1, CCGS, TAF2A' 
_entity_src_gen.gene_src_species                   ? 
_entity_src_gen.gene_src_strain                    ? 
_entity_src_gen.gene_src_tissue                    ? 
_entity_src_gen.gene_src_tissue_fraction           ? 
_entity_src_gen.gene_src_details                   ? 
_entity_src_gen.pdbx_gene_src_fragment             ? 
_entity_src_gen.pdbx_gene_src_scientific_name      'Homo sapiens' 
_entity_src_gen.pdbx_gene_src_ncbi_taxonomy_id     9606 
_entity_src_gen.pdbx_gene_src_variant              ? 
_entity_src_gen.pdbx_gene_src_cell_line            ? 
_entity_src_gen.pdbx_gene_src_atcc                 ? 
_entity_src_gen.pdbx_gene_src_organ                ? 
_entity_src_gen.pdbx_gene_src_organelle            ? 
_entity_src_gen.pdbx_gene_src_cell                 ? 
_entity_src_gen.pdbx_gene_src_cellular_location    ? 
_entity_src_gen.host_org_common_name               ? 
_entity_src_gen.pdbx_host_org_scientific_name      'Escherichia coli' 
_entity_src_gen.pdbx_host_org_ncbi_taxonomy_id     562 
_entity_src_gen.host_org_genus                     ? 
_entity_src_gen.pdbx_host_org_gene                 ? 
_entity_src_gen.pdbx_host_org_organ                ? 
_entity_src_gen.host_org_species                   ? 
_entity_src_gen.pdbx_host_org_tissue               ? 
_entity_src_gen.pdbx_host_org_tissue_fraction      ? 
_entity_src_gen.pdbx_host_org_strain               ? 
_entity_src_gen.pdbx_host_org_variant              ? 
_entity_src_gen.pdbx_host_org_cell_line            ? 
_entity_src_gen.pdbx_host_org_atcc                 ? 
_entity_src_gen.pdbx_host_org_culture_collection   ? 
_entity_src_gen.pdbx_host_org_cell                 ? 
_entity_src_gen.pdbx_host_org_organelle            ? 
_entity_src_gen.pdbx_host_org_cellular_location    ? 
_entity_src_gen.pdbx_host_org_vector_type          ? 
_entity_src_gen.pdbx_host_org_vector               ? 
_entity_src_gen.host_org_details                   ? 
_entity_src_gen.expression_system_id               ? 
_entity_src_gen.plasmid_name                       ? 
_entity_src_gen.plasmid_details                    ? 
_entity_src_gen.pdbx_description                   ? 
# 
loop_
_chem_comp.id 
_chem_comp.type 
_chem_comp.mon_nstd_flag 
_chem_comp.name 
_chem_comp.pdbx_synonyms 
_chem_comp.formula 
_chem_comp.formula_weight 
5LV non-polymer         . 
'8-[[1-(3-azanylpropyl)piperidin-4-yl]amino]-5-[5-(hydroxymethyl)pyridin-3-yl]-3-methyl-1~{H}-1,7-naphthyridin-2-one' 
'8-((1-(3-aminopropyl)piperidin-4-yl)amino)-5-(5-(hydroxymethyl)pyridin-3-yl)-3-methyl-1,7-naphthyridin-2(1H)-one' 'C23 H30 N6 O2' 
422.523 
ALA 'L-peptide linking' y ALANINE ? 'C3 H7 N O2'     89.093  
ARG 'L-peptide linking' y ARGININE ? 'C6 H15 N4 O2 1' 175.209 
ASN 'L-peptide linking' y ASPARAGINE ? 'C4 H8 N2 O3'    132.118 
ASP 'L-peptide linking' y 'ASPARTIC ACID' ? 'C4 H7 N O4'     133.103 
CYS 'L-peptide linking' y CYSTEINE ? 'C3 H7 N O2 S'   121.158 
GLN 'L-peptide linking' y GLUTAMINE ? 'C5 H10 N2 O3'   146.144 
GLU 'L-peptide linking' y 'GLUTAMIC ACID' ? 'C5 H9 N O4'     147.129 
GLY 'peptide linking'   y GLYCINE ? 'C2 H5 N O2'     75.067  
HIS 'L-peptide linking' y HISTIDINE ? 'C6 H10 N3 O2 1' 156.162 
HOH non-polymer         . WATER ? 'H2 O'           18.015  
ILE 'L-peptide linking' y ISOLEUCINE ? 'C6 H13 N O2'    131.173 
LEU 'L-peptide linking' y LEUCINE ? 'C6 H13 N O2'    131.173 
LYS 'L-peptide linking' y LYSINE ? 'C6 H15 N2 O2 1' 147.195 
MET 'L-peptide linking' y METHIONINE ? 'C5 H11 N O2 S'  149.211 
PHE 'L-peptide linking' y PHENYLALANINE ? 'C9 H11 N O2'    165.189 
PRO 'L-peptide linking' y PROLINE ? 'C5 H9 N O2'     115.130 
SER 'L-peptide linking' y SERINE ? 'C3 H7 N O3'     105.093 
THR 'L-peptide linking' y THREONINE ? 'C4 H9 N O3'     119.119 
TRP 'L-peptide linking' y TRYPTOPHAN ? 'C11 H12 N2 O2'  204.225 
TYR 'L-peptide linking' y TYROSINE ? 'C9 H11 N O3'    181.189 
VAL 'L-peptide linking' y VALINE ? 'C5 H11 N O2'    117.146 
# 
loop_
_pdbx_poly_seq_scheme.asym_id 
_pdbx_poly_seq_scheme.entity_id 
_pdbx_poly_seq_scheme.seq_id 
_pdbx_poly_seq_scheme.mon_id 
_pdbx_poly_seq_scheme.ndb_seq_num 
_pdbx_poly_seq_scheme.pdb_seq_num 
_pdbx_poly_seq_scheme.auth_seq_num 
_pdbx_poly_seq_scheme.pdb_mon_id 
_pdbx_poly_seq_scheme.auth_mon_id 
_pdbx_poly_seq_scheme.pdb_strand_id 
_pdbx_poly_seq_scheme.pdb_ins_code 
_pdbx_poly_seq_scheme.hetero 
A 1 1   GLY 1   1499 ?    ?   ?   A . n 
A 1 2   MET 2   1500 1500 MET MET A . n 
A 1 3   ASP 3   1501 1501 ASP ASP A . n 
A 1 4   ASP 4   1502 1502 ASP ASP A . n 
A 1 5   ASP 5   1503 1503 ASP ASP A . n 
A 1 6   GLN 6   1504 1504 GLN GLN A . n 
A 1 7   VAL 7   1505 1505 VAL VAL A . n 
A 1 8   ALA 8   1506 1506 ALA ALA A . n 
A 1 9   PHE 9   1507 1507 PHE PHE A . n 
A 1 10  SER 10  1508 1508 SER SER A . n 
A 1 11  PHE 11  1509 1509 PHE PHE A . n 
A 1 12  ILE 12  1510 1510 ILE ILE A . n 
A 1 13  LEU 13  1511 1511 LEU LEU A . n 
A 1 14  ASP 14  1512 1512 ASP ASP A . n 
A 1 15  ASN 15  1513 1513 ASN ASN A . n 
A 1 16  ILE 16  1514 1514 ILE ILE A . n 
A 1 17  VAL 17  1515 1515 VAL VAL A . n 
A 1 18  THR 18  1516 1516 THR THR A . n 
A 1 19  GLN 19  1517 1517 GLN GLN A . n 
A 1 20  LYS 20  1518 1518 LYS LYS A . n 
A 1 21  MET 21  1519 1519 MET MET A . n 
A 1 22  MET 22  1520 1520 MET MET A . n 
A 1 23  ALA 23  1521 1521 ALA ALA A . n 
A 1 24  VAL 24  1522 1522 VAL VAL A . n 
A 1 25  PRO 25  1523 1523 PRO PRO A . n 
A 1 26  ASP 26  1524 1524 ASP ASP A . n 
A 1 27  SER 27  1525 1525 SER SER A . n 
A 1 28  TRP 28  1526 1526 TRP TRP A . n 
A 1 29  PRO 29  1527 1527 PRO PRO A . n 
A 1 30  PHE 30  1528 1528 PHE PHE A . n 
A 1 31  HIS 31  1529 1529 HIS HIS A . n 
A 1 32  HIS 32  1530 1530 HIS HIS A . n 
A 1 33  PRO 33  1531 1531 PRO PRO A . n 
A 1 34  VAL 34  1532 1532 VAL VAL A . n 
A 1 35  ASN 35  1533 1533 ASN ASN A . n 
A 1 36  LYS 36  1534 1534 LYS LYS A . n 
A 1 37  LYS 37  1535 1535 LYS LYS A . n 
A 1 38  PHE 38  1536 1536 PHE PHE A . n 
A 1 39  VAL 39  1537 1537 VAL VAL A . n 
A 1 40  PRO 40  1538 1538 PRO PRO A . n 
A 1 41  ASP 41  1539 1539 ASP ASP A . n 
A 1 42  TYR 42  1540 1540 TYR TYR A . n 
A 1 43  TYR 43  1541 1541 TYR TYR A . n 
A 1 44  LYS 44  1542 1542 LYS LYS A . n 
A 1 45  VAL 45  1543 1543 VAL VAL A . n 
A 1 46  ILE 46  1544 1544 ILE ILE A . n 
A 1 47  VAL 47  1545 1545 VAL VAL A . n 
A 1 48  ASN 48  1546 1546 ASN ASN A . n 
A 1 49  PRO 49  1547 1547 PRO PRO A . n 
A 1 50  MET 50  1548 1548 MET MET A . n 
A 1 51  ASP 51  1549 1549 ASP ASP A . n 
A 1 52  LEU 52  1550 1550 LEU LEU A . n 
A 1 53  GLU 53  1551 1551 GLU GLU A . n 
A 1 54  THR 54  1552 1552 THR THR A . n 
A 1 55  ILE 55  1553 1553 ILE ILE A . n 
A 1 56  ARG 56  1554 1554 ARG ARG A . n 
A 1 57  LYS 57  1555 1555 LYS LYS A . n 
A 1 58  ASN 58  1556 1556 ASN ASN A . n 
A 1 59  ILE 59  1557 1557 ILE ILE A . n 
A 1 60  SER 60  1558 1558 SER SER A . n 
A 1 61  LYS 61  1559 1559 LYS LYS A . n 
A 1 62  HIS 62  1560 1560 HIS HIS A . n 
A 1 63  LYS 63  1561 1561 LYS LYS A . n 
A 1 64  TYR 64  1562 1562 TYR TYR A . n 
A 1 65  GLN 65  1563 1563 GLN GLN A . n 
A 1 66  SER 66  1564 1564 SER SER A . n 
A 1 67  ARG 67  1565 1565 ARG ARG A . n 
A 1 68  GLU 68  1566 1566 GLU GLU A . n 
A 1 69  SER 69  1567 1567 SER SER A . n 
A 1 70  PHE 70  1568 1568 PHE PHE A . n 
A 1 71  LEU 71  1569 1569 LEU LEU A . n 
A 1 72  ASP 72  1570 1570 ASP ASP A . n 
A 1 73  ASP 73  1571 1571 ASP ASP A . n 
A 1 74  VAL 74  1572 1572 VAL VAL A . n 
A 1 75  ASN 75  1573 1573 ASN ASN A . n 
A 1 76  LEU 76  1574 1574 LEU LEU A . n 
A 1 77  ILE 77  1575 1575 ILE ILE A . n 
A 1 78  LEU 78  1576 1576 LEU LEU A . n 
A 1 79  ALA 79  1577 1577 ALA ALA A . n 
A 1 80  ASN 80  1578 1578 ASN ASN A . n 
A 1 81  SER 81  1579 1579 SER SER A . n 
A 1 82  VAL 82  1580 1580 VAL VAL A . n 
A 1 83  LYS 83  1581 1581 LYS LYS A . n 
A 1 84  TYR 84  1582 1582 TYR TYR A . n 
A 1 85  ASN 85  1583 1583 ASN ASN A . n 
A 1 86  GLY 86  1584 1584 GLY GLY A . n 
A 1 87  PRO 87  1585 1585 PRO PRO A . n 
A 1 88  GLU 88  1586 1586 GLU GLU A . n 
A 1 89  SER 89  1587 1587 SER SER A . n 
A 1 90  GLN 90  1588 1588 GLN GLN A . n 
A 1 91  TYR 91  1589 1589 TYR TYR A . n 
A 1 92  THR 92  1590 1590 THR THR A . n 
A 1 93  LYS 93  1591 1591 LYS LYS A . n 
A 1 94  THR 94  1592 1592 THR THR A . n 
A 1 95  ALA 95  1593 1593 ALA ALA A . n 
A 1 96  GLN 96  1594 1594 GLN GLN A . n 
A 1 97  GLU 97  1595 1595 GLU GLU A . n 
A 1 98  ILE 98  1596 1596 ILE ILE A . n 
A 1 99  VAL 99  1597 1597 VAL VAL A . n 
A 1 100 ASN 100 1598 1598 ASN ASN A . n 
A 1 101 VAL 101 1599 1599 VAL VAL A . n 
A 1 102 CYS 102 1600 1600 CYS CYS A . n 
A 1 103 TYR 103 1601 1601 TYR TYR A . n 
A 1 104 GLN 104 1602 1602 GLN GLN A . n 
A 1 105 THR 105 1603 1603 THR THR A . n 
A 1 106 LEU 106 1604 1604 LEU LEU A . n 
A 1 107 THR 107 1605 1605 THR THR A . n 
A 1 108 GLU 108 1606 1606 GLU GLU A . n 
A 1 109 TYR 109 1607 1607 TYR TYR A . n 
A 1 110 ASP 110 1608 1608 ASP ASP A . n 
A 1 111 GLU 111 1609 1609 GLU GLU A . n 
A 1 112 HIS 112 1610 1610 HIS HIS A . n 
A 1 113 LEU 113 1611 1611 LEU LEU A . n 
A 1 114 THR 114 1612 1612 THR THR A . n 
A 1 115 GLN 115 1613 1613 GLN GLN A . n 
A 1 116 LEU 116 1614 1614 LEU LEU A . n 
A 1 117 GLU 117 1615 1615 GLU GLU A . n 
A 1 118 LYS 118 1616 1616 LYS LYS A . n 
A 1 119 ASP 119 1617 1617 ASP ASP A . n 
A 1 120 ILE 120 1618 1618 ILE ILE A . n 
A 1 121 CYS 121 1619 1619 CYS CYS A . n 
A 1 122 THR 122 1620 1620 THR THR A . n 
A 1 123 ALA 123 1621 1621 ALA ALA A . n 
A 1 124 LYS 124 1622 1622 LYS LYS A . n 
A 1 125 GLU 125 1623 1623 GLU GLU A . n 
A 1 126 ALA 126 1624 1624 ALA ALA A . n 
A 1 127 ALA 127 1625 1625 ALA ALA A . n 
A 1 128 LEU 128 1626 1626 LEU LEU A . n 
A 1 129 GLU 129 1627 1627 GLU GLU A . n 
A 1 130 GLU 130 1628 1628 GLU GLU A . n 
A 1 131 ALA 131 1629 1629 ALA ALA A . n 
A 1 132 GLU 132 1630 1630 GLU GLU A . n 
A 1 133 LEU 133 1631 1631 LEU LEU A . n 
A 1 134 GLU 134 1632 1632 GLU GLU A . n 
A 1 135 SER 135 1633 1633 SER SER A . n 
A 1 136 LEU 136 1634 ?    ?   ?   A . n 
A 1 137 ASP 137 1635 ?    ?   ?   A . n 
# 
loop_
_pdbx_nonpoly_scheme.asym_id 
_pdbx_nonpoly_scheme.entity_id 
_pdbx_nonpoly_scheme.mon_id 
_pdbx_nonpoly_scheme.ndb_seq_num 
_pdbx_nonpoly_scheme.pdb_seq_num 
_pdbx_nonpoly_scheme.auth_seq_num 
_pdbx_nonpoly_scheme.pdb_mon_id 
_pdbx_nonpoly_scheme.auth_mon_id 
_pdbx_nonpoly_scheme.pdb_strand_id 
_pdbx_nonpoly_scheme.pdb_ins_code 
B 2 5LV 1   1701 1   5LV LIG A . 
C 2 5LV 1   1702 2   5LV LIG A . 
D 3 HOH 1   1801 48  HOH HOH A . 
D 3 HOH 2   1802 57  HOH HOH A . 
D 3 HOH 3   1803 94  HOH HOH A . 
D 3 HOH 4   1804 89  HOH HOH A . 
D 3 HOH 5   1805 67  HOH HOH A . 
D 3 HOH 6   1806 61  HOH HOH A . 
D 3 HOH 7   1807 56  HOH HOH A . 
D 3 HOH 8   1808 44  HOH HOH A . 
D 3 HOH 9   1809 18  HOH HOH A . 
D 3 HOH 10  1810 118 HOH HOH A . 
D 3 HOH 11  1811 34  HOH HOH A . 
D 3 HOH 12  1812 40  HOH HOH A . 
D 3 HOH 13  1813 4   HOH HOH A . 
D 3 HOH 14  1814 20  HOH HOH A . 
D 3 HOH 15  1815 92  HOH HOH A . 
D 3 HOH 16  1816 13  HOH HOH A . 
D 3 HOH 17  1817 36  HOH HOH A . 
D 3 HOH 18  1818 49  HOH HOH A . 
D 3 HOH 19  1819 12  HOH HOH A . 
D 3 HOH 20  1820 7   HOH HOH A . 
D 3 HOH 21  1821 52  HOH HOH A . 
D 3 HOH 22  1822 95  HOH HOH A . 
D 3 HOH 23  1823 108 HOH HOH A . 
D 3 HOH 24  1824 10  HOH HOH A . 
D 3 HOH 25  1825 25  HOH HOH A . 
D 3 HOH 26  1826 101 HOH HOH A . 
D 3 HOH 27  1827 19  HOH HOH A . 
D 3 HOH 28  1828 115 HOH HOH A . 
D 3 HOH 29  1829 45  HOH HOH A . 
D 3 HOH 30  1830 27  HOH HOH A . 
D 3 HOH 31  1831 24  HOH HOH A . 
D 3 HOH 32  1832 55  HOH HOH A . 
D 3 HOH 33  1833 93  HOH HOH A . 
D 3 HOH 34  1834 16  HOH HOH A . 
D 3 HOH 35  1835 43  HOH HOH A . 
D 3 HOH 36  1836 53  HOH HOH A . 
D 3 HOH 37  1837 114 HOH HOH A . 
D 3 HOH 38  1838 28  HOH HOH A . 
D 3 HOH 39  1839 14  HOH HOH A . 
D 3 HOH 40  1840 23  HOH HOH A . 
D 3 HOH 41  1841 64  HOH HOH A . 
D 3 HOH 42  1842 83  HOH HOH A . 
D 3 HOH 43  1843 59  HOH HOH A . 
D 3 HOH 44  1844 119 HOH HOH A . 
D 3 HOH 45  1845 3   HOH HOH A . 
D 3 HOH 46  1846 38  HOH HOH A . 
D 3 HOH 47  1847 103 HOH HOH A . 
D 3 HOH 48  1848 106 HOH HOH A . 
D 3 HOH 49  1849 22  HOH HOH A . 
D 3 HOH 50  1850 2   HOH HOH A . 
D 3 HOH 51  1851 69  HOH HOH A . 
D 3 HOH 52  1852 88  HOH HOH A . 
D 3 HOH 53  1853 11  HOH HOH A . 
D 3 HOH 54  1854 105 HOH HOH A . 
D 3 HOH 55  1855 68  HOH HOH A . 
D 3 HOH 56  1856 90  HOH HOH A . 
D 3 HOH 57  1857 9   HOH HOH A . 
D 3 HOH 58  1858 15  HOH HOH A . 
D 3 HOH 59  1859 71  HOH HOH A . 
D 3 HOH 60  1860 41  HOH HOH A . 
D 3 HOH 61  1861 107 HOH HOH A . 
D 3 HOH 62  1862 60  HOH HOH A . 
D 3 HOH 63  1863 80  HOH HOH A . 
D 3 HOH 64  1864 79  HOH HOH A . 
D 3 HOH 65  1865 77  HOH HOH A . 
D 3 HOH 66  1866 86  HOH HOH A . 
D 3 HOH 67  1867 32  HOH HOH A . 
D 3 HOH 68  1868 98  HOH HOH A . 
D 3 HOH 69  1869 47  HOH HOH A . 
D 3 HOH 70  1870 112 HOH HOH A . 
D 3 HOH 71  1871 120 HOH HOH A . 
D 3 HOH 72  1872 73  HOH HOH A . 
D 3 HOH 73  1873 111 HOH HOH A . 
D 3 HOH 74  1874 84  HOH HOH A . 
D 3 HOH 75  1875 58  HOH HOH A . 
D 3 HOH 76  1876 63  HOH HOH A . 
D 3 HOH 77  1877 6   HOH HOH A . 
D 3 HOH 78  1878 78  HOH HOH A . 
D 3 HOH 79  1879 104 HOH HOH A . 
D 3 HOH 80  1880 72  HOH HOH A . 
D 3 HOH 81  1881 37  HOH HOH A . 
D 3 HOH 82  1882 26  HOH HOH A . 
D 3 HOH 83  1883 102 HOH HOH A . 
D 3 HOH 84  1884 5   HOH HOH A . 
D 3 HOH 85  1885 96  HOH HOH A . 
D 3 HOH 86  1886 35  HOH HOH A . 
D 3 HOH 87  1887 75  HOH HOH A . 
D 3 HOH 88  1888 21  HOH HOH A . 
D 3 HOH 89  1889 66  HOH HOH A . 
D 3 HOH 90  1890 100 HOH HOH A . 
D 3 HOH 91  1891 116 HOH HOH A . 
D 3 HOH 92  1892 97  HOH HOH A . 
D 3 HOH 93  1893 99  HOH HOH A . 
D 3 HOH 94  1894 33  HOH HOH A . 
D 3 HOH 95  1895 54  HOH HOH A . 
D 3 HOH 96  1896 87  HOH HOH A . 
D 3 HOH 97  1897 39  HOH HOH A . 
D 3 HOH 98  1898 110 HOH HOH A . 
D 3 HOH 99  1899 29  HOH HOH A . 
D 3 HOH 100 1900 8   HOH HOH A . 
D 3 HOH 101 1901 1   HOH HOH A . 
D 3 HOH 102 1902 82  HOH HOH A . 
D 3 HOH 103 1903 113 HOH HOH A . 
D 3 HOH 104 1904 17  HOH HOH A . 
D 3 HOH 105 1905 109 HOH HOH A . 
D 3 HOH 106 1906 30  HOH HOH A . 
D 3 HOH 107 1907 50  HOH HOH A . 
D 3 HOH 108 1908 62  HOH HOH A . 
D 3 HOH 109 1909 81  HOH HOH A . 
D 3 HOH 110 1910 65  HOH HOH A . 
D 3 HOH 111 1911 46  HOH HOH A . 
D 3 HOH 112 1912 85  HOH HOH A . 
D 3 HOH 113 1913 76  HOH HOH A . 
D 3 HOH 114 1914 117 HOH HOH A . 
D 3 HOH 115 1915 31  HOH HOH A . 
D 3 HOH 116 1916 42  HOH HOH A . 
D 3 HOH 117 1917 70  HOH HOH A . 
D 3 HOH 118 1918 91  HOH HOH A . 
D 3 HOH 119 1919 51  HOH HOH A . 
D 3 HOH 120 1920 74  HOH HOH A . 
# 
loop_
_pdbx_unobs_or_zero_occ_atoms.id 
_pdbx_unobs_or_zero_occ_atoms.PDB_model_num 
_pdbx_unobs_or_zero_occ_atoms.polymer_flag 
_pdbx_unobs_or_zero_occ_atoms.occupancy_flag 
_pdbx_unobs_or_zero_occ_atoms.auth_asym_id 
_pdbx_unobs_or_zero_occ_atoms.auth_comp_id 
_pdbx_unobs_or_zero_occ_atoms.auth_seq_id 
_pdbx_unobs_or_zero_occ_atoms.PDB_ins_code 
_pdbx_unobs_or_zero_occ_atoms.auth_atom_id 
_pdbx_unobs_or_zero_occ_atoms.label_alt_id 
_pdbx_unobs_or_zero_occ_atoms.label_asym_id 
_pdbx_unobs_or_zero_occ_atoms.label_comp_id 
_pdbx_unobs_or_zero_occ_atoms.label_seq_id 
_pdbx_unobs_or_zero_occ_atoms.label_atom_id 
1  1 Y 1 A LYS 1535 ? CD ? A LYS 37  CD 
2  1 Y 1 A LYS 1535 ? CE ? A LYS 37  CE 
3  1 Y 1 A LYS 1535 ? NZ ? A LYS 37  NZ 
4  1 Y 1 A LYS 1542 ? CD ? A LYS 44  CD 
5  1 Y 1 A LYS 1542 ? CE ? A LYS 44  CE 
6  1 Y 1 A LYS 1542 ? NZ ? A LYS 44  NZ 
7  1 Y 1 A LYS 1559 ? CE ? A LYS 61  CE 
8  1 Y 1 A LYS 1559 ? NZ ? A LYS 61  NZ 
9  1 Y 1 A LYS 1622 ? CG ? A LYS 124 CG 
10 1 Y 1 A LYS 1622 ? CD ? A LYS 124 CD 
11 1 Y 1 A LYS 1622 ? CE ? A LYS 124 CE 
12 1 Y 1 A LYS 1622 ? NZ ? A LYS 124 NZ 
# 
loop_
_software.citation_id 
_software.classification 
_software.compiler_name 
_software.compiler_version 
_software.contact_author 
_software.contact_author_email 
_software.date 
_software.description 
_software.dependencies 
_software.hardware 
_software.language 
_software.location 
_software.mods 
_software.name 
_software.os 
_software.os_version 
_software.type 
_software.version 
_software.pdbx_ordinal 
? 'data reduction'  ? ? ? ? ? ? ? ? ? ? ? XDS         ? ? ? .      1 
? 'data scaling'    ? ? ? ? ? ? ? ? ? ? ? Aimless     ? ? ? .      2 
? refinement        ? ? ? ? ? ? ? ? ? ? ? BUSTER      ? ? ? 2.11.6 3 
? 'data extraction' ? ? ? ? ? ? ? ? ? ? ? PDB_EXTRACT ? ? ? 3.27   4 
# 
_cell.angle_alpha                  90.000 
_cell.angle_alpha_esd              ? 
_cell.angle_beta                   90.000 
_cell.angle_beta_esd               ? 
_cell.angle_gamma                  90.000 
_cell.angle_gamma_esd              ? 
_cell.entry_id                     7P4S 
_cell.details                      ? 
_cell.formula_units_Z              ? 
_cell.length_a                     54.651 
_cell.length_a_esd                 ? 
_cell.length_b                     56.007 
_cell.length_b_esd                 ? 
_cell.length_c                     58.308 
_cell.length_c_esd                 ? 
_cell.volume                       ? 
_cell.volume_esd                   ? 
_cell.Z_PDB                        4 
_cell.reciprocal_angle_alpha       ? 
_cell.reciprocal_angle_beta        ? 
_cell.reciprocal_angle_gamma       ? 
_cell.reciprocal_angle_alpha_esd   ? 
_cell.reciprocal_angle_beta_esd    ? 
_cell.reciprocal_angle_gamma_esd   ? 
_cell.reciprocal_length_a          ? 
_cell.reciprocal_length_b          ? 
_cell.reciprocal_length_c          ? 
_cell.reciprocal_length_a_esd      ? 
_cell.reciprocal_length_b_esd      ? 
_cell.reciprocal_length_c_esd      ? 
_cell.pdbx_unique_axis             ? 
# 
_symmetry.entry_id                         7P4S 
_symmetry.cell_setting                     ? 
_symmetry.Int_Tables_number                18 
_symmetry.space_group_name_Hall            ? 
_symmetry.space_group_name_H-M             'P 21 21 2' 
_symmetry.pdbx_full_space_group_name_H-M   ? 
# 
_exptl.absorpt_coefficient_mu     ? 
_exptl.absorpt_correction_T_max   ? 
_exptl.absorpt_correction_T_min   ? 
_exptl.absorpt_correction_type    ? 
_exptl.absorpt_process_details    ? 
_exptl.entry_id                   7P4S 
_exptl.crystals_number            1 
_exptl.details                    ? 
_exptl.method                     'X-RAY DIFFRACTION' 
_exptl.method_details             ? 
# 
_exptl_crystal.colour                      ? 
_exptl_crystal.density_diffrn              ? 
_exptl_crystal.density_Matthews            2.81 
_exptl_crystal.density_method              ? 
_exptl_crystal.density_percent_sol         56.30 
_exptl_crystal.description                 ? 
_exptl_crystal.F_000                       ? 
_exptl_crystal.id                          1 
_exptl_crystal.preparation                 ? 
_exptl_crystal.size_max                    ? 
_exptl_crystal.size_mid                    ? 
_exptl_crystal.size_min                    ? 
_exptl_crystal.size_rad                    ? 
_exptl_crystal.colour_lustre               ? 
_exptl_crystal.colour_modifier             ? 
_exptl_crystal.colour_primary              ? 
_exptl_crystal.density_meas                ? 
_exptl_crystal.density_meas_esd            ? 
_exptl_crystal.density_meas_gt             ? 
_exptl_crystal.density_meas_lt             ? 
_exptl_crystal.density_meas_temp           ? 
_exptl_crystal.density_meas_temp_esd       ? 
_exptl_crystal.density_meas_temp_gt        ? 
_exptl_crystal.density_meas_temp_lt        ? 
_exptl_crystal.pdbx_crystal_image_url      ? 
_exptl_crystal.pdbx_crystal_image_format   ? 
_exptl_crystal.pdbx_mosaicity              ? 
_exptl_crystal.pdbx_mosaicity_esd          ? 
# 
_exptl_crystal_grow.apparatus       ? 
_exptl_crystal_grow.atmosphere      ? 
_exptl_crystal_grow.crystal_id      1 
_exptl_crystal_grow.details         ? 
_exptl_crystal_grow.method          'VAPOR DIFFUSION' 
_exptl_crystal_grow.method_ref      ? 
_exptl_crystal_grow.pH              ? 
_exptl_crystal_grow.pressure        ? 
_exptl_crystal_grow.pressure_esd    ? 
_exptl_crystal_grow.seeding         ? 
_exptl_crystal_grow.seeding_ref     ? 
_exptl_crystal_grow.temp            278 
_exptl_crystal_grow.temp_details    ? 
_exptl_crystal_grow.temp_esd        ? 
_exptl_crystal_grow.time            ? 
_exptl_crystal_grow.pdbx_details    '30% w/v EDO_P8K, 0.1M Morpheus buffer 2 and 10% morpheus alcohols' 
_exptl_crystal_grow.pdbx_pH_range   ? 
# 
_diffrn.ambient_environment              ? 
_diffrn.ambient_temp                     100 
_diffrn.ambient_temp_details             ? 
_diffrn.ambient_temp_esd                 ? 
_diffrn.crystal_id                       1 
_diffrn.crystal_support                  ? 
_diffrn.crystal_treatment                ? 
_diffrn.details                          ? 
_diffrn.id                               1 
_diffrn.ambient_pressure                 ? 
_diffrn.ambient_pressure_esd             ? 
_diffrn.ambient_pressure_gt              ? 
_diffrn.ambient_pressure_lt              ? 
_diffrn.ambient_temp_gt                  ? 
_diffrn.ambient_temp_lt                  ? 
_diffrn.pdbx_serial_crystal_experiment   N 
# 
_diffrn_detector.details                      ? 
_diffrn_detector.detector                     PIXEL 
_diffrn_detector.diffrn_id                    1 
_diffrn_detector.type                         'DECTRIS PILATUS3 2M' 
_diffrn_detector.area_resol_mean              ? 
_diffrn_detector.dtime                        ? 
_diffrn_detector.pdbx_frames_total            ? 
_diffrn_detector.pdbx_collection_time_total   ? 
_diffrn_detector.pdbx_collection_date         2015-02-23 
_diffrn_detector.pdbx_frequency               ? 
# 
_diffrn_radiation.collimation                      ? 
_diffrn_radiation.diffrn_id                        1 
_diffrn_radiation.filter_edge                      ? 
_diffrn_radiation.inhomogeneity                    ? 
_diffrn_radiation.monochromator                    ? 
_diffrn_radiation.polarisn_norm                    ? 
_diffrn_radiation.polarisn_ratio                   ? 
_diffrn_radiation.probe                            ? 
_diffrn_radiation.type                             ? 
_diffrn_radiation.xray_symbol                      ? 
_diffrn_radiation.wavelength_id                    1 
_diffrn_radiation.pdbx_monochromatic_or_laue_m_l   M 
_diffrn_radiation.pdbx_wavelength_list             ? 
_diffrn_radiation.pdbx_wavelength                  ? 
_diffrn_radiation.pdbx_diffrn_protocol             'SINGLE WAVELENGTH' 
_diffrn_radiation.pdbx_analyzer                    ? 
_diffrn_radiation.pdbx_scattering_type             x-ray 
# 
_diffrn_radiation_wavelength.id           1 
_diffrn_radiation_wavelength.wavelength   0.976 
_diffrn_radiation_wavelength.wt           1.0 
# 
_diffrn_source.current                     ? 
_diffrn_source.details                     ? 
_diffrn_source.diffrn_id                   1 
_diffrn_source.power                       ? 
_diffrn_source.size                        ? 
_diffrn_source.source                      SYNCHROTRON 
_diffrn_source.target                      ? 
_diffrn_source.type                        'ESRF BEAMLINE ID23-1' 
_diffrn_source.voltage                     ? 
_diffrn_source.take-off_angle              ? 
_diffrn_source.pdbx_wavelength_list        0.976 
_diffrn_source.pdbx_wavelength             ? 
_diffrn_source.pdbx_synchrotron_beamline   ID23-1 
_diffrn_source.pdbx_synchrotron_site       ESRF 
# 
_reflns.B_iso_Wilson_estimate                          36.030 
_reflns.entry_id                                       7P4S 
_reflns.data_reduction_details                         ? 
_reflns.data_reduction_method                          ? 
_reflns.d_resolution_high                              2.17 
_reflns.d_resolution_low                               56.01 
_reflns.details                                        ? 
_reflns.limit_h_max                                    ? 
_reflns.limit_h_min                                    ? 
_reflns.limit_k_max                                    ? 
_reflns.limit_k_min                                    ? 
_reflns.limit_l_max                                    ? 
_reflns.limit_l_min                                    ? 
_reflns.number_all                                     ? 
_reflns.number_obs                                     9952 
_reflns.observed_criterion                             ? 
_reflns.observed_criterion_F_max                       ? 
_reflns.observed_criterion_F_min                       ? 
_reflns.observed_criterion_I_max                       ? 
_reflns.observed_criterion_I_min                       ? 
_reflns.observed_criterion_sigma_F                     ? 
_reflns.observed_criterion_sigma_I                     ? 
_reflns.percent_possible_obs                           99.9 
_reflns.R_free_details                                 ? 
_reflns.Rmerge_F_all                                   ? 
_reflns.Rmerge_F_obs                                   ? 
_reflns.Friedel_coverage                               ? 
_reflns.number_gt                                      ? 
_reflns.threshold_expression                           ? 
_reflns.pdbx_redundancy                                6.3 
_reflns.pdbx_Rmerge_I_obs                              0.118 
_reflns.pdbx_Rmerge_I_all                              ? 
_reflns.pdbx_Rsym_value                                ? 
_reflns.pdbx_netI_over_av_sigmaI                       ? 
_reflns.pdbx_netI_over_sigmaI                          8.9 
_reflns.pdbx_res_netI_over_av_sigmaI_2                 ? 
_reflns.pdbx_res_netI_over_sigmaI_2                    ? 
_reflns.pdbx_chi_squared                               ? 
_reflns.pdbx_scaling_rejects                           ? 
_reflns.pdbx_d_res_high_opt                            ? 
_reflns.pdbx_d_res_low_opt                             ? 
_reflns.pdbx_d_res_opt_method                          ? 
_reflns.phase_calculation_details                      ? 
_reflns.pdbx_Rrim_I_all                                ? 
_reflns.pdbx_Rpim_I_all                                ? 
_reflns.pdbx_d_opt                                     ? 
_reflns.pdbx_number_measured_all                       ? 
_reflns.pdbx_diffrn_id                                 1 
_reflns.pdbx_ordinal                                   1 
_reflns.pdbx_CC_half                                   0.994 
_reflns.pdbx_CC_star                                   ? 
_reflns.pdbx_R_split                                   ? 
_reflns.pdbx_aniso_diffraction_limit_axis_1_ortho[1]   ? 
_reflns.pdbx_aniso_diffraction_limit_axis_1_ortho[2]   ? 
_reflns.pdbx_aniso_diffraction_limit_axis_1_ortho[3]   ? 
_reflns.pdbx_aniso_diffraction_limit_axis_2_ortho[1]   ? 
_reflns.pdbx_aniso_diffraction_limit_axis_2_ortho[2]   ? 
_reflns.pdbx_aniso_diffraction_limit_axis_2_ortho[3]   ? 
_reflns.pdbx_aniso_diffraction_limit_axis_3_ortho[1]   ? 
_reflns.pdbx_aniso_diffraction_limit_axis_3_ortho[2]   ? 
_reflns.pdbx_aniso_diffraction_limit_axis_3_ortho[3]   ? 
_reflns.pdbx_aniso_diffraction_limit_1                 ? 
_reflns.pdbx_aniso_diffraction_limit_2                 ? 
_reflns.pdbx_aniso_diffraction_limit_3                 ? 
_reflns.pdbx_aniso_B_tensor_eigenvector_1_ortho[1]     ? 
_reflns.pdbx_aniso_B_tensor_eigenvector_1_ortho[2]     ? 
_reflns.pdbx_aniso_B_tensor_eigenvector_1_ortho[3]     ? 
_reflns.pdbx_aniso_B_tensor_eigenvector_2_ortho[1]     ? 
_reflns.pdbx_aniso_B_tensor_eigenvector_2_ortho[2]     ? 
_reflns.pdbx_aniso_B_tensor_eigenvector_2_ortho[3]     ? 
_reflns.pdbx_aniso_B_tensor_eigenvector_3_ortho[1]     ? 
_reflns.pdbx_aniso_B_tensor_eigenvector_3_ortho[2]     ? 
_reflns.pdbx_aniso_B_tensor_eigenvector_3_ortho[3]     ? 
_reflns.pdbx_aniso_B_tensor_eigenvalue_1               ? 
_reflns.pdbx_aniso_B_tensor_eigenvalue_2               ? 
_reflns.pdbx_aniso_B_tensor_eigenvalue_3               ? 
_reflns.pdbx_orthogonalization_convention              ? 
_reflns.pdbx_percent_possible_ellipsoidal              ? 
_reflns.pdbx_percent_possible_spherical                ? 
_reflns.pdbx_percent_possible_ellipsoidal_anomalous    ? 
_reflns.pdbx_percent_possible_spherical_anomalous      ? 
_reflns.pdbx_redundancy_anomalous                      ? 
_reflns.pdbx_CC_half_anomalous                         ? 
_reflns.pdbx_absDiff_over_sigma_anomalous              ? 
_reflns.pdbx_percent_possible_anomalous                ? 
_reflns.pdbx_observed_signal_threshold                 ? 
_reflns.pdbx_signal_type                               ? 
_reflns.pdbx_signal_details                            ? 
_reflns.pdbx_signal_software_id                        ? 
# 
_reflns_shell.d_res_high                                    2.17 
_reflns_shell.d_res_low                                     2.43 
_reflns_shell.meanI_over_sigI_all                           ? 
_reflns_shell.meanI_over_sigI_obs                           2.9 
_reflns_shell.number_measured_all                           ? 
_reflns_shell.number_measured_obs                           ? 
_reflns_shell.number_possible                               ? 
_reflns_shell.number_unique_all                             ? 
_reflns_shell.number_unique_obs                             2763 
_reflns_shell.percent_possible_all                          99.9 
_reflns_shell.percent_possible_obs                          ? 
_reflns_shell.Rmerge_F_all                                  ? 
_reflns_shell.Rmerge_F_obs                                  ? 
_reflns_shell.Rmerge_I_all                                  ? 
_reflns_shell.Rmerge_I_obs                                  0.616 
_reflns_shell.meanI_over_sigI_gt                            ? 
_reflns_shell.meanI_over_uI_all                             ? 
_reflns_shell.meanI_over_uI_gt                              ? 
_reflns_shell.number_measured_gt                            ? 
_reflns_shell.number_unique_gt                              ? 
_reflns_shell.percent_possible_gt                           ? 
_reflns_shell.Rmerge_F_gt                                   ? 
_reflns_shell.Rmerge_I_gt                                   ? 
_reflns_shell.pdbx_redundancy                               6.5 
_reflns_shell.pdbx_Rsym_value                               ? 
_reflns_shell.pdbx_chi_squared                              ? 
_reflns_shell.pdbx_netI_over_sigmaI_all                     ? 
_reflns_shell.pdbx_netI_over_sigmaI_obs                     ? 
_reflns_shell.pdbx_Rrim_I_all                               ? 
_reflns_shell.pdbx_Rpim_I_all                               ? 
_reflns_shell.pdbx_rejects                                  ? 
_reflns_shell.pdbx_ordinal                                  1 
_reflns_shell.pdbx_diffrn_id                                1 
_reflns_shell.pdbx_CC_half                                  0.945 
_reflns_shell.pdbx_CC_star                                  ? 
_reflns_shell.pdbx_R_split                                  ? 
_reflns_shell.pdbx_percent_possible_ellipsoidal             ? 
_reflns_shell.pdbx_percent_possible_spherical               ? 
_reflns_shell.pdbx_percent_possible_ellipsoidal_anomalous   ? 
_reflns_shell.pdbx_percent_possible_spherical_anomalous     ? 
_reflns_shell.pdbx_redundancy_anomalous                     ? 
_reflns_shell.pdbx_CC_half_anomalous                        ? 
_reflns_shell.pdbx_absDiff_over_sigma_anomalous             ? 
_reflns_shell.pdbx_percent_possible_anomalous               ? 
# 
_refine.aniso_B[1][1]                            ? 
_refine.aniso_B[1][2]                            ? 
_refine.aniso_B[1][3]                            ? 
_refine.aniso_B[2][2]                            ? 
_refine.aniso_B[2][3]                            ? 
_refine.aniso_B[3][3]                            ? 
_refine.B_iso_max                                198.570 
_refine.B_iso_mean                               63.2400 
_refine.B_iso_min                                15.390 
_refine.correlation_coeff_Fo_to_Fc               0.9461 
_refine.correlation_coeff_Fo_to_Fc_free          0.9138 
_refine.details                                  ? 
_refine.diff_density_max                         ? 
_refine.diff_density_max_esd                     ? 
_refine.diff_density_min                         ? 
_refine.diff_density_min_esd                     ? 
_refine.diff_density_rms                         ? 
_refine.diff_density_rms_esd                     ? 
_refine.entry_id                                 7P4S 
_refine.pdbx_refine_id                           'X-RAY DIFFRACTION' 
_refine.ls_abs_structure_details                 ? 
_refine.ls_abs_structure_Flack                   ? 
_refine.ls_abs_structure_Flack_esd               ? 
_refine.ls_abs_structure_Rogers                  ? 
_refine.ls_abs_structure_Rogers_esd              ? 
_refine.ls_d_res_high                            2.1700 
_refine.ls_d_res_low                             32.4800 
_refine.ls_extinction_coef                       ? 
_refine.ls_extinction_coef_esd                   ? 
_refine.ls_extinction_expression                 ? 
_refine.ls_extinction_method                     ? 
_refine.ls_goodness_of_fit_all                   ? 
_refine.ls_goodness_of_fit_all_esd               ? 
_refine.ls_goodness_of_fit_obs                   ? 
_refine.ls_goodness_of_fit_obs_esd               ? 
_refine.ls_hydrogen_treatment                    ? 
_refine.ls_matrix_type                           ? 
_refine.ls_number_constraints                    ? 
_refine.ls_number_parameters                     ? 
_refine.ls_number_reflns_all                     ? 
_refine.ls_number_reflns_obs                     9911 
_refine.ls_number_reflns_R_free                  505 
_refine.ls_number_reflns_R_work                  ? 
_refine.ls_number_restraints                     ? 
_refine.ls_percent_reflns_obs                    99.8900 
_refine.ls_percent_reflns_R_free                 5.1000 
_refine.ls_R_factor_all                          ? 
_refine.ls_R_factor_obs                          0.2049 
_refine.ls_R_factor_R_free                       0.2736 
_refine.ls_R_factor_R_free_error                 ? 
_refine.ls_R_factor_R_free_error_details         ? 
_refine.ls_R_factor_R_work                       0.2017 
_refine.ls_R_Fsqd_factor_obs                     ? 
_refine.ls_R_I_factor_obs                        ? 
_refine.ls_redundancy_reflns_all                 ? 
_refine.ls_redundancy_reflns_obs                 ? 
_refine.ls_restrained_S_all                      ? 
_refine.ls_restrained_S_obs                      ? 
_refine.ls_shift_over_esd_max                    ? 
_refine.ls_shift_over_esd_mean                   ? 
_refine.ls_structure_factor_coef                 ? 
_refine.ls_weighting_details                     ? 
_refine.ls_weighting_scheme                      ? 
_refine.ls_wR_factor_all                         ? 
_refine.ls_wR_factor_obs                         ? 
_refine.ls_wR_factor_R_free                      ? 
_refine.ls_wR_factor_R_work                      ? 
_refine.occupancy_max                            ? 
_refine.occupancy_min                            ? 
_refine.solvent_model_details                    ? 
_refine.solvent_model_param_bsol                 ? 
_refine.solvent_model_param_ksol                 ? 
_refine.pdbx_R_complete                          ? 
_refine.ls_R_factor_gt                           ? 
_refine.ls_goodness_of_fit_gt                    ? 
_refine.ls_goodness_of_fit_ref                   ? 
_refine.ls_shift_over_su_max                     ? 
_refine.ls_shift_over_su_max_lt                  ? 
_refine.ls_shift_over_su_mean                    ? 
_refine.ls_shift_over_su_mean_lt                 ? 
_refine.pdbx_ls_sigma_I                          ? 
_refine.pdbx_ls_sigma_F                          0.000 
_refine.pdbx_ls_sigma_Fsqd                       ? 
_refine.pdbx_data_cutoff_high_absF               ? 
_refine.pdbx_data_cutoff_high_rms_absF           ? 
_refine.pdbx_data_cutoff_low_absF                ? 
_refine.pdbx_isotropic_thermal_model             ? 
_refine.pdbx_ls_cross_valid_method               THROUGHOUT 
_refine.pdbx_method_to_determine_struct          'MOLECULAR REPLACEMENT' 
_refine.pdbx_starting_model                      3UV4 
_refine.pdbx_stereochemistry_target_values       ? 
_refine.pdbx_R_Free_selection_details            RANDOM 
_refine.pdbx_stereochem_target_val_spec_case     ? 
_refine.pdbx_overall_ESU_R                       ? 
_refine.pdbx_overall_ESU_R_Free                  ? 
_refine.pdbx_solvent_vdw_probe_radii             ? 
_refine.pdbx_solvent_ion_probe_radii             ? 
_refine.pdbx_solvent_shrinkage_radii             ? 
_refine.pdbx_real_space_R                        ? 
_refine.pdbx_density_correlation                 ? 
_refine.pdbx_pd_number_of_powder_patterns        ? 
_refine.pdbx_pd_number_of_points                 ? 
_refine.pdbx_pd_meas_number_of_points            ? 
_refine.pdbx_pd_proc_ls_prof_R_factor            ? 
_refine.pdbx_pd_proc_ls_prof_wR_factor           ? 
_refine.pdbx_pd_Marquardt_correlation_coeff      ? 
_refine.pdbx_pd_Fsqrd_R_factor                   ? 
_refine.pdbx_pd_ls_matrix_band_width             ? 
_refine.pdbx_overall_phase_error                 ? 
_refine.pdbx_overall_SU_R_free_Cruickshank_DPI   0.2110 
_refine.pdbx_overall_SU_R_free_Blow_DPI          0.2210 
_refine.pdbx_overall_SU_R_Blow_DPI               0.2500 
_refine.pdbx_TLS_residual_ADP_flag               ? 
_refine.pdbx_diffrn_id                           1 
_refine.overall_SU_B                             ? 
_refine.overall_SU_ML                            ? 
_refine.overall_SU_R_Cruickshank_DPI             0.2230 
_refine.overall_SU_R_free                        ? 
_refine.overall_FOM_free_R_set                   ? 
_refine.overall_FOM_work_R_set                   ? 
_refine.pdbx_average_fsc_overall                 ? 
_refine.pdbx_average_fsc_work                    ? 
_refine.pdbx_average_fsc_free                    ? 
# 
_refine_analyze.entry_id                        7P4S 
_refine_analyze.pdbx_refine_id                  'X-RAY DIFFRACTION' 
_refine_analyze.Luzzati_coordinate_error_free   ? 
_refine_analyze.Luzzati_coordinate_error_obs    0.420 
_refine_analyze.Luzzati_d_res_low_free          ? 
_refine_analyze.Luzzati_d_res_low_obs           ? 
_refine_analyze.Luzzati_sigma_a_free            ? 
_refine_analyze.Luzzati_sigma_a_free_details    ? 
_refine_analyze.Luzzati_sigma_a_obs             ? 
_refine_analyze.Luzzati_sigma_a_obs_details     ? 
_refine_analyze.number_disordered_residues      ? 
_refine_analyze.occupancy_sum_hydrogen          ? 
_refine_analyze.occupancy_sum_non_hydrogen      ? 
_refine_analyze.RG_d_res_high                   ? 
_refine_analyze.RG_d_res_low                    ? 
_refine_analyze.RG_free                         ? 
_refine_analyze.RG_work                         ? 
_refine_analyze.RG_free_work_ratio              ? 
_refine_analyze.pdbx_Luzzati_d_res_high_obs     ? 
# 
_refine_hist.pdbx_refine_id                   'X-RAY DIFFRACTION' 
_refine_hist.cycle_id                         final 
_refine_hist.details                          ? 
_refine_hist.d_res_high                       2.1700 
_refine_hist.d_res_low                        32.4800 
_refine_hist.number_atoms_solvent             120 
_refine_hist.number_atoms_total               1262 
_refine_hist.number_reflns_all                ? 
_refine_hist.number_reflns_obs                ? 
_refine_hist.number_reflns_R_free             ? 
_refine_hist.number_reflns_R_work             ? 
_refine_hist.R_factor_all                     ? 
_refine_hist.R_factor_obs                     ? 
_refine_hist.R_factor_R_free                  ? 
_refine_hist.R_factor_R_work                  ? 
_refine_hist.pdbx_number_residues_total       134 
_refine_hist.pdbx_B_iso_mean_ligand           54.60 
_refine_hist.pdbx_B_iso_mean_solvent          49.61 
_refine_hist.pdbx_number_atoms_protein        1080 
_refine_hist.pdbx_number_atoms_nucleic_acid   0 
_refine_hist.pdbx_number_atoms_ligand         62 
_refine_hist.pdbx_number_atoms_lipid          ? 
_refine_hist.pdbx_number_atoms_carb           ? 
_refine_hist.pdbx_pseudo_atom_details         ? 
# 
loop_
_refine_ls_restr.pdbx_refine_id 
_refine_ls_restr.criterion 
_refine_ls_restr.dev_ideal 
_refine_ls_restr.dev_ideal_target 
_refine_ls_restr.number 
_refine_ls_restr.rejects 
_refine_ls_restr.type 
_refine_ls_restr.weight 
_refine_ls_restr.pdbx_restraint_function 
'X-RAY DIFFRACTION' ? ?      ? 417  ? t_dihedral_angle_d        2.000  SINUSOIDAL   
'X-RAY DIFFRACTION' ? ?      ? 38   ? t_trig_c_planes           2.000  HARMONIC     
'X-RAY DIFFRACTION' ? ?      ? 200  ? t_gen_planes              5.000  HARMONIC     
'X-RAY DIFFRACTION' ? ?      ? 1171 ? t_it                      20.000 HARMONIC     
'X-RAY DIFFRACTION' ? ?      ? ?    ? t_nbd                     ?      ?            
'X-RAY DIFFRACTION' ? ?      ? ?    ? t_improper_torsion        ?      ?            
'X-RAY DIFFRACTION' ? ?      ? ?    ? t_pseud_angle             ?      ?            
'X-RAY DIFFRACTION' ? ?      ? 148  ? t_chiral_improper_torsion 5.000  SEMIHARMONIC 
'X-RAY DIFFRACTION' ? ?      ? ?    ? t_sum_occupancies         ?      ?            
'X-RAY DIFFRACTION' ? ?      ? ?    ? t_utility_distance        ?      ?            
'X-RAY DIFFRACTION' ? ?      ? ?    ? t_utility_angle           ?      ?            
'X-RAY DIFFRACTION' ? ?      ? ?    ? t_utility_torsion         ?      ?            
'X-RAY DIFFRACTION' ? ?      ? 1424 ? t_ideal_dist_contact      4.000  SEMIHARMONIC 
'X-RAY DIFFRACTION' ? 0.010  ? 1171 ? t_bond_d                  2.000  HARMONIC     
'X-RAY DIFFRACTION' ? 1.010  ? 1595 ? t_angle_deg               2.000  HARMONIC     
'X-RAY DIFFRACTION' ? 2.400  ? ?    ? t_omega_torsion           ?      ?            
'X-RAY DIFFRACTION' ? 19.730 ? ?    ? t_other_torsion           ?      ?            
# 
_refine_ls_shell.pdbx_refine_id                   'X-RAY DIFFRACTION' 
_refine_ls_shell.d_res_high                       2.1700 
_refine_ls_shell.d_res_low                        2.4300 
_refine_ls_shell.number_reflns_all                2756 
_refine_ls_shell.number_reflns_obs                ? 
_refine_ls_shell.number_reflns_R_free             173 
_refine_ls_shell.number_reflns_R_work             2583 
_refine_ls_shell.percent_reflns_obs               99.8900 
_refine_ls_shell.percent_reflns_R_free            6.2800 
_refine_ls_shell.R_factor_all                     0.2213 
_refine_ls_shell.R_factor_obs                     ? 
_refine_ls_shell.R_factor_R_free                  0.2577 
_refine_ls_shell.R_factor_R_free_error            0.0000 
_refine_ls_shell.R_factor_R_work                  0.2190 
_refine_ls_shell.redundancy_reflns_all            ? 
_refine_ls_shell.redundancy_reflns_obs            ? 
_refine_ls_shell.wR_factor_all                    ? 
_refine_ls_shell.wR_factor_obs                    ? 
_refine_ls_shell.wR_factor_R_free                 ? 
_refine_ls_shell.wR_factor_R_work                 ? 
_refine_ls_shell.pdbx_R_complete                  ? 
_refine_ls_shell.pdbx_total_number_of_bins_used   5 
_refine_ls_shell.pdbx_phase_error                 ? 
_refine_ls_shell.pdbx_fsc_work                    ? 
_refine_ls_shell.pdbx_fsc_free                    ? 
# 
_struct.entry_id                     7P4S 
_struct.title                        'BROMODOMAIN OF HUMAN TAF1 (2) WITH naphthyridinone compound' 
_struct.pdbx_model_details           ? 
_struct.pdbx_formula_weight          ? 
_struct.pdbx_formula_weight_method   ? 
_struct.pdbx_model_type_details      ? 
_struct.pdbx_CASP_flag               N 
# 
_struct_keywords.entry_id        7P4S 
_struct_keywords.text            'second bromodomain of TAF1, inhibitor-bound, complex, TRANSCRIPTION' 
_struct_keywords.pdbx_keywords   TRANSCRIPTION 
# 
loop_
_struct_asym.id 
_struct_asym.pdbx_blank_PDB_chainid_flag 
_struct_asym.pdbx_modified 
_struct_asym.entity_id 
_struct_asym.details 
A N N 1 ? 
B N N 2 ? 
C N N 2 ? 
D N N 3 ? 
# 
_struct_ref.id                         1 
_struct_ref.db_name                    UNP 
_struct_ref.db_code                    TAF1_HUMAN 
_struct_ref.pdbx_db_accession          P21675 
_struct_ref.pdbx_db_isoform            P21675-5 
_struct_ref.entity_id                  1 
_struct_ref.pdbx_seq_one_letter_code   
;DDDQVAFSFILDNIVTQKMMAVPDSWPFHHPVNKKFVPDYYKVIVNPMDLETIRKNISKHKYQSRESFLDDVNLILANSV
KYNGPESQYTKTAQEIVNVCYQTLTEYDEHLTQLEKDICTAKEAALEEAELESLD
;
_struct_ref.pdbx_align_begin           1501 
# 
_struct_ref_seq.align_id                      1 
_struct_ref_seq.ref_id                        1 
_struct_ref_seq.pdbx_PDB_id_code              7P4S 
_struct_ref_seq.pdbx_strand_id                A 
_struct_ref_seq.seq_align_beg                 3 
_struct_ref_seq.pdbx_seq_align_beg_ins_code   ? 
_struct_ref_seq.seq_align_end                 137 
_struct_ref_seq.pdbx_seq_align_end_ins_code   ? 
_struct_ref_seq.pdbx_db_accession             P21675 
_struct_ref_seq.db_align_beg                  1501 
_struct_ref_seq.pdbx_db_align_beg_ins_code    ? 
_struct_ref_seq.db_align_end                  1635 
_struct_ref_seq.pdbx_db_align_end_ins_code    ? 
_struct_ref_seq.pdbx_auth_seq_align_beg       1501 
_struct_ref_seq.pdbx_auth_seq_align_end       1635 
# 
loop_
_struct_ref_seq_dif.align_id 
_struct_ref_seq_dif.pdbx_pdb_id_code 
_struct_ref_seq_dif.mon_id 
_struct_ref_seq_dif.pdbx_pdb_strand_id 
_struct_ref_seq_dif.seq_num 
_struct_ref_seq_dif.pdbx_pdb_ins_code 
_struct_ref_seq_dif.pdbx_seq_db_name 
_struct_ref_seq_dif.pdbx_seq_db_accession_code 
_struct_ref_seq_dif.db_mon_id 
_struct_ref_seq_dif.pdbx_seq_db_seq_num 
_struct_ref_seq_dif.details 
_struct_ref_seq_dif.pdbx_auth_seq_num 
_struct_ref_seq_dif.pdbx_ordinal 
1 7P4S GLY A 1 ? UNP P21675 ? ? 'expression tag' 1499 1 
1 7P4S MET A 2 ? UNP P21675 ? ? 'expression tag' 1500 2 
# 
_pdbx_struct_assembly.id                   1 
_pdbx_struct_assembly.details              author_and_software_defined_assembly 
_pdbx_struct_assembly.method_details       PISA 
_pdbx_struct_assembly.oligomeric_details   monomeric 
_pdbx_struct_assembly.oligomeric_count     1 
# 
loop_
_pdbx_struct_assembly_prop.biol_id 
_pdbx_struct_assembly_prop.type 
_pdbx_struct_assembly_prop.value 
_pdbx_struct_assembly_prop.details 
1 'ABSA (A^2)' 0    ? 
1 MORE         0    ? 
1 'SSA (A^2)'  8730 ? 
# 
_pdbx_struct_assembly_gen.assembly_id       1 
_pdbx_struct_assembly_gen.oper_expression   1 
_pdbx_struct_assembly_gen.asym_id_list      A,B,C,D 
# 
_pdbx_struct_assembly_auth_evidence.id                     1 
_pdbx_struct_assembly_auth_evidence.assembly_id            1 
_pdbx_struct_assembly_auth_evidence.experimental_support   'gel filtration' 
_pdbx_struct_assembly_auth_evidence.details                ? 
# 
_pdbx_struct_oper_list.id                   1 
_pdbx_struct_oper_list.type                 'identity operation' 
_pdbx_struct_oper_list.name                 1_555 
_pdbx_struct_oper_list.symmetry_operation   x,y,z 
_pdbx_struct_oper_list.matrix[1][1]         1.0000000000 
_pdbx_struct_oper_list.matrix[1][2]         0.0000000000 
_pdbx_struct_oper_list.matrix[1][3]         0.0000000000 
_pdbx_struct_oper_list.vector[1]            0.0000000000 
_pdbx_struct_oper_list.matrix[2][1]         0.0000000000 
_pdbx_struct_oper_list.matrix[2][2]         1.0000000000 
_pdbx_struct_oper_list.matrix[2][3]         0.0000000000 
_pdbx_struct_oper_list.vector[2]            0.0000000000 
_pdbx_struct_oper_list.matrix[3][1]         0.0000000000 
_pdbx_struct_oper_list.matrix[3][2]         0.0000000000 
_pdbx_struct_oper_list.matrix[3][3]         1.0000000000 
_pdbx_struct_oper_list.vector[3]            0.0000000000 
# 
loop_
_struct_conf.conf_type_id 
_struct_conf.id 
_struct_conf.pdbx_PDB_helix_id 
_struct_conf.beg_label_comp_id 
_struct_conf.beg_label_asym_id 
_struct_conf.beg_label_seq_id 
_struct_conf.pdbx_beg_PDB_ins_code 
_struct_conf.end_label_comp_id 
_struct_conf.end_label_asym_id 
_struct_conf.end_label_seq_id 
_struct_conf.pdbx_end_PDB_ins_code 
_struct_conf.beg_auth_comp_id 
_struct_conf.beg_auth_asym_id 
_struct_conf.beg_auth_seq_id 
_struct_conf.end_auth_comp_id 
_struct_conf.end_auth_asym_id 
_struct_conf.end_auth_seq_id 
_struct_conf.pdbx_PDB_helix_class 
_struct_conf.details 
_struct_conf.pdbx_PDB_helix_length 
HELX_P HELX_P1 AA1 ASP A 3   ? LYS A 20  ? ASP A 1501 LYS A 1518 1 ? 18 
HELX_P HELX_P2 AA2 SER A 27  ? HIS A 31  ? SER A 1525 HIS A 1529 5 ? 5  
HELX_P HELX_P3 AA3 ASP A 41  ? ILE A 46  ? ASP A 1539 ILE A 1544 1 ? 6  
HELX_P HELX_P4 AA4 ASP A 51  ? LYS A 61  ? ASP A 1549 LYS A 1559 1 ? 11 
HELX_P HELX_P5 AA5 SER A 66  ? GLY A 86  ? SER A 1564 GLY A 1584 1 ? 21 
HELX_P HELX_P6 AA6 SER A 89  ? TYR A 109 ? SER A 1587 TYR A 1607 1 ? 21 
HELX_P HELX_P7 AA7 TYR A 109 ? GLU A 134 ? TYR A 1607 GLU A 1632 1 ? 26 
# 
_struct_conf_type.id          HELX_P 
_struct_conf_type.criteria    ? 
_struct_conf_type.reference   ? 
# 
_pdbx_struct_special_symmetry.id              1 
_pdbx_struct_special_symmetry.PDB_model_num   1 
_pdbx_struct_special_symmetry.auth_asym_id    A 
_pdbx_struct_special_symmetry.auth_comp_id    HOH 
_pdbx_struct_special_symmetry.auth_seq_id     1912 
_pdbx_struct_special_symmetry.PDB_ins_code    ? 
_pdbx_struct_special_symmetry.label_asym_id   D 
_pdbx_struct_special_symmetry.label_comp_id   HOH 
_pdbx_struct_special_symmetry.label_seq_id    . 
# 
_pdbx_entry_details.entry_id                 7P4S 
_pdbx_entry_details.has_ligand_of_interest   Y 
_pdbx_entry_details.compound_details         ? 
_pdbx_entry_details.source_details           ? 
_pdbx_entry_details.nonpolymer_details       ? 
_pdbx_entry_details.sequence_details         ? 
# 
_pdbx_distant_solvent_atoms.id                                1 
_pdbx_distant_solvent_atoms.PDB_model_num                     1 
_pdbx_distant_solvent_atoms.auth_atom_id                      O 
_pdbx_distant_solvent_atoms.label_alt_id                      ? 
_pdbx_distant_solvent_atoms.auth_asym_id                      A 
_pdbx_distant_solvent_atoms.auth_comp_id                      HOH 
_pdbx_distant_solvent_atoms.auth_seq_id                       1920 
_pdbx_distant_solvent_atoms.PDB_ins_code                      ? 
_pdbx_distant_solvent_atoms.neighbor_macromolecule_distance   6.22 
_pdbx_distant_solvent_atoms.neighbor_ligand_distance          . 
# 
loop_
_pdbx_unobs_or_zero_occ_residues.id 
_pdbx_unobs_or_zero_occ_residues.PDB_model_num 
_pdbx_unobs_or_zero_occ_residues.polymer_flag 
_pdbx_unobs_or_zero_occ_residues.occupancy_flag 
_pdbx_unobs_or_zero_occ_residues.auth_asym_id 
_pdbx_unobs_or_zero_occ_residues.auth_comp_id 
_pdbx_unobs_or_zero_occ_residues.auth_seq_id 
_pdbx_unobs_or_zero_occ_residues.PDB_ins_code 
_pdbx_unobs_or_zero_occ_residues.label_asym_id 
_pdbx_unobs_or_zero_occ_residues.label_comp_id 
_pdbx_unobs_or_zero_occ_residues.label_seq_id 
1 1 Y 1 A GLY 1499 ? A GLY 1   
2 1 Y 1 A LEU 1634 ? A LEU 136 
3 1 Y 1 A ASP 1635 ? A ASP 137 
# 
loop_
_chem_comp_atom.comp_id 
_chem_comp_atom.atom_id 
_chem_comp_atom.type_symbol 
_chem_comp_atom.pdbx_aromatic_flag 
_chem_comp_atom.pdbx_stereo_config 
_chem_comp_atom.pdbx_ordinal 
5LV N1   N N N 1   
5LV N3   N N N 2   
5LV C4   C Y N 3   
5LV C5   C Y N 4   
5LV C6   C Y N 5   
5LV C7   C N N 6   
5LV C8   C N N 7   
5LV C10  C N N 8   
5LV C13  C N N 9   
5LV C15  C Y N 10  
5LV C17  C Y N 11  
5LV C20  C Y N 12  
5LV C21  C N N 13  
5LV C22  C Y N 14  
5LV O    O N N 15  
5LV C16  C N N 16  
5LV C1   C N N 17  
5LV C    C N N 18  
5LV N4   N N N 19  
5LV C3   C Y N 20  
5LV C2   C N N 21  
5LV N    N Y N 22  
5LV O1   O N N 23  
5LV C19  C Y N 24  
5LV N5   N Y N 25  
5LV C18  C Y N 26  
5LV C14  C N N 27  
5LV N2   N N N 28  
5LV C9   C N N 29  
5LV C11  C N N 30  
5LV C12  C N N 31  
5LV H1   H N N 32  
5LV H2   H N N 33  
5LV H3   H N N 34  
5LV H5   H N N 35  
5LV H6   H N N 36  
5LV H7   H N N 37  
5LV H8   H N N 38  
5LV H9   H N N 39  
5LV H10  H N N 40  
5LV H11  H N N 41  
5LV H12  H N N 42  
5LV H13  H N N 43  
5LV H14  H N N 44  
5LV H15  H N N 45  
5LV H16  H N N 46  
5LV H17  H N N 47  
5LV H18  H N N 48  
5LV H19  H N N 49  
5LV H20  H N N 50  
5LV H21  H N N 51  
5LV H22  H N N 52  
5LV H23  H N N 53  
5LV H24  H N N 54  
5LV H25  H N N 55  
5LV H27  H N N 56  
5LV H28  H N N 57  
5LV H29  H N N 58  
5LV H30  H N N 59  
5LV H31  H N N 60  
5LV H32  H N N 61  
ALA N    N N N 62  
ALA CA   C N S 63  
ALA C    C N N 64  
ALA O    O N N 65  
ALA CB   C N N 66  
ALA OXT  O N N 67  
ALA H    H N N 68  
ALA H2   H N N 69  
ALA HA   H N N 70  
ALA HB1  H N N 71  
ALA HB2  H N N 72  
ALA HB3  H N N 73  
ALA HXT  H N N 74  
ARG N    N N N 75  
ARG CA   C N S 76  
ARG C    C N N 77  
ARG O    O N N 78  
ARG CB   C N N 79  
ARG CG   C N N 80  
ARG CD   C N N 81  
ARG NE   N N N 82  
ARG CZ   C N N 83  
ARG NH1  N N N 84  
ARG NH2  N N N 85  
ARG OXT  O N N 86  
ARG H    H N N 87  
ARG H2   H N N 88  
ARG HA   H N N 89  
ARG HB2  H N N 90  
ARG HB3  H N N 91  
ARG HG2  H N N 92  
ARG HG3  H N N 93  
ARG HD2  H N N 94  
ARG HD3  H N N 95  
ARG HE   H N N 96  
ARG HH11 H N N 97  
ARG HH12 H N N 98  
ARG HH21 H N N 99  
ARG HH22 H N N 100 
ARG HXT  H N N 101 
ASN N    N N N 102 
ASN CA   C N S 103 
ASN C    C N N 104 
ASN O    O N N 105 
ASN CB   C N N 106 
ASN CG   C N N 107 
ASN OD1  O N N 108 
ASN ND2  N N N 109 
ASN OXT  O N N 110 
ASN H    H N N 111 
ASN H2   H N N 112 
ASN HA   H N N 113 
ASN HB2  H N N 114 
ASN HB3  H N N 115 
ASN HD21 H N N 116 
ASN HD22 H N N 117 
ASN HXT  H N N 118 
ASP N    N N N 119 
ASP CA   C N S 120 
ASP C    C N N 121 
ASP O    O N N 122 
ASP CB   C N N 123 
ASP CG   C N N 124 
ASP OD1  O N N 125 
ASP OD2  O N N 126 
ASP OXT  O N N 127 
ASP H    H N N 128 
ASP H2   H N N 129 
ASP HA   H N N 130 
ASP HB2  H N N 131 
ASP HB3  H N N 132 
ASP HD2  H N N 133 
ASP HXT  H N N 134 
CYS N    N N N 135 
CYS CA   C N R 136 
CYS C    C N N 137 
CYS O    O N N 138 
CYS CB   C N N 139 
CYS SG   S N N 140 
CYS OXT  O N N 141 
CYS H    H N N 142 
CYS H2   H N N 143 
CYS HA   H N N 144 
CYS HB2  H N N 145 
CYS HB3  H N N 146 
CYS HG   H N N 147 
CYS HXT  H N N 148 
GLN N    N N N 149 
GLN CA   C N S 150 
GLN C    C N N 151 
GLN O    O N N 152 
GLN CB   C N N 153 
GLN CG   C N N 154 
GLN CD   C N N 155 
GLN OE1  O N N 156 
GLN NE2  N N N 157 
GLN OXT  O N N 158 
GLN H    H N N 159 
GLN H2   H N N 160 
GLN HA   H N N 161 
GLN HB2  H N N 162 
GLN HB3  H N N 163 
GLN HG2  H N N 164 
GLN HG3  H N N 165 
GLN HE21 H N N 166 
GLN HE22 H N N 167 
GLN HXT  H N N 168 
GLU N    N N N 169 
GLU CA   C N S 170 
GLU C    C N N 171 
GLU O    O N N 172 
GLU CB   C N N 173 
GLU CG   C N N 174 
GLU CD   C N N 175 
GLU OE1  O N N 176 
GLU OE2  O N N 177 
GLU OXT  O N N 178 
GLU H    H N N 179 
GLU H2   H N N 180 
GLU HA   H N N 181 
GLU HB2  H N N 182 
GLU HB3  H N N 183 
GLU HG2  H N N 184 
GLU HG3  H N N 185 
GLU HE2  H N N 186 
GLU HXT  H N N 187 
GLY N    N N N 188 
GLY CA   C N N 189 
GLY C    C N N 190 
GLY O    O N N 191 
GLY OXT  O N N 192 
GLY H    H N N 193 
GLY H2   H N N 194 
GLY HA2  H N N 195 
GLY HA3  H N N 196 
GLY HXT  H N N 197 
HIS N    N N N 198 
HIS CA   C N S 199 
HIS C    C N N 200 
HIS O    O N N 201 
HIS CB   C N N 202 
HIS CG   C Y N 203 
HIS ND1  N Y N 204 
HIS CD2  C Y N 205 
HIS CE1  C Y N 206 
HIS NE2  N Y N 207 
HIS OXT  O N N 208 
HIS H    H N N 209 
HIS H2   H N N 210 
HIS HA   H N N 211 
HIS HB2  H N N 212 
HIS HB3  H N N 213 
HIS HD1  H N N 214 
HIS HD2  H N N 215 
HIS HE1  H N N 216 
HIS HE2  H N N 217 
HIS HXT  H N N 218 
HOH O    O N N 219 
HOH H1   H N N 220 
HOH H2   H N N 221 
ILE N    N N N 222 
ILE CA   C N S 223 
ILE C    C N N 224 
ILE O    O N N 225 
ILE CB   C N S 226 
ILE CG1  C N N 227 
ILE CG2  C N N 228 
ILE CD1  C N N 229 
ILE OXT  O N N 230 
ILE H    H N N 231 
ILE H2   H N N 232 
ILE HA   H N N 233 
ILE HB   H N N 234 
ILE HG12 H N N 235 
ILE HG13 H N N 236 
ILE HG21 H N N 237 
ILE HG22 H N N 238 
ILE HG23 H N N 239 
ILE HD11 H N N 240 
ILE HD12 H N N 241 
ILE HD13 H N N 242 
ILE HXT  H N N 243 
LEU N    N N N 244 
LEU CA   C N S 245 
LEU C    C N N 246 
LEU O    O N N 247 
LEU CB   C N N 248 
LEU CG   C N N 249 
LEU CD1  C N N 250 
LEU CD2  C N N 251 
LEU OXT  O N N 252 
LEU H    H N N 253 
LEU H2   H N N 254 
LEU HA   H N N 255 
LEU HB2  H N N 256 
LEU HB3  H N N 257 
LEU HG   H N N 258 
LEU HD11 H N N 259 
LEU HD12 H N N 260 
LEU HD13 H N N 261 
LEU HD21 H N N 262 
LEU HD22 H N N 263 
LEU HD23 H N N 264 
LEU HXT  H N N 265 
LYS N    N N N 266 
LYS CA   C N S 267 
LYS C    C N N 268 
LYS O    O N N 269 
LYS CB   C N N 270 
LYS CG   C N N 271 
LYS CD   C N N 272 
LYS CE   C N N 273 
LYS NZ   N N N 274 
LYS OXT  O N N 275 
LYS H    H N N 276 
LYS H2   H N N 277 
LYS HA   H N N 278 
LYS HB2  H N N 279 
LYS HB3  H N N 280 
LYS HG2  H N N 281 
LYS HG3  H N N 282 
LYS HD2  H N N 283 
LYS HD3  H N N 284 
LYS HE2  H N N 285 
LYS HE3  H N N 286 
LYS HZ1  H N N 287 
LYS HZ2  H N N 288 
LYS HZ3  H N N 289 
LYS HXT  H N N 290 
MET N    N N N 291 
MET CA   C N S 292 
MET C    C N N 293 
MET O    O N N 294 
MET CB   C N N 295 
MET CG   C N N 296 
MET SD   S N N 297 
MET CE   C N N 298 
MET OXT  O N N 299 
MET H    H N N 300 
MET H2   H N N 301 
MET HA   H N N 302 
MET HB2  H N N 303 
MET HB3  H N N 304 
MET HG2  H N N 305 
MET HG3  H N N 306 
MET HE1  H N N 307 
MET HE2  H N N 308 
MET HE3  H N N 309 
MET HXT  H N N 310 
PHE N    N N N 311 
PHE CA   C N S 312 
PHE C    C N N 313 
PHE O    O N N 314 
PHE CB   C N N 315 
PHE CG   C Y N 316 
PHE CD1  C Y N 317 
PHE CD2  C Y N 318 
PHE CE1  C Y N 319 
PHE CE2  C Y N 320 
PHE CZ   C Y N 321 
PHE OXT  O N N 322 
PHE H    H N N 323 
PHE H2   H N N 324 
PHE HA   H N N 325 
PHE HB2  H N N 326 
PHE HB3  H N N 327 
PHE HD1  H N N 328 
PHE HD2  H N N 329 
PHE HE1  H N N 330 
PHE HE2  H N N 331 
PHE HZ   H N N 332 
PHE HXT  H N N 333 
PRO N    N N N 334 
PRO CA   C N S 335 
PRO C    C N N 336 
PRO O    O N N 337 
PRO CB   C N N 338 
PRO CG   C N N 339 
PRO CD   C N N 340 
PRO OXT  O N N 341 
PRO H    H N N 342 
PRO HA   H N N 343 
PRO HB2  H N N 344 
PRO HB3  H N N 345 
PRO HG2  H N N 346 
PRO HG3  H N N 347 
PRO HD2  H N N 348 
PRO HD3  H N N 349 
PRO HXT  H N N 350 
SER N    N N N 351 
SER CA   C N S 352 
SER C    C N N 353 
SER O    O N N 354 
SER CB   C N N 355 
SER OG   O N N 356 
SER OXT  O N N 357 
SER H    H N N 358 
SER H2   H N N 359 
SER HA   H N N 360 
SER HB2  H N N 361 
SER HB3  H N N 362 
SER HG   H N N 363 
SER HXT  H N N 364 
THR N    N N N 365 
THR CA   C N S 366 
THR C    C N N 367 
THR O    O N N 368 
THR CB   C N R 369 
THR OG1  O N N 370 
THR CG2  C N N 371 
THR OXT  O N N 372 
THR H    H N N 373 
THR H2   H N N 374 
THR HA   H N N 375 
THR HB   H N N 376 
THR HG1  H N N 377 
THR HG21 H N N 378 
THR HG22 H N N 379 
THR HG23 H N N 380 
THR HXT  H N N 381 
TRP N    N N N 382 
TRP CA   C N S 383 
TRP C    C N N 384 
TRP O    O N N 385 
TRP CB   C N N 386 
TRP CG   C Y N 387 
TRP CD1  C Y N 388 
TRP CD2  C Y N 389 
TRP NE1  N Y N 390 
TRP CE2  C Y N 391 
TRP CE3  C Y N 392 
TRP CZ2  C Y N 393 
TRP CZ3  C Y N 394 
TRP CH2  C Y N 395 
TRP OXT  O N N 396 
TRP H    H N N 397 
TRP H2   H N N 398 
TRP HA   H N N 399 
TRP HB2  H N N 400 
TRP HB3  H N N 401 
TRP HD1  H N N 402 
TRP HE1  H N N 403 
TRP HE3  H N N 404 
TRP HZ2  H N N 405 
TRP HZ3  H N N 406 
TRP HH2  H N N 407 
TRP HXT  H N N 408 
TYR N    N N N 409 
TYR CA   C N S 410 
TYR C    C N N 411 
TYR O    O N N 412 
TYR CB   C N N 413 
TYR CG   C Y N 414 
TYR CD1  C Y N 415 
TYR CD2  C Y N 416 
TYR CE1  C Y N 417 
TYR CE2  C Y N 418 
TYR CZ   C Y N 419 
TYR OH   O N N 420 
TYR OXT  O N N 421 
TYR H    H N N 422 
TYR H2   H N N 423 
TYR HA   H N N 424 
TYR HB2  H N N 425 
TYR HB3  H N N 426 
TYR HD1  H N N 427 
TYR HD2  H N N 428 
TYR HE1  H N N 429 
TYR HE2  H N N 430 
TYR HH   H N N 431 
TYR HXT  H N N 432 
VAL N    N N N 433 
VAL CA   C N S 434 
VAL C    C N N 435 
VAL O    O N N 436 
VAL CB   C N N 437 
VAL CG1  C N N 438 
VAL CG2  C N N 439 
VAL OXT  O N N 440 
VAL H    H N N 441 
VAL H2   H N N 442 
VAL HA   H N N 443 
VAL HB   H N N 444 
VAL HG11 H N N 445 
VAL HG12 H N N 446 
VAL HG13 H N N 447 
VAL HG21 H N N 448 
VAL HG22 H N N 449 
VAL HG23 H N N 450 
VAL HXT  H N N 451 
# 
loop_
_chem_comp_bond.comp_id 
_chem_comp_bond.atom_id_1 
_chem_comp_bond.atom_id_2 
_chem_comp_bond.value_order 
_chem_comp_bond.pdbx_aromatic_flag 
_chem_comp_bond.pdbx_stereo_config 
_chem_comp_bond.pdbx_ordinal 
5LV N3  C12  sing N N 1   
5LV O1  C21  sing N N 2   
5LV C21 C20  sing N N 3   
5LV C12 C11  sing N N 4   
5LV C20 C22  doub Y N 5   
5LV C20 C19  sing Y N 6   
5LV C11 C10  sing N N 7   
5LV C22 C17  sing Y N 8   
5LV C19 N5   doub Y N 9   
5LV C   C1   sing N N 10  
5LV C10 N2   sing N N 11  
5LV C2  C1   doub N N 12  
5LV C2  C3   sing N N 13  
5LV C1  C16  sing N N 14  
5LV C9  C8   sing N N 15  
5LV C9  N2   sing N N 16  
5LV C17 C4   sing N N 17  
5LV C17 C18  doub Y N 18  
5LV C8  C7   sing N N 19  
5LV C16 O    doub N N 20  
5LV C16 N4   sing N N 21  
5LV C3  C4   doub Y N 22  
5LV C3  C15  sing Y N 23  
5LV C4  C5   sing Y N 24  
5LV N2  C13  sing N N 25  
5LV N4  C15  sing N N 26  
5LV C15 C6   doub Y N 27  
5LV C5  N    doub Y N 28  
5LV N5  C18  sing Y N 29  
5LV N   C6   sing Y N 30  
5LV C6  N1   sing N N 31  
5LV C7  N1   sing N N 32  
5LV C7  C14  sing N N 33  
5LV C13 C14  sing N N 34  
5LV N1  H1   sing N N 35  
5LV N3  H2   sing N N 36  
5LV N3  H3   sing N N 37  
5LV C5  H5   sing N N 38  
5LV C7  H6   sing N N 39  
5LV C8  H7   sing N N 40  
5LV C8  H8   sing N N 41  
5LV C10 H9   sing N N 42  
5LV C10 H10  sing N N 43  
5LV C13 H11  sing N N 44  
5LV C13 H12  sing N N 45  
5LV C21 H13  sing N N 46  
5LV C21 H14  sing N N 47  
5LV C22 H15  sing N N 48  
5LV C   H16  sing N N 49  
5LV C   H17  sing N N 50  
5LV C   H18  sing N N 51  
5LV N4  H19  sing N N 52  
5LV C2  H20  sing N N 53  
5LV O1  H21  sing N N 54  
5LV C19 H22  sing N N 55  
5LV C18 H23  sing N N 56  
5LV C14 H24  sing N N 57  
5LV C14 H25  sing N N 58  
5LV C9  H27  sing N N 59  
5LV C9  H28  sing N N 60  
5LV C11 H29  sing N N 61  
5LV C11 H30  sing N N 62  
5LV C12 H31  sing N N 63  
5LV C12 H32  sing N N 64  
ALA N   CA   sing N N 65  
ALA N   H    sing N N 66  
ALA N   H2   sing N N 67  
ALA CA  C    sing N N 68  
ALA CA  CB   sing N N 69  
ALA CA  HA   sing N N 70  
ALA C   O    doub N N 71  
ALA C   OXT  sing N N 72  
ALA CB  HB1  sing N N 73  
ALA CB  HB2  sing N N 74  
ALA CB  HB3  sing N N 75  
ALA OXT HXT  sing N N 76  
ARG N   CA   sing N N 77  
ARG N   H    sing N N 78  
ARG N   H2   sing N N 79  
ARG CA  C    sing N N 80  
ARG CA  CB   sing N N 81  
ARG CA  HA   sing N N 82  
ARG C   O    doub N N 83  
ARG C   OXT  sing N N 84  
ARG CB  CG   sing N N 85  
ARG CB  HB2  sing N N 86  
ARG CB  HB3  sing N N 87  
ARG CG  CD   sing N N 88  
ARG CG  HG2  sing N N 89  
ARG CG  HG3  sing N N 90  
ARG CD  NE   sing N N 91  
ARG CD  HD2  sing N N 92  
ARG CD  HD3  sing N N 93  
ARG NE  CZ   sing N N 94  
ARG NE  HE   sing N N 95  
ARG CZ  NH1  sing N N 96  
ARG CZ  NH2  doub N N 97  
ARG NH1 HH11 sing N N 98  
ARG NH1 HH12 sing N N 99  
ARG NH2 HH21 sing N N 100 
ARG NH2 HH22 sing N N 101 
ARG OXT HXT  sing N N 102 
ASN N   CA   sing N N 103 
ASN N   H    sing N N 104 
ASN N   H2   sing N N 105 
ASN CA  C    sing N N 106 
ASN CA  CB   sing N N 107 
ASN CA  HA   sing N N 108 
ASN C   O    doub N N 109 
ASN C   OXT  sing N N 110 
ASN CB  CG   sing N N 111 
ASN CB  HB2  sing N N 112 
ASN CB  HB3  sing N N 113 
ASN CG  OD1  doub N N 114 
ASN CG  ND2  sing N N 115 
ASN ND2 HD21 sing N N 116 
ASN ND2 HD22 sing N N 117 
ASN OXT HXT  sing N N 118 
ASP N   CA   sing N N 119 
ASP N   H    sing N N 120 
ASP N   H2   sing N N 121 
ASP CA  C    sing N N 122 
ASP CA  CB   sing N N 123 
ASP CA  HA   sing N N 124 
ASP C   O    doub N N 125 
ASP C   OXT  sing N N 126 
ASP CB  CG   sing N N 127 
ASP CB  HB2  sing N N 128 
ASP CB  HB3  sing N N 129 
ASP CG  OD1  doub N N 130 
ASP CG  OD2  sing N N 131 
ASP OD2 HD2  sing N N 132 
ASP OXT HXT  sing N N 133 
CYS N   CA   sing N N 134 
CYS N   H    sing N N 135 
CYS N   H2   sing N N 136 
CYS CA  C    sing N N 137 
CYS CA  CB   sing N N 138 
CYS CA  HA   sing N N 139 
CYS C   O    doub N N 140 
CYS C   OXT  sing N N 141 
CYS CB  SG   sing N N 142 
CYS CB  HB2  sing N N 143 
CYS CB  HB3  sing N N 144 
CYS SG  HG   sing N N 145 
CYS OXT HXT  sing N N 146 
GLN N   CA   sing N N 147 
GLN N   H    sing N N 148 
GLN N   H2   sing N N 149 
GLN CA  C    sing N N 150 
GLN CA  CB   sing N N 151 
GLN CA  HA   sing N N 152 
GLN C   O    doub N N 153 
GLN C   OXT  sing N N 154 
GLN CB  CG   sing N N 155 
GLN CB  HB2  sing N N 156 
GLN CB  HB3  sing N N 157 
GLN CG  CD   sing N N 158 
GLN CG  HG2  sing N N 159 
GLN CG  HG3  sing N N 160 
GLN CD  OE1  doub N N 161 
GLN CD  NE2  sing N N 162 
GLN NE2 HE21 sing N N 163 
GLN NE2 HE22 sing N N 164 
GLN OXT HXT  sing N N 165 
GLU N   CA   sing N N 166 
GLU N   H    sing N N 167 
GLU N   H2   sing N N 168 
GLU CA  C    sing N N 169 
GLU CA  CB   sing N N 170 
GLU CA  HA   sing N N 171 
GLU C   O    doub N N 172 
GLU C   OXT  sing N N 173 
GLU CB  CG   sing N N 174 
GLU CB  HB2  sing N N 175 
GLU CB  HB3  sing N N 176 
GLU CG  CD   sing N N 177 
GLU CG  HG2  sing N N 178 
GLU CG  HG3  sing N N 179 
GLU CD  OE1  doub N N 180 
GLU CD  OE2  sing N N 181 
GLU OE2 HE2  sing N N 182 
GLU OXT HXT  sing N N 183 
GLY N   CA   sing N N 184 
GLY N   H    sing N N 185 
GLY N   H2   sing N N 186 
GLY CA  C    sing N N 187 
GLY CA  HA2  sing N N 188 
GLY CA  HA3  sing N N 189 
GLY C   O    doub N N 190 
GLY C   OXT  sing N N 191 
GLY OXT HXT  sing N N 192 
HIS N   CA   sing N N 193 
HIS N   H    sing N N 194 
HIS N   H2   sing N N 195 
HIS CA  C    sing N N 196 
HIS CA  CB   sing N N 197 
HIS CA  HA   sing N N 198 
HIS C   O    doub N N 199 
HIS C   OXT  sing N N 200 
HIS CB  CG   sing N N 201 
HIS CB  HB2  sing N N 202 
HIS CB  HB3  sing N N 203 
HIS CG  ND1  sing Y N 204 
HIS CG  CD2  doub Y N 205 
HIS ND1 CE1  doub Y N 206 
HIS ND1 HD1  sing N N 207 
HIS CD2 NE2  sing Y N 208 
HIS CD2 HD2  sing N N 209 
HIS CE1 NE2  sing Y N 210 
HIS CE1 HE1  sing N N 211 
HIS NE2 HE2  sing N N 212 
HIS OXT HXT  sing N N 213 
HOH O   H1   sing N N 214 
HOH O   H2   sing N N 215 
ILE N   CA   sing N N 216 
ILE N   H    sing N N 217 
ILE N   H2   sing N N 218 
ILE CA  C    sing N N 219 
ILE CA  CB   sing N N 220 
ILE CA  HA   sing N N 221 
ILE C   O    doub N N 222 
ILE C   OXT  sing N N 223 
ILE CB  CG1  sing N N 224 
ILE CB  CG2  sing N N 225 
ILE CB  HB   sing N N 226 
ILE CG1 CD1  sing N N 227 
ILE CG1 HG12 sing N N 228 
ILE CG1 HG13 sing N N 229 
ILE CG2 HG21 sing N N 230 
ILE CG2 HG22 sing N N 231 
ILE CG2 HG23 sing N N 232 
ILE CD1 HD11 sing N N 233 
ILE CD1 HD12 sing N N 234 
ILE CD1 HD13 sing N N 235 
ILE OXT HXT  sing N N 236 
LEU N   CA   sing N N 237 
LEU N   H    sing N N 238 
LEU N   H2   sing N N 239 
LEU CA  C    sing N N 240 
LEU CA  CB   sing N N 241 
LEU CA  HA   sing N N 242 
LEU C   O    doub N N 243 
LEU C   OXT  sing N N 244 
LEU CB  CG   sing N N 245 
LEU CB  HB2  sing N N 246 
LEU CB  HB3  sing N N 247 
LEU CG  CD1  sing N N 248 
LEU CG  CD2  sing N N 249 
LEU CG  HG   sing N N 250 
LEU CD1 HD11 sing N N 251 
LEU CD1 HD12 sing N N 252 
LEU CD1 HD13 sing N N 253 
LEU CD2 HD21 sing N N 254 
LEU CD2 HD22 sing N N 255 
LEU CD2 HD23 sing N N 256 
LEU OXT HXT  sing N N 257 
LYS N   CA   sing N N 258 
LYS N   H    sing N N 259 
LYS N   H2   sing N N 260 
LYS CA  C    sing N N 261 
LYS CA  CB   sing N N 262 
LYS CA  HA   sing N N 263 
LYS C   O    doub N N 264 
LYS C   OXT  sing N N 265 
LYS CB  CG   sing N N 266 
LYS CB  HB2  sing N N 267 
LYS CB  HB3  sing N N 268 
LYS CG  CD   sing N N 269 
LYS CG  HG2  sing N N 270 
LYS CG  HG3  sing N N 271 
LYS CD  CE   sing N N 272 
LYS CD  HD2  sing N N 273 
LYS CD  HD3  sing N N 274 
LYS CE  NZ   sing N N 275 
LYS CE  HE2  sing N N 276 
LYS CE  HE3  sing N N 277 
LYS NZ  HZ1  sing N N 278 
LYS NZ  HZ2  sing N N 279 
LYS NZ  HZ3  sing N N 280 
LYS OXT HXT  sing N N 281 
MET N   CA   sing N N 282 
MET N   H    sing N N 283 
MET N   H2   sing N N 284 
MET CA  C    sing N N 285 
MET CA  CB   sing N N 286 
MET CA  HA   sing N N 287 
MET C   O    doub N N 288 
MET C   OXT  sing N N 289 
MET CB  CG   sing N N 290 
MET CB  HB2  sing N N 291 
MET CB  HB3  sing N N 292 
MET CG  SD   sing N N 293 
MET CG  HG2  sing N N 294 
MET CG  HG3  sing N N 295 
MET SD  CE   sing N N 296 
MET CE  HE1  sing N N 297 
MET CE  HE2  sing N N 298 
MET CE  HE3  sing N N 299 
MET OXT HXT  sing N N 300 
PHE N   CA   sing N N 301 
PHE N   H    sing N N 302 
PHE N   H2   sing N N 303 
PHE CA  C    sing N N 304 
PHE CA  CB   sing N N 305 
PHE CA  HA   sing N N 306 
PHE C   O    doub N N 307 
PHE C   OXT  sing N N 308 
PHE CB  CG   sing N N 309 
PHE CB  HB2  sing N N 310 
PHE CB  HB3  sing N N 311 
PHE CG  CD1  doub Y N 312 
PHE CG  CD2  sing Y N 313 
PHE CD1 CE1  sing Y N 314 
PHE CD1 HD1  sing N N 315 
PHE CD2 CE2  doub Y N 316 
PHE CD2 HD2  sing N N 317 
PHE CE1 CZ   doub Y N 318 
PHE CE1 HE1  sing N N 319 
PHE CE2 CZ   sing Y N 320 
PHE CE2 HE2  sing N N 321 
PHE CZ  HZ   sing N N 322 
PHE OXT HXT  sing N N 323 
PRO N   CA   sing N N 324 
PRO N   CD   sing N N 325 
PRO N   H    sing N N 326 
PRO CA  C    sing N N 327 
PRO CA  CB   sing N N 328 
PRO CA  HA   sing N N 329 
PRO C   O    doub N N 330 
PRO C   OXT  sing N N 331 
PRO CB  CG   sing N N 332 
PRO CB  HB2  sing N N 333 
PRO CB  HB3  sing N N 334 
PRO CG  CD   sing N N 335 
PRO CG  HG2  sing N N 336 
PRO CG  HG3  sing N N 337 
PRO CD  HD2  sing N N 338 
PRO CD  HD3  sing N N 339 
PRO OXT HXT  sing N N 340 
SER N   CA   sing N N 341 
SER N   H    sing N N 342 
SER N   H2   sing N N 343 
SER CA  C    sing N N 344 
SER CA  CB   sing N N 345 
SER CA  HA   sing N N 346 
SER C   O    doub N N 347 
SER C   OXT  sing N N 348 
SER CB  OG   sing N N 349 
SER CB  HB2  sing N N 350 
SER CB  HB3  sing N N 351 
SER OG  HG   sing N N 352 
SER OXT HXT  sing N N 353 
THR N   CA   sing N N 354 
THR N   H    sing N N 355 
THR N   H2   sing N N 356 
THR CA  C    sing N N 357 
THR CA  CB   sing N N 358 
THR CA  HA   sing N N 359 
THR C   O    doub N N 360 
THR C   OXT  sing N N 361 
THR CB  OG1  sing N N 362 
THR CB  CG2  sing N N 363 
THR CB  HB   sing N N 364 
THR OG1 HG1  sing N N 365 
THR CG2 HG21 sing N N 366 
THR CG2 HG22 sing N N 367 
THR CG2 HG23 sing N N 368 
THR OXT HXT  sing N N 369 
TRP N   CA   sing N N 370 
TRP N   H    sing N N 371 
TRP N   H2   sing N N 372 
TRP CA  C    sing N N 373 
TRP CA  CB   sing N N 374 
TRP CA  HA   sing N N 375 
TRP C   O    doub N N 376 
TRP C   OXT  sing N N 377 
TRP CB  CG   sing N N 378 
TRP CB  HB2  sing N N 379 
TRP CB  HB3  sing N N 380 
TRP CG  CD1  doub Y N 381 
TRP CG  CD2  sing Y N 382 
TRP CD1 NE1  sing Y N 383 
TRP CD1 HD1  sing N N 384 
TRP CD2 CE2  doub Y N 385 
TRP CD2 CE3  sing Y N 386 
TRP NE1 CE2  sing Y N 387 
TRP NE1 HE1  sing N N 388 
TRP CE2 CZ2  sing Y N 389 
TRP CE3 CZ3  doub Y N 390 
TRP CE3 HE3  sing N N 391 
TRP CZ2 CH2  doub Y N 392 
TRP CZ2 HZ2  sing N N 393 
TRP CZ3 CH2  sing Y N 394 
TRP CZ3 HZ3  sing N N 395 
TRP CH2 HH2  sing N N 396 
TRP OXT HXT  sing N N 397 
TYR N   CA   sing N N 398 
TYR N   H    sing N N 399 
TYR N   H2   sing N N 400 
TYR CA  C    sing N N 401 
TYR CA  CB   sing N N 402 
TYR CA  HA   sing N N 403 
TYR C   O    doub N N 404 
TYR C   OXT  sing N N 405 
TYR CB  CG   sing N N 406 
TYR CB  HB2  sing N N 407 
TYR CB  HB3  sing N N 408 
TYR CG  CD1  doub Y N 409 
TYR CG  CD2  sing Y N 410 
TYR CD1 CE1  sing Y N 411 
TYR CD1 HD1  sing N N 412 
TYR CD2 CE2  doub Y N 413 
TYR CD2 HD2  sing N N 414 
TYR CE1 CZ   doub Y N 415 
TYR CE1 HE1  sing N N 416 
TYR CE2 CZ   sing Y N 417 
TYR CE2 HE2  sing N N 418 
TYR CZ  OH   sing N N 419 
TYR OH  HH   sing N N 420 
TYR OXT HXT  sing N N 421 
VAL N   CA   sing N N 422 
VAL N   H    sing N N 423 
VAL N   H2   sing N N 424 
VAL CA  C    sing N N 425 
VAL CA  CB   sing N N 426 
VAL CA  HA   sing N N 427 
VAL C   O    doub N N 428 
VAL C   OXT  sing N N 429 
VAL CB  CG1  sing N N 430 
VAL CB  CG2  sing N N 431 
VAL CB  HB   sing N N 432 
VAL CG1 HG11 sing N N 433 
VAL CG1 HG12 sing N N 434 
VAL CG1 HG13 sing N N 435 
VAL CG2 HG21 sing N N 436 
VAL CG2 HG22 sing N N 437 
VAL CG2 HG23 sing N N 438 
VAL OXT HXT  sing N N 439 
# 
_pdbx_entity_instance_feature.ordinal        1 
_pdbx_entity_instance_feature.comp_id        5LV 
_pdbx_entity_instance_feature.asym_id        ? 
_pdbx_entity_instance_feature.seq_num        ? 
_pdbx_entity_instance_feature.auth_comp_id   5LV 
_pdbx_entity_instance_feature.auth_asym_id   ? 
_pdbx_entity_instance_feature.auth_seq_num   ? 
_pdbx_entity_instance_feature.feature_type   'SUBJECT OF INVESTIGATION' 
_pdbx_entity_instance_feature.details        ? 
# 
_pdbx_initial_refinement_model.id               1 
_pdbx_initial_refinement_model.entity_id_list   ? 
_pdbx_initial_refinement_model.type             'experimental model' 
_pdbx_initial_refinement_model.source_name      PDB 
_pdbx_initial_refinement_model.accession_code   3UV4 
_pdbx_initial_refinement_model.details          ? 
# 
_atom_sites.entry_id                    7P4S 
_atom_sites.Cartn_transf_matrix[1][1]   ? 
_atom_sites.Cartn_transf_matrix[1][2]   ? 
_atom_sites.Cartn_transf_matrix[1][3]   ? 
_atom_sites.Cartn_transf_matrix[2][1]   ? 
_atom_sites.Cartn_transf_matrix[2][2]   ? 
_atom_sites.Cartn_transf_matrix[2][3]   ? 
_atom_sites.Cartn_transf_matrix[3][1]   ? 
_atom_sites.Cartn_transf_matrix[3][2]   ? 
_atom_sites.Cartn_transf_matrix[3][3]   ? 
_atom_sites.Cartn_transf_vector[1]      ? 
_atom_sites.Cartn_transf_vector[2]      ? 
_atom_sites.Cartn_transf_vector[3]      ? 
_atom_sites.fract_transf_matrix[1][1]   0.01661996 
_atom_sites.fract_transf_matrix[1][2]   -0.00566732 
_atom_sites.fract_transf_matrix[1][3]   -0.00514541 
_atom_sites.fract_transf_matrix[2][1]   -0.00645289 
_atom_sites.fract_transf_matrix[2][2]   -0.01641776 
_atom_sites.fract_transf_matrix[2][3]   -0.00276016 
_atom_sites.fract_transf_matrix[3][1]   -0.00361326 
_atom_sites.fract_transf_matrix[3][2]   0.00415096 
_atom_sites.fract_transf_matrix[3][3]   -0.01624304 
_atom_sites.fract_transf_vector[1]      0.188610 
_atom_sites.fract_transf_vector[2]      0.229222 
_atom_sites.fract_transf_vector[3]      0.281299 
_atom_sites.solution_primary            ? 
_atom_sites.solution_secondary          ? 
_atom_sites.solution_hydrogens          ? 
_atom_sites.special_details             ? 
# 
loop_
_atom_type.symbol 
C 
N 
O 
S 
# 
loop_
_atom_site.group_PDB 
_atom_site.id 
_atom_site.type_symbol 
_atom_site.label_atom_id 
_atom_site.label_alt_id 
_atom_site.label_comp_id 
_atom_site.label_asym_id 
_atom_site.label_entity_id 
_atom_site.label_seq_id 
_atom_site.pdbx_PDB_ins_code 
_atom_site.Cartn_x 
_atom_site.Cartn_y 
_atom_site.Cartn_z 
_atom_site.occupancy 
_atom_site.B_iso_or_equiv 
_atom_site.pdbx_formal_charge 
_atom_site.auth_seq_id 
_atom_site.auth_comp_id 
_atom_site.auth_asym_id 
_atom_site.auth_atom_id 
_atom_site.pdbx_PDB_model_num 
ATOM   1    N N   . MET A 1 2   ? -0.216  -17.873 7.341   1.00 117.50 ? 1500 MET A N   1 
ATOM   2    C CA  . MET A 1 2   ? 0.690   -18.552 6.416   1.00 118.65 ? 1500 MET A CA  1 
ATOM   3    C C   . MET A 1 2   ? -0.088  -19.277 5.287   1.00 118.79 ? 1500 MET A C   1 
ATOM   4    O O   . MET A 1 2   ? 0.454   -20.188 4.642   1.00 120.81 ? 1500 MET A O   1 
ATOM   5    C CB  . MET A 1 2   ? 1.631   -19.510 7.186   1.00 126.60 ? 1500 MET A CB  1 
ATOM   6    C CG  . MET A 1 2   ? 3.047   -19.568 6.617   1.00 132.23 ? 1500 MET A CG  1 
ATOM   7    S SD  . MET A 1 2   ? 4.096   -20.807 7.433   1.00 143.51 ? 1500 MET A SD  1 
ATOM   8    C CE  . MET A 1 2   ? 5.613   -20.623 6.497   1.00 141.09 ? 1500 MET A CE  1 
ATOM   9    N N   . ASP A 1 3   ? -1.350  -18.858 5.039   1.00 109.31 ? 1501 ASP A N   1 
ATOM   10   C CA  . ASP A 1 3   ? -2.169  -19.458 3.982   1.00 106.61 ? 1501 ASP A CA  1 
ATOM   11   C C   . ASP A 1 3   ? -1.756  -18.954 2.599   1.00 102.98 ? 1501 ASP A C   1 
ATOM   12   O O   . ASP A 1 3   ? -1.350  -17.801 2.458   1.00 98.98  ? 1501 ASP A O   1 
ATOM   13   C CB  . ASP A 1 3   ? -3.682  -19.304 4.244   1.00 106.92 ? 1501 ASP A CB  1 
ATOM   14   C CG  . ASP A 1 3   ? -4.188  -17.877 4.313   1.00 111.59 ? 1501 ASP A CG  1 
ATOM   15   O OD1 . ASP A 1 3   ? -4.171  -17.294 5.419   1.00 112.73 ? 1501 ASP A OD1 1 
ATOM   16   O OD2 . ASP A 1 3   ? -4.669  -17.368 3.275   1.00 111.28 ? 1501 ASP A OD2 1 
ATOM   17   N N   . ASP A 1 4   ? -1.831  -19.845 1.593   1.00 97.42  ? 1502 ASP A N   1 
ATOM   18   C CA  . ASP A 1 4   ? -1.457  -19.595 0.195   1.00 93.45  ? 1502 ASP A CA  1 
ATOM   19   C C   . ASP A 1 4   ? -2.228  -18.437 -0.457  1.00 87.48  ? 1502 ASP A C   1 
ATOM   20   O O   . ASP A 1 4   ? -1.708  -17.814 -1.371  1.00 85.65  ? 1502 ASP A O   1 
ATOM   21   C CB  . ASP A 1 4   ? -1.586  -20.884 -0.638  1.00 97.70  ? 1502 ASP A CB  1 
ATOM   22   C CG  . ASP A 1 4   ? -1.010  -22.119 0.041   1.00 110.49 ? 1502 ASP A CG  1 
ATOM   23   O OD1 . ASP A 1 4   ? 0.224   -22.175 0.222   1.00 112.46 ? 1502 ASP A OD1 1 
ATOM   24   O OD2 . ASP A 1 4   ? -1.797  -23.016 0.411   1.00 117.59 ? 1502 ASP A OD2 1 
ATOM   25   N N   . ASP A 1 5   ? -3.450  -18.154 0.003   1.00 78.88  ? 1503 ASP A N   1 
ATOM   26   C CA  . ASP A 1 5   ? -4.253  -17.052 -0.528  1.00 74.07  ? 1503 ASP A CA  1 
ATOM   27   C C   . ASP A 1 5   ? -3.686  -15.705 -0.072  1.00 74.17  ? 1503 ASP A C   1 
ATOM   28   O O   . ASP A 1 5   ? -3.658  -14.771 -0.870  1.00 71.51  ? 1503 ASP A O   1 
ATOM   29   C CB  . ASP A 1 5   ? -5.732  -17.200 -0.148  1.00 74.81  ? 1503 ASP A CB  1 
ATOM   30   C CG  . ASP A 1 5   ? -6.355  -18.493 -0.660  1.00 84.99  ? 1503 ASP A CG  1 
ATOM   31   O OD1 . ASP A 1 5   ? -6.506  -18.632 -1.902  1.00 83.70  ? 1503 ASP A OD1 1 
ATOM   32   O OD2 . ASP A 1 5   ? -6.679  -19.373 0.180   1.00 89.83  ? 1503 ASP A OD2 1 
ATOM   33   N N   . GLN A 1 6   ? -3.196  -15.623 1.190   1.00 70.40  ? 1504 GLN A N   1 
ATOM   34   C CA  . GLN A 1 6   ? -2.587  -14.418 1.756   1.00 68.67  ? 1504 GLN A CA  1 
ATOM   35   C C   . GLN A 1 6   ? -1.247  -14.147 1.069   1.00 73.09  ? 1504 GLN A C   1 
ATOM   36   O O   . GLN A 1 6   ? -0.961  -12.996 0.714   1.00 70.55  ? 1504 GLN A O   1 
ATOM   37   C CB  . GLN A 1 6   ? -2.436  -14.521 3.290   1.00 71.60  ? 1504 GLN A CB  1 
ATOM   38   C CG  . GLN A 1 6   ? -1.819  -13.278 3.966   1.00 76.05  ? 1504 GLN A CG  1 
ATOM   39   C CD  . GLN A 1 6   ? -2.589  -11.995 3.739   1.00 83.52  ? 1504 GLN A CD  1 
ATOM   40   O OE1 . GLN A 1 6   ? -3.571  -11.704 4.423   1.00 79.03  ? 1504 GLN A OE1 1 
ATOM   41   N NE2 . GLN A 1 6   ? -2.141  -11.181 2.794   1.00 71.44  ? 1504 GLN A NE2 1 
ATOM   42   N N   . VAL A 1 7   ? -0.466  -15.222 0.841   1.00 71.81  ? 1505 VAL A N   1 
ATOM   43   C CA  . VAL A 1 7   ? 0.824   -15.191 0.154   1.00 71.86  ? 1505 VAL A CA  1 
ATOM   44   C C   . VAL A 1 7   ? 0.624   -14.660 -1.284  1.00 74.60  ? 1505 VAL A C   1 
ATOM   45   O O   . VAL A 1 7   ? 1.280   -13.684 -1.652  1.00 73.55  ? 1505 VAL A O   1 
ATOM   46   C CB  . VAL A 1 7   ? 1.530   -16.572 0.222   1.00 78.69  ? 1505 VAL A CB  1 
ATOM   47   C CG1 . VAL A 1 7   ? 2.777   -16.619 -0.660  1.00 78.81  ? 1505 VAL A CG1 1 
ATOM   48   C CG2 . VAL A 1 7   ? 1.883   -16.931 1.665   1.00 81.14  ? 1505 VAL A CG2 1 
ATOM   49   N N   . ALA A 1 8   ? -0.329  -15.249 -2.054  1.00 70.48  ? 1506 ALA A N   1 
ATOM   50   C CA  . ALA A 1 8   ? -0.666  -14.833 -3.426  1.00 67.69  ? 1506 ALA A CA  1 
ATOM   51   C C   . ALA A 1 8   ? -1.128  -13.366 -3.497  1.00 67.00  ? 1506 ALA A C   1 
ATOM   52   O O   . ALA A 1 8   ? -0.727  -12.653 -4.411  1.00 65.42  ? 1506 ALA A O   1 
ATOM   53   C CB  . ALA A 1 8   ? -1.742  -15.740 -4.003  1.00 68.80  ? 1506 ALA A CB  1 
ATOM   54   N N   . PHE A 1 9   ? -1.969  -12.929 -2.542  1.00 61.46  ? 1507 PHE A N   1 
ATOM   55   C CA  . PHE A 1 9   ? -2.496  -11.567 -2.471  1.00 58.57  ? 1507 PHE A CA  1 
ATOM   56   C C   . PHE A 1 9   ? -1.367  -10.556 -2.210  1.00 62.33  ? 1507 PHE A C   1 
ATOM   57   O O   . PHE A 1 9   ? -1.223  -9.590  -2.969  1.00 58.90  ? 1507 PHE A O   1 
ATOM   58   C CB  . PHE A 1 9   ? -3.605  -11.471 -1.413  1.00 59.61  ? 1507 PHE A CB  1 
ATOM   59   C CG  . PHE A 1 9   ? -4.208  -10.102 -1.253  1.00 58.22  ? 1507 PHE A CG  1 
ATOM   60   C CD1 . PHE A 1 9   ? -5.110  -9.606  -2.191  1.00 59.11  ? 1507 PHE A CD1 1 
ATOM   61   C CD2 . PHE A 1 9   ? -3.912  -9.320  -0.143  1.00 58.87  ? 1507 PHE A CD2 1 
ATOM   62   C CE1 . PHE A 1 9   ? -5.641  -8.326  -2.058  1.00 57.18  ? 1507 PHE A CE1 1 
ATOM   63   C CE2 . PHE A 1 9   ? -4.474  -8.056  0.005   1.00 58.27  ? 1507 PHE A CE2 1 
ATOM   64   C CZ  . PHE A 1 9   ? -5.320  -7.564  -0.960  1.00 55.09  ? 1507 PHE A CZ  1 
ATOM   65   N N   . SER A 1 10  ? -0.536  -10.826 -1.176  1.00 61.06  ? 1508 SER A N   1 
ATOM   66   C CA  . SER A 1 10  ? 0.617   -10.008 -0.812  1.00 61.01  ? 1508 SER A CA  1 
ATOM   67   C C   . SER A 1 10  ? 1.551   -9.861  -2.011  1.00 65.70  ? 1508 SER A C   1 
ATOM   68   O O   . SER A 1 10  ? 1.950   -8.738  -2.337  1.00 62.47  ? 1508 SER A O   1 
ATOM   69   C CB  . SER A 1 10  ? 1.350   -10.630 0.372   1.00 66.39  ? 1508 SER A CB  1 
ATOM   70   O OG  . SER A 1 10  ? 0.583   -10.428 1.545   1.00 71.85  ? 1508 SER A OG  1 
ATOM   71   N N   . PHE A 1 11  ? 1.804   -10.988 -2.719  1.00 65.19  ? 1509 PHE A N   1 
ATOM   72   C CA  . PHE A 1 11  ? 2.642   -11.060 -3.927  1.00 66.66  ? 1509 PHE A CA  1 
ATOM   73   C C   . PHE A 1 11  ? 2.118   -10.098 -4.990  1.00 65.63  ? 1509 PHE A C   1 
ATOM   74   O O   . PHE A 1 11  ? 2.902   -9.327  -5.551  1.00 64.49  ? 1509 PHE A O   1 
ATOM   75   C CB  . PHE A 1 11  ? 2.725   -12.515 -4.470  1.00 72.16  ? 1509 PHE A CB  1 
ATOM   76   C CG  . PHE A 1 11  ? 3.558   -12.689 -5.724  1.00 75.78  ? 1509 PHE A CG  1 
ATOM   77   C CD1 . PHE A 1 11  ? 4.942   -12.819 -5.648  1.00 82.07  ? 1509 PHE A CD1 1 
ATOM   78   C CD2 . PHE A 1 11  ? 2.958   -12.732 -6.980  1.00 77.39  ? 1509 PHE A CD2 1 
ATOM   79   C CE1 . PHE A 1 11  ? 5.710   -12.964 -6.809  1.00 84.39  ? 1509 PHE A CE1 1 
ATOM   80   C CE2 . PHE A 1 11  ? 3.727   -12.872 -8.138  1.00 81.72  ? 1509 PHE A CE2 1 
ATOM   81   C CZ  . PHE A 1 11  ? 5.097   -12.995 -8.044  1.00 82.35  ? 1509 PHE A CZ  1 
ATOM   82   N N   . ILE A 1 12  ? 0.788   -10.114 -5.231  1.00 59.51  ? 1510 ILE A N   1 
ATOM   83   C CA  . ILE A 1 12  ? 0.149   -9.199  -6.181  1.00 56.82  ? 1510 ILE A CA  1 
ATOM   84   C C   . ILE A 1 12  ? 0.403   -7.727  -5.781  1.00 58.07  ? 1510 ILE A C   1 
ATOM   85   O O   . ILE A 1 12  ? 0.850   -6.962  -6.634  1.00 58.49  ? 1510 ILE A O   1 
ATOM   86   C CB  . ILE A 1 12  ? -1.350  -9.537  -6.406  1.00 58.64  ? 1510 ILE A CB  1 
ATOM   87   C CG1 . ILE A 1 12  ? -1.471  -10.828 -7.236  1.00 60.84  ? 1510 ILE A CG1 1 
ATOM   88   C CG2 . ILE A 1 12  ? -2.084  -8.390  -7.102  1.00 55.48  ? 1510 ILE A CG2 1 
ATOM   89   C CD1 . ILE A 1 12  ? -2.684  -11.677 -6.950  1.00 67.12  ? 1510 ILE A CD1 1 
ATOM   90   N N   . LEU A 1 13  ? 0.147   -7.352  -4.496  1.00 51.71  ? 1511 LEU A N   1 
ATOM   91   C CA  . LEU A 1 13  ? 0.362   -5.994  -3.977  1.00 49.40  ? 1511 LEU A CA  1 
ATOM   92   C C   . LEU A 1 13  ? 1.828   -5.567  -4.118  1.00 54.78  ? 1511 LEU A C   1 
ATOM   93   O O   . LEU A 1 13  ? 2.076   -4.473  -4.611  1.00 53.46  ? 1511 LEU A O   1 
ATOM   94   C CB  . LEU A 1 13  ? -0.063  -5.853  -2.513  1.00 49.20  ? 1511 LEU A CB  1 
ATOM   95   C CG  . LEU A 1 13  ? -1.484  -6.240  -2.105  1.00 53.23  ? 1511 LEU A CG  1 
ATOM   96   C CD1 . LEU A 1 13  ? -1.669  -5.985  -0.634  1.00 53.42  ? 1511 LEU A CD1 1 
ATOM   97   C CD2 . LEU A 1 13  ? -2.540  -5.462  -2.905  1.00 52.90  ? 1511 LEU A CD2 1 
ATOM   98   N N   . ASP A 1 14  ? 2.795   -6.449  -3.755  1.00 53.83  ? 1512 ASP A N   1 
ATOM   99   C CA  . ASP A 1 14  ? 4.224   -6.138  -3.904  1.00 54.33  ? 1512 ASP A CA  1 
ATOM   100  C C   . ASP A 1 14  ? 4.573   -5.850  -5.363  1.00 57.59  ? 1512 ASP A C   1 
ATOM   101  O O   . ASP A 1 14  ? 5.362   -4.950  -5.633  1.00 55.02  ? 1512 ASP A O   1 
ATOM   102  C CB  . ASP A 1 14  ? 5.136   -7.244  -3.331  1.00 57.77  ? 1512 ASP A CB  1 
ATOM   103  C CG  . ASP A 1 14  ? 6.556   -6.749  -3.065  1.00 60.39  ? 1512 ASP A CG  1 
ATOM   104  O OD1 . ASP A 1 14  ? 6.720   -5.823  -2.244  1.00 58.89  ? 1512 ASP A OD1 1 
ATOM   105  O OD2 . ASP A 1 14  ? 7.506   -7.278  -3.694  1.00 63.51  ? 1512 ASP A OD2 1 
ATOM   106  N N   . ASN A 1 15  ? 3.946   -6.586  -6.296  1.00 56.26  ? 1513 ASN A N   1 
ATOM   107  C CA  . ASN A 1 15  ? 4.153   -6.404  -7.727  1.00 56.22  ? 1513 ASN A CA  1 
ATOM   108  C C   . ASN A 1 15  ? 3.582   -5.090  -8.250  1.00 56.60  ? 1513 ASN A C   1 
ATOM   109  O O   . ASN A 1 15  ? 4.249   -4.446  -9.047  1.00 56.00  ? 1513 ASN A O   1 
ATOM   110  C CB  . ASN A 1 15  ? 3.652   -7.597  -8.521  1.00 57.47  ? 1513 ASN A CB  1 
ATOM   111  C CG  . ASN A 1 15  ? 4.743   -8.593  -8.783  1.00 80.79  ? 1513 ASN A CG  1 
ATOM   112  O OD1 . ASN A 1 15  ? 4.848   -9.631  -8.120  1.00 84.47  ? 1513 ASN A OD1 1 
ATOM   113  N ND2 . ASN A 1 15  ? 5.610   -8.276  -9.727  1.00 70.40  ? 1513 ASN A ND2 1 
ATOM   114  N N   . ILE A 1 16  ? 2.388   -4.671  -7.782  1.00 51.45  ? 1514 ILE A N   1 
ATOM   115  C CA  . ILE A 1 16  ? 1.766   -3.388  -8.177  1.00 48.21  ? 1514 ILE A CA  1 
ATOM   116  C C   . ILE A 1 16  ? 2.709   -2.220  -7.770  1.00 52.88  ? 1514 ILE A C   1 
ATOM   117  O O   . ILE A 1 16  ? 2.941   -1.306  -8.568  1.00 51.03  ? 1514 ILE A O   1 
ATOM   118  C CB  . ILE A 1 16  ? 0.314   -3.246  -7.581  1.00 48.71  ? 1514 ILE A CB  1 
ATOM   119  C CG1 . ILE A 1 16  ? -0.639  -4.362  -8.128  1.00 50.89  ? 1514 ILE A CG1 1 
ATOM   120  C CG2 . ILE A 1 16  ? -0.301  -1.835  -7.799  1.00 44.37  ? 1514 ILE A CG2 1 
ATOM   121  C CD1 . ILE A 1 16  ? -1.909  -4.538  -7.366  1.00 55.93  ? 1514 ILE A CD1 1 
ATOM   122  N N   . VAL A 1 17  ? 3.271   -2.298  -6.541  1.00 51.18  ? 1515 VAL A N   1 
ATOM   123  C CA  . VAL A 1 17  ? 4.183   -1.309  -5.965  1.00 51.36  ? 1515 VAL A CA  1 
ATOM   124  C C   . VAL A 1 17  ? 5.447   -1.140  -6.808  1.00 55.61  ? 1515 VAL A C   1 
ATOM   125  O O   . VAL A 1 17  ? 5.762   -0.017  -7.229  1.00 54.22  ? 1515 VAL A O   1 
ATOM   126  C CB  . VAL A 1 17  ? 4.518   -1.576  -4.460  1.00 55.55  ? 1515 VAL A CB  1 
ATOM   127  C CG1 . VAL A 1 17  ? 5.587   -0.598  -3.942  1.00 55.22  ? 1515 VAL A CG1 1 
ATOM   128  C CG2 . VAL A 1 17  ? 3.265   -1.516  -3.584  1.00 53.22  ? 1515 VAL A CG2 1 
ATOM   129  N N   . THR A 1 18  ? 6.178   -2.244  -7.024  1.00 54.18  ? 1516 THR A N   1 
ATOM   130  C CA  . THR A 1 18  ? 7.438   -2.228  -7.753  1.00 54.36  ? 1516 THR A CA  1 
ATOM   131  C C   . THR A 1 18  ? 7.292   -2.088  -9.243  1.00 57.38  ? 1516 THR A C   1 
ATOM   132  O O   . THR A 1 18  ? 8.096   -1.408  -9.856  1.00 57.45  ? 1516 THR A O   1 
ATOM   133  C CB  . THR A 1 18  ? 8.290   -3.436  -7.420  1.00 64.48  ? 1516 THR A CB  1 
ATOM   134  O OG1 . THR A 1 18  ? 7.559   -4.630  -7.698  1.00 64.97  ? 1516 THR A OG1 1 
ATOM   135  C CG2 . THR A 1 18  ? 8.794   -3.415  -6.012  1.00 61.83  ? 1516 THR A CG2 1 
ATOM   136  N N   . GLN A 1 19  ? 6.320   -2.739  -9.847  1.00 54.65  ? 1517 GLN A N   1 
ATOM   137  C CA  . GLN A 1 19  ? 6.259   -2.705  -11.303 1.00 55.61  ? 1517 GLN A CA  1 
ATOM   138  C C   . GLN A 1 19  ? 5.460   -1.547  -11.877 1.00 56.24  ? 1517 GLN A C   1 
ATOM   139  O O   . GLN A 1 19  ? 5.715   -1.137  -13.008 1.00 57.62  ? 1517 GLN A O   1 
ATOM   140  C CB  . GLN A 1 19  ? 5.766   -4.056  -11.874 1.00 58.37  ? 1517 GLN A CB  1 
ATOM   141  C CG  . GLN A 1 19  ? 6.656   -5.264  -11.517 1.00 74.68  ? 1517 GLN A CG  1 
ATOM   142  C CD  . GLN A 1 19  ? 8.110   -5.175  -11.974 1.00 94.68  ? 1517 GLN A CD  1 
ATOM   143  O OE1 . GLN A 1 19  ? 8.421   -4.869  -13.135 1.00 92.59  ? 1517 GLN A OE1 1 
ATOM   144  N NE2 . GLN A 1 19  ? 9.037   -5.479  -11.068 1.00 79.00  ? 1517 GLN A NE2 1 
ATOM   145  N N   . LYS A 1 20  ? 4.515   -1.020  -11.127 1.00 50.92  ? 1518 LYS A N   1 
ATOM   146  C CA  . LYS A 1 20  ? 3.668   0.037   -11.668 1.00 49.81  ? 1518 LYS A CA  1 
ATOM   147  C C   . LYS A 1 20  ? 3.831   1.380   -10.963 1.00 51.81  ? 1518 LYS A C   1 
ATOM   148  O O   . LYS A 1 20  ? 4.021   2.399   -11.638 1.00 53.59  ? 1518 LYS A O   1 
ATOM   149  C CB  . LYS A 1 20  ? 2.178   -0.423  -11.690 1.00 50.43  ? 1518 LYS A CB  1 
ATOM   150  C CG  . LYS A 1 20  ? 1.931   -1.841  -12.256 1.00 56.60  ? 1518 LYS A CG  1 
ATOM   151  C CD  . LYS A 1 20  ? 1.848   -1.902  -13.794 1.00 65.58  ? 1518 LYS A CD  1 
ATOM   152  C CE  . LYS A 1 20  ? 1.954   -3.317  -14.365 1.00 69.39  ? 1518 LYS A CE  1 
ATOM   153  N NZ  . LYS A 1 20  ? 0.725   -4.159  -14.163 1.00 62.12  ? 1518 LYS A NZ  1 
ATOM   154  N N   . MET A 1 21  ? 3.740   1.396   -9.621  1.00 45.92  ? 1519 MET A N   1 
ATOM   155  C CA  . MET A 1 21  ? 3.826   2.625   -8.809  1.00 44.65  ? 1519 MET A CA  1 
ATOM   156  C C   . MET A 1 21  ? 5.232   3.251   -8.779  1.00 48.26  ? 1519 MET A C   1 
ATOM   157  O O   . MET A 1 21  ? 5.399   4.474   -8.938  1.00 46.87  ? 1519 MET A O   1 
ATOM   158  C CB  . MET A 1 21  ? 3.317   2.349   -7.383  1.00 46.43  ? 1519 MET A CB  1 
ATOM   159  C CG  . MET A 1 21  ? 1.801   2.357   -7.263  1.00 49.43  ? 1519 MET A CG  1 
ATOM   160  S SD  . MET A 1 21  ? 1.243   1.433   -5.805  1.00 54.03  ? 1519 MET A SD  1 
ATOM   161  C CE  . MET A 1 21  ? 1.190   2.708   -4.655  1.00 49.07  ? 1519 MET A CE  1 
ATOM   162  N N   . MET A 1 22  ? 6.247   2.400   -8.567  1.00 45.66  ? 1520 MET A N   1 
ATOM   163  C CA  . MET A 1 22  ? 7.656   2.807   -8.543  1.00 45.53  ? 1520 MET A CA  1 
ATOM   164  C C   . MET A 1 22  ? 8.143   3.151   -9.944  1.00 50.76  ? 1520 MET A C   1 
ATOM   165  O O   . MET A 1 22  ? 9.139   3.830   -10.075 1.00 52.73  ? 1520 MET A O   1 
ATOM   166  C CB  . MET A 1 22  ? 8.542   1.736   -7.869  1.00 48.52  ? 1520 MET A CB  1 
ATOM   167  C CG  . MET A 1 22  ? 8.417   1.774   -6.342  1.00 51.25  ? 1520 MET A CG  1 
ATOM   168  S SD  . MET A 1 22  ? 9.246   0.485   -5.381  1.00 57.11  ? 1520 MET A SD  1 
ATOM   169  C CE  . MET A 1 22  ? 10.994  0.842   -5.790  1.00 56.43  ? 1520 MET A CE  1 
ATOM   170  N N   . ALA A 1 23  ? 7.400   2.754   -10.983 1.00 48.21  ? 1521 ALA A N   1 
ATOM   171  C CA  . ALA A 1 23  ? 7.747   3.044   -12.374 1.00 48.75  ? 1521 ALA A CA  1 
ATOM   172  C C   . ALA A 1 23  ? 7.196   4.391   -12.868 1.00 48.62  ? 1521 ALA A C   1 
ATOM   173  O O   . ALA A 1 23  ? 7.430   4.742   -14.022 1.00 48.09  ? 1521 ALA A O   1 
ATOM   174  C CB  . ALA A 1 23  ? 7.295   1.898   -13.276 1.00 50.55  ? 1521 ALA A CB  1 
ATOM   175  N N   . VAL A 1 24  ? 6.440   5.122   -12.007 1.00 42.99  ? 1522 VAL A N   1 
ATOM   176  C CA  . VAL A 1 24  ? 5.893   6.467   -12.283 1.00 42.59  ? 1522 VAL A CA  1 
ATOM   177  C C   . VAL A 1 24  ? 7.093   7.479   -12.462 1.00 47.13  ? 1522 VAL A C   1 
ATOM   178  O O   . VAL A 1 24  ? 7.966   7.545   -11.593 1.00 45.51  ? 1522 VAL A O   1 
ATOM   179  C CB  . VAL A 1 24  ? 4.898   6.921   -11.161 1.00 44.17  ? 1522 VAL A CB  1 
ATOM   180  C CG1 . VAL A 1 24  ? 4.676   8.458   -11.125 1.00 43.36  ? 1522 VAL A CG1 1 
ATOM   181  C CG2 . VAL A 1 24  ? 3.569   6.208   -11.276 1.00 42.52  ? 1522 VAL A CG2 1 
ATOM   182  N N   . PRO A 1 25  ? 7.182   8.226   -13.587 1.00 45.59  ? 1523 PRO A N   1 
ATOM   183  C CA  . PRO A 1 25  ? 8.328   9.143   -13.769 1.00 47.20  ? 1523 PRO A CA  1 
ATOM   184  C C   . PRO A 1 25  ? 8.501   10.131  -12.610 1.00 50.76  ? 1523 PRO A C   1 
ATOM   185  O O   . PRO A 1 25  ? 7.511   10.669  -12.149 1.00 50.24  ? 1523 PRO A O   1 
ATOM   186  C CB  . PRO A 1 25  ? 8.007   9.858   -15.088 1.00 50.54  ? 1523 PRO A CB  1 
ATOM   187  C CG  . PRO A 1 25  ? 7.052   8.938   -15.806 1.00 54.65  ? 1523 PRO A CG  1 
ATOM   188  C CD  . PRO A 1 25  ? 6.276   8.236   -14.756 1.00 47.92  ? 1523 PRO A CD  1 
ATOM   189  N N   . ASP A 1 26  ? 9.737   10.312  -12.094 1.00 47.66  ? 1524 ASP A N   1 
ATOM   190  C CA  . ASP A 1 26  ? 10.054  11.222  -10.973 1.00 47.12  ? 1524 ASP A CA  1 
ATOM   191  C C   . ASP A 1 26  ? 9.395   10.804  -9.643  1.00 49.65  ? 1524 ASP A C   1 
ATOM   192  O O   . ASP A 1 26  ? 9.230   11.642  -8.759  1.00 48.79  ? 1524 ASP A O   1 
ATOM   193  C CB  . ASP A 1 26  ? 9.745   12.711  -11.317 1.00 47.51  ? 1524 ASP A CB  1 
ATOM   194  C CG  . ASP A 1 26  ? 10.395  13.184  -12.608 1.00 52.83  ? 1524 ASP A CG  1 
ATOM   195  O OD1 . ASP A 1 26  ? 11.632  13.107  -12.711 1.00 54.78  ? 1524 ASP A OD1 1 
ATOM   196  O OD2 . ASP A 1 26  ? 9.663   13.601  -13.522 1.00 55.32  ? 1524 ASP A OD2 1 
ATOM   197  N N   . SER A 1 27  ? 9.059   9.510   -9.493  1.00 44.66  ? 1525 SER A N   1 
ATOM   198  C CA  . SER A 1 27  ? 8.457   8.993   -8.254  1.00 43.20  ? 1525 SER A CA  1 
ATOM   199  C C   . SER A 1 27  ? 9.527   8.631   -7.216  1.00 48.58  ? 1525 SER A C   1 
ATOM   200  O O   . SER A 1 27  ? 9.187   8.501   -6.029  1.00 45.97  ? 1525 SER A O   1 
ATOM   201  C CB  . SER A 1 27  ? 7.568   7.780   -8.538  1.00 43.78  ? 1525 SER A CB  1 
ATOM   202  O OG  . SER A 1 27  ? 8.319   6.724   -9.108  1.00 42.57  ? 1525 SER A OG  1 
ATOM   203  N N   . TRP A 1 28  ? 10.825  8.520   -7.657  1.00 46.74  ? 1526 TRP A N   1 
ATOM   204  C CA  . TRP A 1 28  ? 11.950  8.136   -6.800  1.00 48.91  ? 1526 TRP A CA  1 
ATOM   205  C C   . TRP A 1 28  ? 11.937  8.861   -5.405  1.00 52.83  ? 1526 TRP A C   1 
ATOM   206  O O   . TRP A 1 28  ? 12.226  8.161   -4.438  1.00 52.65  ? 1526 TRP A O   1 
ATOM   207  C CB  . TRP A 1 28  ? 13.334  8.229   -7.517  1.00 50.54  ? 1526 TRP A CB  1 
ATOM   208  C CG  . TRP A 1 28  ? 13.859  9.630   -7.737  1.00 51.53  ? 1526 TRP A CG  1 
ATOM   209  C CD1 . TRP A 1 28  ? 13.799  10.356  -8.893  1.00 54.23  ? 1526 TRP A CD1 1 
ATOM   210  C CD2 . TRP A 1 28  ? 14.476  10.483  -6.760  1.00 51.99  ? 1526 TRP A CD2 1 
ATOM   211  N NE1 . TRP A 1 28  ? 14.306  11.618  -8.688  1.00 54.21  ? 1526 TRP A NE1 1 
ATOM   212  C CE2 . TRP A 1 28  ? 14.704  11.734  -7.380  1.00 56.34  ? 1526 TRP A CE2 1 
ATOM   213  C CE3 . TRP A 1 28  ? 14.832  10.324  -5.407  1.00 54.02  ? 1526 TRP A CE3 1 
ATOM   214  C CZ2 . TRP A 1 28  ? 15.290  12.816  -6.698  1.00 56.76  ? 1526 TRP A CZ2 1 
ATOM   215  C CZ3 . TRP A 1 28  ? 15.389  11.404  -4.727  1.00 56.52  ? 1526 TRP A CZ3 1 
ATOM   216  C CH2 . TRP A 1 28  ? 15.635  12.624  -5.378  1.00 57.31  ? 1526 TRP A CH2 1 
ATOM   217  N N   . PRO A 1 29  ? 11.532  10.157  -5.204  1.00 50.19  ? 1527 PRO A N   1 
ATOM   218  C CA  . PRO A 1 29  ? 11.525  10.708  -3.834  1.00 50.16  ? 1527 PRO A CA  1 
ATOM   219  C C   . PRO A 1 29  ? 10.590  10.003  -2.850  1.00 55.34  ? 1527 PRO A C   1 
ATOM   220  O O   . PRO A 1 29  ? 10.787  10.146  -1.642  1.00 56.53  ? 1527 PRO A O   1 
ATOM   221  C CB  . PRO A 1 29  ? 11.076  12.164  -4.034  1.00 50.85  ? 1527 PRO A CB  1 
ATOM   222  C CG  . PRO A 1 29  ? 11.361  12.473  -5.445  1.00 55.45  ? 1527 PRO A CG  1 
ATOM   223  C CD  . PRO A 1 29  ? 11.113  11.194  -6.173  1.00 51.39  ? 1527 PRO A CD  1 
ATOM   224  N N   . PHE A 1 30  ? 9.582   9.251   -3.368  1.00 50.06  ? 1528 PHE A N   1 
ATOM   225  C CA  . PHE A 1 30  ? 8.571   8.524   -2.587  1.00 47.79  ? 1528 PHE A CA  1 
ATOM   226  C C   . PHE A 1 30  ? 8.871   7.044   -2.403  1.00 50.51  ? 1528 PHE A C   1 
ATOM   227  O O   . PHE A 1 30  ? 8.087   6.367   -1.722  1.00 49.18  ? 1528 PHE A O   1 
ATOM   228  C CB  . PHE A 1 30  ? 7.161   8.674   -3.207  1.00 46.44  ? 1528 PHE A CB  1 
ATOM   229  C CG  . PHE A 1 30  ? 6.692   10.096  -3.371  1.00 46.10  ? 1528 PHE A CG  1 
ATOM   230  C CD1 . PHE A 1 30  ? 6.200   10.810  -2.290  1.00 47.43  ? 1528 PHE A CD1 1 
ATOM   231  C CD2 . PHE A 1 30  ? 6.766   10.729  -4.607  1.00 47.40  ? 1528 PHE A CD2 1 
ATOM   232  C CE1 . PHE A 1 30  ? 5.794   12.129  -2.439  1.00 49.15  ? 1528 PHE A CE1 1 
ATOM   233  C CE2 . PHE A 1 30  ? 6.343   12.047  -4.759  1.00 48.99  ? 1528 PHE A CE2 1 
ATOM   234  C CZ  . PHE A 1 30  ? 5.890   12.745  -3.668  1.00 48.03  ? 1528 PHE A CZ  1 
ATOM   235  N N   . HIS A 1 31  ? 9.974   6.532   -3.002  1.00 47.17  ? 1529 HIS A N   1 
ATOM   236  C CA  . HIS A 1 31  ? 10.329  5.104   -2.931  1.00 46.48  ? 1529 HIS A CA  1 
ATOM   237  C C   . HIS A 1 31  ? 10.856  4.678   -1.568  1.00 52.40  ? 1529 HIS A C   1 
ATOM   238  O O   . HIS A 1 31  ? 10.895  3.491   -1.272  1.00 54.18  ? 1529 HIS A O   1 
ATOM   239  C CB  . HIS A 1 31  ? 11.353  4.722   -4.014  1.00 47.88  ? 1529 HIS A CB  1 
ATOM   240  C CG  . HIS A 1 31  ? 10.864  4.844   -5.426  1.00 48.73  ? 1529 HIS A CG  1 
ATOM   241  N ND1 . HIS A 1 31  ? 11.635  4.388   -6.491  1.00 50.24  ? 1529 HIS A ND1 1 
ATOM   242  C CD2 . HIS A 1 31  ? 9.739   5.420   -5.916  1.00 46.56  ? 1529 HIS A CD2 1 
ATOM   243  C CE1 . HIS A 1 31  ? 10.942  4.668   -7.583  1.00 48.01  ? 1529 HIS A CE1 1 
ATOM   244  N NE2 . HIS A 1 31  ? 9.794   5.283   -7.288  1.00 46.69  ? 1529 HIS A NE2 1 
ATOM   245  N N   . HIS A 1 32  ? 11.297  5.623   -0.761  1.00 50.39  ? 1530 HIS A N   1 
ATOM   246  C CA  . HIS A 1 32  ? 11.884  5.366   0.549   1.00 53.28  ? 1530 HIS A CA  1 
ATOM   247  C C   . HIS A 1 32  ? 11.427  6.446   1.556   1.00 55.64  ? 1530 HIS A C   1 
ATOM   248  O O   . HIS A 1 32  ? 10.965  7.511   1.128   1.00 49.91  ? 1530 HIS A O   1 
ATOM   249  C CB  . HIS A 1 32  ? 13.430  5.431   0.427   1.00 57.24  ? 1530 HIS A CB  1 
ATOM   250  C CG  . HIS A 1 32  ? 14.003  4.514   -0.614  1.00 62.59  ? 1530 HIS A CG  1 
ATOM   251  N ND1 . HIS A 1 32  ? 14.034  3.146   -0.431  1.00 66.40  ? 1530 HIS A ND1 1 
ATOM   252  C CD2 . HIS A 1 32  ? 14.515  4.806   -1.831  1.00 65.60  ? 1530 HIS A CD2 1 
ATOM   253  C CE1 . HIS A 1 32  ? 14.566  2.646   -1.533  1.00 67.69  ? 1530 HIS A CE1 1 
ATOM   254  N NE2 . HIS A 1 32  ? 14.899  3.610   -2.397  1.00 67.46  ? 1530 HIS A NE2 1 
ATOM   255  N N   . PRO A 1 33  ? 11.648  6.248   2.887   1.00 55.78  ? 1531 PRO A N   1 
ATOM   256  C CA  . PRO A 1 33  ? 11.326  7.322   3.845   1.00 55.45  ? 1531 PRO A CA  1 
ATOM   257  C C   . PRO A 1 33  ? 12.123  8.597   3.554   1.00 61.88  ? 1531 PRO A C   1 
ATOM   258  O O   . PRO A 1 33  ? 13.250  8.529   3.041   1.00 62.40  ? 1531 PRO A O   1 
ATOM   259  C CB  . PRO A 1 33  ? 11.747  6.734   5.196   1.00 59.87  ? 1531 PRO A CB  1 
ATOM   260  C CG  . PRO A 1 33  ? 11.805  5.252   4.985   1.00 65.24  ? 1531 PRO A CG  1 
ATOM   261  C CD  . PRO A 1 33  ? 12.225  5.069   3.572   1.00 59.65  ? 1531 PRO A CD  1 
ATOM   262  N N   . VAL A 1 34  ? 11.536  9.769   3.874   1.00 58.51  ? 1532 VAL A N   1 
ATOM   263  C CA  . VAL A 1 34  ? 12.197  11.063  3.680   1.00 58.35  ? 1532 VAL A CA  1 
ATOM   264  C C   . VAL A 1 34  ? 13.529  11.071  4.463   1.00 65.91  ? 1532 VAL A C   1 
ATOM   265  O O   . VAL A 1 34  ? 13.586  10.550  5.581   1.00 67.44  ? 1532 VAL A O   1 
ATOM   266  C CB  . VAL A 1 34  ? 11.254  12.249  4.075   1.00 60.29  ? 1532 VAL A CB  1 
ATOM   267  C CG1 . VAL A 1 34  ? 12.003  13.576  4.152   1.00 60.71  ? 1532 VAL A CG1 1 
ATOM   268  C CG2 . VAL A 1 34  ? 10.082  12.367  3.109   1.00 57.48  ? 1532 VAL A CG2 1 
ATOM   269  N N   . ASN A 1 35  ? 14.597  11.596  3.854   1.00 64.11  ? 1533 ASN A N   1 
ATOM   270  C CA  . ASN A 1 35  ? 15.880  11.728  4.517   1.00 67.72  ? 1533 ASN A CA  1 
ATOM   271  C C   . ASN A 1 35  ? 15.856  13.123  5.124   1.00 72.53  ? 1533 ASN A C   1 
ATOM   272  O O   . ASN A 1 35  ? 15.782  14.118  4.398   1.00 70.19  ? 1533 ASN A O   1 
ATOM   273  C CB  . ASN A 1 35  ? 17.046  11.542  3.537   1.00 72.39  ? 1533 ASN A CB  1 
ATOM   274  C CG  . ASN A 1 35  ? 18.443  11.565  4.138   1.00 96.97  ? 1533 ASN A CG  1 
ATOM   275  O OD1 . ASN A 1 35  ? 18.756  12.306  5.078   1.00 92.94  ? 1533 ASN A OD1 1 
ATOM   276  N ND2 . ASN A 1 35  ? 19.339  10.785  3.555   1.00 88.07  ? 1533 ASN A ND2 1 
ATOM   277  N N   . LYS A 1 36  ? 15.859  13.173  6.466   1.00 72.58  ? 1534 LYS A N   1 
ATOM   278  C CA  . LYS A 1 36  ? 15.808  14.366  7.319   1.00 74.27  ? 1534 LYS A CA  1 
ATOM   279  C C   . LYS A 1 36  ? 16.849  15.468  6.960   1.00 80.37  ? 1534 LYS A C   1 
ATOM   280  O O   . LYS A 1 36  ? 16.616  16.636  7.271   1.00 79.68  ? 1534 LYS A O   1 
ATOM   281  C CB  . LYS A 1 36  ? 15.942  13.934  8.792   1.00 79.97  ? 1534 LYS A CB  1 
ATOM   282  C CG  . LYS A 1 36  ? 15.283  14.868  9.804   1.00 93.77  ? 1534 LYS A CG  1 
ATOM   283  C CD  . LYS A 1 36  ? 15.317  14.269  11.212  1.00 106.47 ? 1534 LYS A CD  1 
ATOM   284  C CE  . LYS A 1 36  ? 16.512  14.685  12.042  1.00 117.03 ? 1534 LYS A CE  1 
ATOM   285  N NZ  . LYS A 1 36  ? 16.229  15.902  12.848  1.00 125.00 ? 1534 LYS A NZ  1 
ATOM   286  N N   . LYS A 1 37  ? 17.964  15.102  6.295   1.00 78.84  ? 1535 LYS A N   1 
ATOM   287  C CA  . LYS A 1 37  ? 19.018  16.037  5.884   1.00 80.20  ? 1535 LYS A CA  1 
ATOM   288  C C   . LYS A 1 37  ? 18.516  17.046  4.830   1.00 82.38  ? 1535 LYS A C   1 
ATOM   289  O O   . LYS A 1 37  ? 18.700  18.248  5.012   1.00 83.03  ? 1535 LYS A O   1 
ATOM   290  C CB  . LYS A 1 37  ? 20.260  15.277  5.393   1.00 84.52  ? 1535 LYS A CB  1 
ATOM   291  C CG  . LYS A 1 37  ? 21.569  16.012  5.640   1.00 101.93 ? 1535 LYS A CG  1 
ATOM   292  N N   . PHE A 1 38  ? 17.854  16.560  3.761   1.00 76.56  ? 1536 PHE A N   1 
ATOM   293  C CA  . PHE A 1 38  ? 17.298  17.387  2.680   1.00 74.04  ? 1536 PHE A CA  1 
ATOM   294  C C   . PHE A 1 38  ? 16.055  18.167  3.119   1.00 74.94  ? 1536 PHE A C   1 
ATOM   295  O O   . PHE A 1 38  ? 15.760  19.217  2.549   1.00 73.35  ? 1536 PHE A O   1 
ATOM   296  C CB  . PHE A 1 38  ? 16.910  16.504  1.484   1.00 74.06  ? 1536 PHE A CB  1 
ATOM   297  C CG  . PHE A 1 38  ? 18.044  15.822  0.752   1.00 77.60  ? 1536 PHE A CG  1 
ATOM   298  C CD1 . PHE A 1 38  ? 18.511  14.577  1.164   1.00 81.61  ? 1536 PHE A CD1 1 
ATOM   299  C CD2 . PHE A 1 38  ? 18.590  16.385  -0.394  1.00 80.93  ? 1536 PHE A CD2 1 
ATOM   300  C CE1 . PHE A 1 38  ? 19.533  13.927  0.466   1.00 86.42  ? 1536 PHE A CE1 1 
ATOM   301  C CE2 . PHE A 1 38  ? 19.614  15.737  -1.091  1.00 84.07  ? 1536 PHE A CE2 1 
ATOM   302  C CZ  . PHE A 1 38  ? 20.080  14.510  -0.656  1.00 84.77  ? 1536 PHE A CZ  1 
ATOM   303  N N   . VAL A 1 39  ? 15.285  17.605  4.074   1.00 70.99  ? 1537 VAL A N   1 
ATOM   304  C CA  . VAL A 1 39  ? 14.003  18.141  4.570   1.00 69.36  ? 1537 VAL A CA  1 
ATOM   305  C C   . VAL A 1 39  ? 14.046  18.211  6.135   1.00 72.96  ? 1537 VAL A C   1 
ATOM   306  O O   . VAL A 1 39  ? 13.456  17.352  6.797   1.00 71.26  ? 1537 VAL A O   1 
ATOM   307  C CB  . VAL A 1 39  ? 12.831  17.249  4.042   1.00 71.07  ? 1537 VAL A CB  1 
ATOM   308  C CG1 . VAL A 1 39  ? 11.500  17.892  4.300   1.00 70.35  ? 1537 VAL A CG1 1 
ATOM   309  C CG2 . VAL A 1 39  ? 12.956  16.939  2.555   1.00 69.29  ? 1537 VAL A CG2 1 
ATOM   310  N N   . PRO A 1 40  ? 14.768  19.195  6.747   1.00 70.97  ? 1538 PRO A N   1 
ATOM   311  C CA  . PRO A 1 40  ? 14.901  19.214  8.223   1.00 73.06  ? 1538 PRO A CA  1 
ATOM   312  C C   . PRO A 1 40  ? 13.610  19.280  9.054   1.00 76.54  ? 1538 PRO A C   1 
ATOM   313  O O   . PRO A 1 40  ? 13.582  18.701  10.141  1.00 78.12  ? 1538 PRO A O   1 
ATOM   314  C CB  . PRO A 1 40  ? 15.794  20.432  8.490   1.00 77.01  ? 1538 PRO A CB  1 
ATOM   315  C CG  . PRO A 1 40  ? 16.523  20.657  7.225   1.00 80.37  ? 1538 PRO A CG  1 
ATOM   316  C CD  . PRO A 1 40  ? 15.574  20.267  6.130   1.00 72.92  ? 1538 PRO A CD  1 
ATOM   317  N N   . ASP A 1 41  ? 12.554  19.956  8.560   1.00 70.67  ? 1539 ASP A N   1 
ATOM   318  C CA  . ASP A 1 41  ? 11.280  20.100  9.291   1.00 69.79  ? 1539 ASP A CA  1 
ATOM   319  C C   . ASP A 1 41  ? 10.208  19.051  8.945   1.00 69.70  ? 1539 ASP A C   1 
ATOM   320  O O   . ASP A 1 41  ? 9.079   19.176  9.428   1.00 69.03  ? 1539 ASP A O   1 
ATOM   321  C CB  . ASP A 1 41  ? 10.709  21.530  9.111   1.00 71.59  ? 1539 ASP A CB  1 
ATOM   322  C CG  . ASP A 1 41  ? 10.228  21.890  7.709   1.00 77.79  ? 1539 ASP A CG  1 
ATOM   323  O OD1 . ASP A 1 41  ? 10.804  21.372  6.729   1.00 76.80  ? 1539 ASP A OD1 1 
ATOM   324  O OD2 . ASP A 1 41  ? 9.305   22.719  7.595   1.00 84.95  ? 1539 ASP A OD2 1 
ATOM   325  N N   . TYR A 1 42  ? 10.545  18.023  8.130   1.00 62.97  ? 1540 TYR A N   1 
ATOM   326  C CA  . TYR A 1 42  ? 9.569   17.019  7.695   1.00 59.67  ? 1540 TYR A CA  1 
ATOM   327  C C   . TYR A 1 42  ? 8.760   16.357  8.813   1.00 66.31  ? 1540 TYR A C   1 
ATOM   328  O O   . TYR A 1 42  ? 7.530   16.371  8.750   1.00 63.98  ? 1540 TYR A O   1 
ATOM   329  C CB  . TYR A 1 42  ? 10.191  15.920  6.807   1.00 58.06  ? 1540 TYR A CB  1 
ATOM   330  C CG  . TYR A 1 42  ? 9.137   15.171  6.009   1.00 54.99  ? 1540 TYR A CG  1 
ATOM   331  C CD1 . TYR A 1 42  ? 8.621   15.701  4.829   1.00 54.30  ? 1540 TYR A CD1 1 
ATOM   332  C CD2 . TYR A 1 42  ? 8.607   13.970  6.469   1.00 54.80  ? 1540 TYR A CD2 1 
ATOM   333  C CE1 . TYR A 1 42  ? 7.641   15.032  4.098   1.00 50.91  ? 1540 TYR A CE1 1 
ATOM   334  C CE2 . TYR A 1 42  ? 7.609   13.297  5.754   1.00 53.50  ? 1540 TYR A CE2 1 
ATOM   335  C CZ  . TYR A 1 42  ? 7.121   13.843  4.574   1.00 51.94  ? 1540 TYR A CZ  1 
ATOM   336  O OH  . TYR A 1 42  ? 6.144   13.220  3.849   1.00 40.48  ? 1540 TYR A OH  1 
ATOM   337  N N   . TYR A 1 43  ? 9.440   15.760  9.812   1.00 67.22  ? 1541 TYR A N   1 
ATOM   338  C CA  . TYR A 1 43  ? 8.771   14.984  10.856  1.00 68.63  ? 1541 TYR A CA  1 
ATOM   339  C C   . TYR A 1 43  ? 8.089   15.842  11.938  1.00 74.54  ? 1541 TYR A C   1 
ATOM   340  O O   . TYR A 1 43  ? 7.364   15.301  12.778  1.00 75.47  ? 1541 TYR A O   1 
ATOM   341  C CB  . TYR A 1 43  ? 9.728   13.929  11.440  1.00 72.13  ? 1541 TYR A CB  1 
ATOM   342  C CG  . TYR A 1 43  ? 10.204  12.961  10.373  1.00 71.85  ? 1541 TYR A CG  1 
ATOM   343  C CD1 . TYR A 1 43  ? 9.330   12.042  9.794   1.00 71.31  ? 1541 TYR A CD1 1 
ATOM   344  C CD2 . TYR A 1 43  ? 11.505  13.018  9.883   1.00 73.38  ? 1541 TYR A CD2 1 
ATOM   345  C CE1 . TYR A 1 43  ? 9.749   11.184  8.778   1.00 70.41  ? 1541 TYR A CE1 1 
ATOM   346  C CE2 . TYR A 1 43  ? 11.939  12.156  8.875   1.00 72.99  ? 1541 TYR A CE2 1 
ATOM   347  C CZ  . TYR A 1 43  ? 11.056  11.242  8.322   1.00 76.18  ? 1541 TYR A CZ  1 
ATOM   348  O OH  . TYR A 1 43  ? 11.483  10.391  7.327   1.00 72.49  ? 1541 TYR A OH  1 
ATOM   349  N N   . LYS A 1 44  ? 8.226   17.172  11.849  1.00 71.63  ? 1542 LYS A N   1 
ATOM   350  C CA  . LYS A 1 44  ? 7.557   18.132  12.735  1.00 72.61  ? 1542 LYS A CA  1 
ATOM   351  C C   . LYS A 1 44  ? 6.170   18.390  12.133  1.00 73.00  ? 1542 LYS A C   1 
ATOM   352  O O   . LYS A 1 44  ? 5.162   18.324  12.840  1.00 72.95  ? 1542 LYS A O   1 
ATOM   353  C CB  . LYS A 1 44  ? 8.356   19.442  12.810  1.00 76.91  ? 1542 LYS A CB  1 
ATOM   354  C CG  . LYS A 1 44  ? 9.786   19.276  13.324  1.00 96.50  ? 1542 LYS A CG  1 
ATOM   355  N N   . VAL A 1 45  ? 6.138   18.613  10.796  1.00 66.45  ? 1543 VAL A N   1 
ATOM   356  C CA  . VAL A 1 45  ? 4.963   18.867  9.951   1.00 63.08  ? 1543 VAL A CA  1 
ATOM   357  C C   . VAL A 1 45  ? 4.107   17.596  9.788   1.00 65.11  ? 1543 VAL A C   1 
ATOM   358  O O   . VAL A 1 45  ? 2.899   17.644  10.011  1.00 65.20  ? 1543 VAL A O   1 
ATOM   359  C CB  . VAL A 1 45  ? 5.402   19.462  8.574   1.00 64.52  ? 1543 VAL A CB  1 
ATOM   360  C CG1 . VAL A 1 45  ? 4.228   19.597  7.610   1.00 62.06  ? 1543 VAL A CG1 1 
ATOM   361  C CG2 . VAL A 1 45  ? 6.112   20.806  8.747   1.00 65.95  ? 1543 VAL A CG2 1 
ATOM   362  N N   . ILE A 1 46  ? 4.734   16.476  9.398   1.00 60.45  ? 1544 ILE A N   1 
ATOM   363  C CA  . ILE A 1 46  ? 4.067   15.195  9.149   1.00 58.27  ? 1544 ILE A CA  1 
ATOM   364  C C   . ILE A 1 46  ? 4.152   14.253  10.364  1.00 64.54  ? 1544 ILE A C   1 
ATOM   365  O O   . ILE A 1 46  ? 5.225   13.748  10.714  1.00 65.24  ? 1544 ILE A O   1 
ATOM   366  C CB  . ILE A 1 46  ? 4.602   14.559  7.831   1.00 58.99  ? 1544 ILE A CB  1 
ATOM   367  C CG1 . ILE A 1 46  ? 4.432   15.509  6.603   1.00 57.50  ? 1544 ILE A CG1 1 
ATOM   368  C CG2 . ILE A 1 46  ? 4.015   13.174  7.566   1.00 59.07  ? 1544 ILE A CG2 1 
ATOM   369  C CD1 . ILE A 1 46  ? 2.984   15.967  6.219   1.00 58.10  ? 1544 ILE A CD1 1 
ATOM   370  N N   . VAL A 1 47  ? 2.988   14.020  10.986  1.00 62.67  ? 1545 VAL A N   1 
ATOM   371  C CA  . VAL A 1 47  ? 2.795   13.155  12.158  1.00 64.62  ? 1545 VAL A CA  1 
ATOM   372  C C   . VAL A 1 47  ? 2.858   11.665  11.769  1.00 64.36  ? 1545 VAL A C   1 
ATOM   373  O O   . VAL A 1 47  ? 3.452   10.877  12.509  1.00 65.58  ? 1545 VAL A O   1 
ATOM   374  C CB  . VAL A 1 47  ? 1.473   13.491  12.913  1.00 70.05  ? 1545 VAL A CB  1 
ATOM   375  C CG1 . VAL A 1 47  ? 1.350   12.701  14.215  1.00 73.07  ? 1545 VAL A CG1 1 
ATOM   376  C CG2 . VAL A 1 47  ? 1.352   14.986  13.190  1.00 70.67  ? 1545 VAL A CG2 1 
ATOM   377  N N   . ASN A 1 48  ? 2.231   11.279  10.629  1.00 56.76  ? 1546 ASN A N   1 
ATOM   378  C CA  . ASN A 1 48  ? 2.167   9.883   10.164  1.00 54.78  ? 1546 ASN A CA  1 
ATOM   379  C C   . ASN A 1 48  ? 2.847   9.707   8.801   1.00 54.89  ? 1546 ASN A C   1 
ATOM   380  O O   . ASN A 1 48  ? 2.144   9.675   7.775   1.00 51.97  ? 1546 ASN A O   1 
ATOM   381  C CB  . ASN A 1 48  ? 0.707   9.388   10.123  1.00 54.92  ? 1546 ASN A CB  1 
ATOM   382  C CG  . ASN A 1 48  ? -0.018  9.545   11.433  1.00 77.32  ? 1546 ASN A CG  1 
ATOM   383  O OD1 . ASN A 1 48  ? 0.266   8.851   12.416  1.00 71.27  ? 1546 ASN A OD1 1 
ATOM   384  N ND2 . ASN A 1 48  ? -0.956  10.480  11.477  1.00 67.91  ? 1546 ASN A ND2 1 
ATOM   385  N N   . PRO A 1 49  ? 4.205   9.572   8.769   1.00 51.14  ? 1547 PRO A N   1 
ATOM   386  C CA  . PRO A 1 49  ? 4.898   9.422   7.473   1.00 49.62  ? 1547 PRO A CA  1 
ATOM   387  C C   . PRO A 1 49  ? 4.681   8.078   6.784   1.00 54.32  ? 1547 PRO A C   1 
ATOM   388  O O   . PRO A 1 49  ? 4.444   7.057   7.437   1.00 56.27  ? 1547 PRO A O   1 
ATOM   389  C CB  . PRO A 1 49  ? 6.370   9.685   7.805   1.00 53.18  ? 1547 PRO A CB  1 
ATOM   390  C CG  . PRO A 1 49  ? 6.503   9.411   9.254   1.00 60.09  ? 1547 PRO A CG  1 
ATOM   391  C CD  . PRO A 1 49  ? 5.160   9.570   9.900   1.00 55.34  ? 1547 PRO A CD  1 
ATOM   392  N N   . MET A 1 50  ? 4.703   8.105   5.444   1.00 48.19  ? 1548 MET A N   1 
ATOM   393  C CA  . MET A 1 50  ? 4.488   6.935   4.605   1.00 46.71  ? 1548 MET A CA  1 
ATOM   394  C C   . MET A 1 50  ? 5.289   7.045   3.304   1.00 49.73  ? 1548 MET A C   1 
ATOM   395  O O   . MET A 1 50  ? 5.505   8.144   2.781   1.00 48.90  ? 1548 MET A O   1 
ATOM   396  C CB  . MET A 1 50  ? 2.984   6.722   4.342   1.00 46.90  ? 1548 MET A CB  1 
ATOM   397  C CG  . MET A 1 50  ? 2.619   5.314   3.818   1.00 49.93  ? 1548 MET A CG  1 
ATOM   398  S SD  . MET A 1 50  ? 3.302   3.856   4.679   1.00 55.47  ? 1548 MET A SD  1 
ATOM   399  C CE  . MET A 1 50  ? 2.568   4.043   6.308   1.00 52.80  ? 1548 MET A CE  1 
ATOM   400  N N   . ASP A 1 51  ? 5.754   5.896   2.812   1.00 45.10  ? 1549 ASP A N   1 
ATOM   401  C CA  . ASP A 1 51  ? 6.532   5.764   1.588   1.00 44.32  ? 1549 ASP A CA  1 
ATOM   402  C C   . ASP A 1 51  ? 6.336   4.357   0.993   1.00 49.10  ? 1549 ASP A C   1 
ATOM   403  O O   . ASP A 1 51  ? 5.788   3.464   1.663   1.00 47.86  ? 1549 ASP A O   1 
ATOM   404  C CB  . ASP A 1 51  ? 7.997   6.043   1.881   1.00 47.62  ? 1549 ASP A CB  1 
ATOM   405  C CG  . ASP A 1 51  ? 8.545   5.131   2.955   1.00 55.06  ? 1549 ASP A CG  1 
ATOM   406  O OD1 . ASP A 1 51  ? 8.415   5.471   4.147   1.00 58.94  ? 1549 ASP A OD1 1 
ATOM   407  O OD2 . ASP A 1 51  ? 9.044   4.068   2.613   1.00 57.68  ? 1549 ASP A OD2 1 
ATOM   408  N N   . LEU A 1 52  ? 6.787   4.163   -0.266  1.00 45.77  ? 1550 LEU A N   1 
ATOM   409  C CA  . LEU A 1 52  ? 6.607   2.895   -0.962  1.00 45.99  ? 1550 LEU A CA  1 
ATOM   410  C C   . LEU A 1 52  ? 7.423   1.756   -0.316  1.00 51.81  ? 1550 LEU A C   1 
ATOM   411  O O   . LEU A 1 52  ? 6.954   0.623   -0.331  1.00 50.40  ? 1550 LEU A O   1 
ATOM   412  C CB  . LEU A 1 52  ? 6.832   3.022   -2.493  1.00 45.24  ? 1550 LEU A CB  1 
ATOM   413  C CG  . LEU A 1 52  ? 5.881   4.043   -3.216  1.00 46.43  ? 1550 LEU A CG  1 
ATOM   414  C CD1 . LEU A 1 52  ? 6.180   4.148   -4.702  1.00 45.20  ? 1550 LEU A CD1 1 
ATOM   415  C CD2 . LEU A 1 52  ? 4.421   3.682   -3.035  1.00 46.30  ? 1550 LEU A CD2 1 
ATOM   416  N N   . GLU A 1 53  ? 8.547   2.065   0.354   1.00 52.40  ? 1551 GLU A N   1 
ATOM   417  C CA  . GLU A 1 53  ? 9.359   1.044   1.039   1.00 55.80  ? 1551 GLU A CA  1 
ATOM   418  C C   . GLU A 1 53  ? 8.635   0.519   2.292   1.00 58.60  ? 1551 GLU A C   1 
ATOM   419  O O   . GLU A 1 53  ? 8.624   -0.692  2.511   1.00 59.10  ? 1551 GLU A O   1 
ATOM   420  C CB  . GLU A 1 53  ? 10.758  1.581   1.394   1.00 59.26  ? 1551 GLU A CB  1 
ATOM   421  C CG  . GLU A 1 53  ? 11.794  0.509   1.691   1.00 71.29  ? 1551 GLU A CG  1 
ATOM   422  C CD  . GLU A 1 53  ? 13.028  0.994   2.439   1.00 90.24  ? 1551 GLU A CD  1 
ATOM   423  O OE1 . GLU A 1 53  ? 13.406  0.341   3.438   1.00 91.83  ? 1551 GLU A OE1 1 
ATOM   424  O OE2 . GLU A 1 53  ? 13.616  2.022   2.037   1.00 76.10  ? 1551 GLU A OE2 1 
ATOM   425  N N   . THR A 1 54  ? 8.031   1.420   3.099   1.00 53.81  ? 1552 THR A N   1 
ATOM   426  C CA  . THR A 1 54  ? 7.279   1.046   4.307   1.00 54.47  ? 1552 THR A CA  1 
ATOM   427  C C   . THR A 1 54  ? 6.097   0.120   3.927   1.00 56.45  ? 1552 THR A C   1 
ATOM   428  O O   . THR A 1 54  ? 5.803   -0.842  4.646   1.00 57.40  ? 1552 THR A O   1 
ATOM   429  C CB  . THR A 1 54  ? 6.821   2.305   5.076   1.00 59.34  ? 1552 THR A CB  1 
ATOM   430  O OG1 . THR A 1 54  ? 7.952   3.132   5.365   1.00 60.92  ? 1552 THR A OG1 1 
ATOM   431  C CG2 . THR A 1 54  ? 6.106   1.965   6.384   1.00 58.13  ? 1552 THR A CG2 1 
ATOM   432  N N   . ILE A 1 55  ? 5.460   0.401   2.767   1.00 50.41  ? 1553 ILE A N   1 
ATOM   433  C CA  . ILE A 1 55  ? 4.345   -0.377  2.239   1.00 49.58  ? 1553 ILE A CA  1 
ATOM   434  C C   . ILE A 1 55  ? 4.815   -1.792  1.868   1.00 54.74  ? 1553 ILE A C   1 
ATOM   435  O O   . ILE A 1 55  ? 4.172   -2.752  2.279   1.00 55.46  ? 1553 ILE A O   1 
ATOM   436  C CB  . ILE A 1 55  ? 3.574   0.370   1.108   1.00 49.43  ? 1553 ILE A CB  1 
ATOM   437  C CG1 . ILE A 1 55  ? 2.851   1.620   1.697   1.00 47.60  ? 1553 ILE A CG1 1 
ATOM   438  C CG2 . ILE A 1 55  ? 2.571   -0.570  0.404   1.00 48.57  ? 1553 ILE A CG2 1 
ATOM   439  C CD1 . ILE A 1 55  ? 1.958   2.479   0.696   1.00 44.60  ? 1553 ILE A CD1 1 
ATOM   440  N N   . ARG A 1 56  ? 5.956   -1.920  1.167   1.00 52.32  ? 1554 ARG A N   1 
ATOM   441  C CA  . ARG A 1 56  ? 6.526   -3.217  0.806   1.00 54.69  ? 1554 ARG A CA  1 
ATOM   442  C C   . ARG A 1 56  ? 6.886   -4.036  2.050   1.00 63.25  ? 1554 ARG A C   1 
ATOM   443  O O   . ARG A 1 56  ? 6.665   -5.245  2.048   1.00 65.99  ? 1554 ARG A O   1 
ATOM   444  C CB  . ARG A 1 56  ? 7.742   -3.054  -0.097  1.00 55.25  ? 1554 ARG A CB  1 
ATOM   445  C CG  . ARG A 1 56  ? 7.419   -2.466  -1.464  1.00 56.41  ? 1554 ARG A CG  1 
ATOM   446  C CD  . ARG A 1 56  ? 8.629   -2.567  -2.376  1.00 52.88  ? 1554 ARG A CD  1 
ATOM   447  N NE  . ARG A 1 56  ? 8.878   -3.946  -2.781  1.00 53.40  ? 1554 ARG A NE  1 
ATOM   448  C CZ  . ARG A 1 56  ? 10.080  -4.474  -2.967  1.00 64.92  ? 1554 ARG A CZ  1 
ATOM   449  N NH1 . ARG A 1 56  ? 11.171  -3.739  -2.796  1.00 63.41  ? 1554 ARG A NH1 1 
ATOM   450  N NH2 . ARG A 1 56  ? 10.202  -5.732  -3.354  1.00 64.33  ? 1554 ARG A NH2 1 
ATOM   451  N N   . LYS A 1 57  ? 7.391   -3.374  3.122   1.00 60.78  ? 1555 LYS A N   1 
ATOM   452  C CA  . LYS A 1 57  ? 7.724   -4.007  4.411   1.00 63.68  ? 1555 LYS A CA  1 
ATOM   453  C C   . LYS A 1 57  ? 6.428   -4.501  5.073   1.00 65.30  ? 1555 LYS A C   1 
ATOM   454  O O   . LYS A 1 57  ? 6.429   -5.571  5.679   1.00 66.54  ? 1555 LYS A O   1 
ATOM   455  C CB  . LYS A 1 57  ? 8.400   -3.011  5.367   1.00 67.83  ? 1555 LYS A CB  1 
ATOM   456  C CG  . LYS A 1 57  ? 9.846   -2.666  5.073   1.00 84.89  ? 1555 LYS A CG  1 
ATOM   457  C CD  . LYS A 1 57  ? 10.406  -1.872  6.256   1.00 101.69 ? 1555 LYS A CD  1 
ATOM   458  C CE  . LYS A 1 57  ? 11.399  -0.803  5.875   1.00 116.35 ? 1555 LYS A CE  1 
ATOM   459  N NZ  . LYS A 1 57  ? 12.754  -1.365  5.632   1.00 127.68 ? 1555 LYS A NZ  1 
ATOM   460  N N   . ASN A 1 58  ? 5.334   -3.701  4.970   1.00 57.89  ? 1556 ASN A N   1 
ATOM   461  C CA  . ASN A 1 58  ? 4.010   -4.057  5.494   1.00 56.42  ? 1556 ASN A CA  1 
ATOM   462  C C   . ASN A 1 58  ? 3.436   -5.270  4.740   1.00 58.99  ? 1556 ASN A C   1 
ATOM   463  O O   . ASN A 1 58  ? 2.979   -6.223  5.380   1.00 59.18  ? 1556 ASN A O   1 
ATOM   464  C CB  . ASN A 1 58  ? 3.054   -2.855  5.447   1.00 53.09  ? 1556 ASN A CB  1 
ATOM   465  C CG  . ASN A 1 58  ? 3.308   -1.803  6.505   1.00 66.92  ? 1556 ASN A CG  1 
ATOM   466  O OD1 . ASN A 1 58  ? 3.905   -2.056  7.562   1.00 55.27  ? 1556 ASN A OD1 1 
ATOM   467  N ND2 . ASN A 1 58  ? 2.802   -0.605  6.264   1.00 57.77  ? 1556 ASN A ND2 1 
ATOM   468  N N   . ILE A 1 59  ? 3.521   -5.255  3.384   1.00 54.73  ? 1557 ILE A N   1 
ATOM   469  C CA  . ILE A 1 59  ? 3.113   -6.353  2.481   1.00 55.39  ? 1557 ILE A CA  1 
ATOM   470  C C   . ILE A 1 59  ? 3.834   -7.652  2.892   1.00 63.16  ? 1557 ILE A C   1 
ATOM   471  O O   . ILE A 1 59  ? 3.213   -8.715  2.935   1.00 61.96  ? 1557 ILE A O   1 
ATOM   472  C CB  . ILE A 1 59  ? 3.424   -5.962  0.994   1.00 57.11  ? 1557 ILE A CB  1 
ATOM   473  C CG1 . ILE A 1 59  ? 2.456   -4.863  0.481   1.00 54.06  ? 1557 ILE A CG1 1 
ATOM   474  C CG2 . ILE A 1 59  ? 3.444   -7.177  0.057   1.00 58.28  ? 1557 ILE A CG2 1 
ATOM   475  C CD1 . ILE A 1 59  ? 2.882   -4.174  -0.809  1.00 57.75  ? 1557 ILE A CD1 1 
ATOM   476  N N   . SER A 1 60  ? 5.148   -7.543  3.206   1.00 64.63  ? 1558 SER A N   1 
ATOM   477  C CA  . SER A 1 60  ? 6.032   -8.654  3.614   1.00 69.43  ? 1558 SER A CA  1 
ATOM   478  C C   . SER A 1 60  ? 5.622   -9.274  4.947   1.00 75.75  ? 1558 SER A C   1 
ATOM   479  O O   . SER A 1 60  ? 5.904   -10.449 5.186   1.00 78.74  ? 1558 SER A O   1 
ATOM   480  C CB  . SER A 1 60  ? 7.480   -8.177  3.713   1.00 75.25  ? 1558 SER A CB  1 
ATOM   481  O OG  . SER A 1 60  ? 7.915   -7.613  2.489   1.00 85.68  ? 1558 SER A OG  1 
ATOM   482  N N   . LYS A 1 61  ? 5.010   -8.461  5.821   1.00 71.19  ? 1559 LYS A N   1 
ATOM   483  C CA  . LYS A 1 61  ? 4.521   -8.844  7.143   1.00 73.47  ? 1559 LYS A CA  1 
ATOM   484  C C   . LYS A 1 61  ? 3.032   -9.217  7.059   1.00 76.64  ? 1559 LYS A C   1 
ATOM   485  O O   . LYS A 1 61  ? 2.425   -9.544  8.084   1.00 78.83  ? 1559 LYS A O   1 
ATOM   486  C CB  . LYS A 1 61  ? 4.744   -7.693  8.148   1.00 75.78  ? 1559 LYS A CB  1 
ATOM   487  C CG  . LYS A 1 61  ? 6.213   -7.433  8.484   1.00 90.37  ? 1559 LYS A CG  1 
ATOM   488  C CD  . LYS A 1 61  ? 6.419   -6.045  9.083   1.00 97.21  ? 1559 LYS A CD  1 
ATOM   489  N N   . HIS A 1 62  ? 2.455   -9.170  5.827   1.00 69.58  ? 1560 HIS A N   1 
ATOM   490  C CA  . HIS A 1 62  ? 1.055   -9.478  5.488   1.00 67.33  ? 1560 HIS A CA  1 
ATOM   491  C C   . HIS A 1 62  ? 0.045   -8.626  6.262   1.00 70.42  ? 1560 HIS A C   1 
ATOM   492  O O   . HIS A 1 62  ? -0.971  -9.143  6.728   1.00 72.63  ? 1560 HIS A O   1 
ATOM   493  C CB  . HIS A 1 62  ? 0.749   -10.988 5.630   1.00 70.34  ? 1560 HIS A CB  1 
ATOM   494  C CG  . HIS A 1 62  ? 1.713   -11.875 4.913   1.00 75.47  ? 1560 HIS A CG  1 
ATOM   495  N ND1 . HIS A 1 62  ? 1.712   -11.976 3.535   1.00 75.55  ? 1560 HIS A ND1 1 
ATOM   496  C CD2 . HIS A 1 62  ? 2.679   -12.685 5.410   1.00 80.82  ? 1560 HIS A CD2 1 
ATOM   497  C CE1 . HIS A 1 62  ? 2.682   -12.827 3.237   1.00 77.52  ? 1560 HIS A CE1 1 
ATOM   498  N NE2 . HIS A 1 62  ? 3.288   -13.281 4.333   1.00 81.02  ? 1560 HIS A NE2 1 
ATOM   499  N N   . LYS A 1 63  ? 0.317   -7.316  6.388   1.00 64.55  ? 1561 LYS A N   1 
ATOM   500  C CA  . LYS A 1 63  ? -0.538  -6.349  7.090   1.00 62.34  ? 1561 LYS A CA  1 
ATOM   501  C C   . LYS A 1 63  ? -1.911  -6.239  6.415   1.00 62.95  ? 1561 LYS A C   1 
ATOM   502  O O   . LYS A 1 63  ? -2.940  -6.204  7.103   1.00 63.14  ? 1561 LYS A O   1 
ATOM   503  C CB  . LYS A 1 63  ? 0.155   -4.964  7.123   1.00 62.71  ? 1561 LYS A CB  1 
ATOM   504  C CG  . LYS A 1 63  ? -0.591  -3.901  7.940   1.00 66.41  ? 1561 LYS A CG  1 
ATOM   505  C CD  . LYS A 1 63  ? -0.025  -2.502  7.762   1.00 62.84  ? 1561 LYS A CD  1 
ATOM   506  C CE  . LYS A 1 63  ? -1.011  -1.452  8.222   1.00 72.58  ? 1561 LYS A CE  1 
ATOM   507  N NZ  . LYS A 1 63  ? -0.433  -0.077  8.177   1.00 75.70  ? 1561 LYS A NZ  1 
ATOM   508  N N   . TYR A 1 64  ? -1.909  -6.230  5.065   1.00 56.25  ? 1562 TYR A N   1 
ATOM   509  C CA  . TYR A 1 64  ? -3.079  -6.069  4.202   1.00 52.85  ? 1562 TYR A CA  1 
ATOM   510  C C   . TYR A 1 64  ? -3.780  -7.390  3.841   1.00 59.39  ? 1562 TYR A C   1 
ATOM   511  O O   . TYR A 1 64  ? -3.224  -8.232  3.130   1.00 59.80  ? 1562 TYR A O   1 
ATOM   512  C CB  . TYR A 1 64  ? -2.700  -5.269  2.942   1.00 49.86  ? 1562 TYR A CB  1 
ATOM   513  C CG  . TYR A 1 64  ? -1.784  -4.091  3.210   1.00 48.64  ? 1562 TYR A CG  1 
ATOM   514  C CD1 . TYR A 1 64  ? -2.181  -3.045  4.045   1.00 49.24  ? 1562 TYR A CD1 1 
ATOM   515  C CD2 . TYR A 1 64  ? -0.528  -4.009  2.612   1.00 48.33  ? 1562 TYR A CD2 1 
ATOM   516  C CE1 . TYR A 1 64  ? -1.335  -1.974  4.311   1.00 46.52  ? 1562 TYR A CE1 1 
ATOM   517  C CE2 . TYR A 1 64  ? 0.304   -2.915  2.832   1.00 48.14  ? 1562 TYR A CE2 1 
ATOM   518  C CZ  . TYR A 1 64  ? -0.101  -1.906  3.691   1.00 52.01  ? 1562 TYR A CZ  1 
ATOM   519  O OH  . TYR A 1 64  ? 0.721   -0.834  3.927   1.00 53.71  ? 1562 TYR A OH  1 
ATOM   520  N N   . GLN A 1 65  ? -5.019  -7.549  4.345   1.00 56.90  ? 1563 GLN A N   1 
ATOM   521  C CA  . GLN A 1 65  ? -5.889  -8.716  4.123   1.00 57.53  ? 1563 GLN A CA  1 
ATOM   522  C C   . GLN A 1 65  ? -6.896  -8.403  3.004   1.00 58.37  ? 1563 GLN A C   1 
ATOM   523  O O   . GLN A 1 65  ? -7.547  -9.303  2.470   1.00 56.94  ? 1563 GLN A O   1 
ATOM   524  C CB  . GLN A 1 65  ? -6.632  -9.077  5.422   1.00 60.27  ? 1563 GLN A CB  1 
ATOM   525  C CG  . GLN A 1 65  ? -5.943  -10.168 6.222   1.00 73.46  ? 1563 GLN A CG  1 
ATOM   526  C CD  . GLN A 1 65  ? -5.119  -9.640  7.362   1.00 94.20  ? 1563 GLN A CD  1 
ATOM   527  O OE1 . GLN A 1 65  ? -5.556  -9.643  8.518   1.00 90.42  ? 1563 GLN A OE1 1 
ATOM   528  N NE2 . GLN A 1 65  ? -3.888  -9.224  7.068   1.00 86.47  ? 1563 GLN A NE2 1 
ATOM   529  N N   . SER A 1 66  ? -7.008  -7.109  2.660   1.00 52.05  ? 1564 SER A N   1 
ATOM   530  C CA  . SER A 1 66  ? -7.878  -6.586  1.619   1.00 50.27  ? 1564 SER A CA  1 
ATOM   531  C C   . SER A 1 66  ? -7.190  -5.354  1.053   1.00 51.43  ? 1564 SER A C   1 
ATOM   532  O O   . SER A 1 66  ? -6.300  -4.801  1.692   1.00 48.09  ? 1564 SER A O   1 
ATOM   533  C CB  . SER A 1 66  ? -9.253  -6.235  2.192   1.00 55.21  ? 1564 SER A CB  1 
ATOM   534  O OG  . SER A 1 66  ? -9.160  -5.154  3.108   1.00 69.60  ? 1564 SER A OG  1 
ATOM   535  N N   . ARG A 1 67  ? -7.599  -4.930  -0.140  1.00 49.64  ? 1565 ARG A N   1 
ATOM   536  C CA  . ARG A 1 67  ? -7.036  -3.779  -0.834  1.00 48.90  ? 1565 ARG A CA  1 
ATOM   537  C C   . ARG A 1 67  ? -7.337  -2.442  -0.126  1.00 54.54  ? 1565 ARG A C   1 
ATOM   538  O O   . ARG A 1 67  ? -6.630  -1.466  -0.374  1.00 54.27  ? 1565 ARG A O   1 
ATOM   539  C CB  . ARG A 1 67  ? -7.485  -3.770  -2.312  1.00 48.00  ? 1565 ARG A CB  1 
ATOM   540  C CG  . ARG A 1 67  ? -8.939  -3.336  -2.535  1.00 50.11  ? 1565 ARG A CG  1 
ATOM   541  C CD  . ARG A 1 67  ? -9.358  -3.546  -3.969  1.00 54.56  ? 1565 ARG A CD  1 
ATOM   542  N NE  . ARG A 1 67  ? -9.999  -4.851  -4.150  1.00 58.06  ? 1565 ARG A NE  1 
ATOM   543  C CZ  . ARG A 1 67  ? -10.610 -5.236  -5.265  1.00 66.51  ? 1565 ARG A CZ  1 
ATOM   544  N NH1 . ARG A 1 67  ? -10.655 -4.430  -6.316  1.00 56.03  ? 1565 ARG A NH1 1 
ATOM   545  N NH2 . ARG A 1 67  ? -11.192 -6.423  -5.333  1.00 53.88  ? 1565 ARG A NH2 1 
ATOM   546  N N   . GLU A 1 68  ? -8.358  -2.404  0.771   1.00 51.83  ? 1566 GLU A N   1 
ATOM   547  C CA  . GLU A 1 68  ? -8.755  -1.180  1.464   1.00 50.54  ? 1566 GLU A CA  1 
ATOM   548  C C   . GLU A 1 68  ? -7.699  -0.642  2.445   1.00 53.06  ? 1566 GLU A C   1 
ATOM   549  O O   . GLU A 1 68  ? -7.388  0.554   2.384   1.00 51.67  ? 1566 GLU A O   1 
ATOM   550  C CB  . GLU A 1 68  ? -10.130 -1.328  2.141   1.00 52.48  ? 1566 GLU A CB  1 
ATOM   551  C CG  . GLU A 1 68  ? -11.295 -1.194  1.164   1.00 61.97  ? 1566 GLU A CG  1 
ATOM   552  C CD  . GLU A 1 68  ? -11.644 -2.408  0.313   1.00 84.08  ? 1566 GLU A CD  1 
ATOM   553  O OE1 . GLU A 1 68  ? -11.486 -3.548  0.806   1.00 65.20  ? 1566 GLU A OE1 1 
ATOM   554  O OE2 . GLU A 1 68  ? -12.120 -2.218  -0.831  1.00 80.09  ? 1566 GLU A OE2 1 
ATOM   555  N N   . SER A 1 69  ? -7.143  -1.505  3.334   1.00 49.45  ? 1567 SER A N   1 
ATOM   556  C CA  . SER A 1 69  ? -6.117  -1.075  4.302   1.00 48.68  ? 1567 SER A CA  1 
ATOM   557  C C   . SER A 1 69  ? -4.864  -0.641  3.538   1.00 49.27  ? 1567 SER A C   1 
ATOM   558  O O   . SER A 1 69  ? -4.211  0.331   3.931   1.00 46.70  ? 1567 SER A O   1 
ATOM   559  C CB  . SER A 1 69  ? -5.795  -2.179  5.309   1.00 53.75  ? 1567 SER A CB  1 
ATOM   560  O OG  . SER A 1 69  ? -5.609  -3.433  4.675   1.00 64.51  ? 1567 SER A OG  1 
ATOM   561  N N   . PHE A 1 70  ? -4.586  -1.346  2.402   1.00 44.16  ? 1568 PHE A N   1 
ATOM   562  C CA  . PHE A 1 70  ? -3.496  -1.064  1.464   1.00 42.65  ? 1568 PHE A CA  1 
ATOM   563  C C   . PHE A 1 70  ? -3.714  0.317   0.868   1.00 46.97  ? 1568 PHE A C   1 
ATOM   564  O O   . PHE A 1 70  ? -2.773  1.106   0.837   1.00 48.14  ? 1568 PHE A O   1 
ATOM   565  C CB  . PHE A 1 70  ? -3.431  -2.165  0.375   1.00 43.86  ? 1568 PHE A CB  1 
ATOM   566  C CG  . PHE A 1 70  ? -2.484  -1.913  -0.772  1.00 43.60  ? 1568 PHE A CG  1 
ATOM   567  C CD1 . PHE A 1 70  ? -1.110  -2.012  -0.595  1.00 44.73  ? 1568 PHE A CD1 1 
ATOM   568  C CD2 . PHE A 1 70  ? -2.967  -1.599  -2.037  1.00 44.14  ? 1568 PHE A CD2 1 
ATOM   569  C CE1 . PHE A 1 70  ? -0.239  -1.737  -1.646  1.00 45.58  ? 1568 PHE A CE1 1 
ATOM   570  C CE2 . PHE A 1 70  ? -2.089  -1.378  -3.102  1.00 45.63  ? 1568 PHE A CE2 1 
ATOM   571  C CZ  . PHE A 1 70  ? -0.734  -1.430  -2.894  1.00 43.96  ? 1568 PHE A CZ  1 
ATOM   572  N N   . LEU A 1 71  ? -4.972  0.633   0.471   1.00 42.45  ? 1569 LEU A N   1 
ATOM   573  C CA  . LEU A 1 71  ? -5.332  1.921   -0.097  1.00 41.17  ? 1569 LEU A CA  1 
ATOM   574  C C   . LEU A 1 71  ? -5.169  3.069   0.899   1.00 44.47  ? 1569 LEU A C   1 
ATOM   575  O O   . LEU A 1 71  ? -4.704  4.128   0.492   1.00 42.39  ? 1569 LEU A O   1 
ATOM   576  C CB  . LEU A 1 71  ? -6.723  1.908   -0.740  1.00 40.48  ? 1569 LEU A CB  1 
ATOM   577  C CG  . LEU A 1 71  ? -6.765  1.295   -2.149  1.00 45.14  ? 1569 LEU A CG  1 
ATOM   578  C CD1 . LEU A 1 71  ? -8.201  0.988   -2.559  1.00 45.45  ? 1569 LEU A CD1 1 
ATOM   579  C CD2 . LEU A 1 71  ? -6.035  2.177   -3.187  1.00 44.64  ? 1569 LEU A CD2 1 
ATOM   580  N N   . ASP A 1 72  ? -5.430  2.819   2.206   1.00 41.94  ? 1570 ASP A N   1 
ATOM   581  C CA  . ASP A 1 72  ? -5.251  3.797   3.280   1.00 43.18  ? 1570 ASP A CA  1 
ATOM   582  C C   . ASP A 1 72  ? -3.801  4.289   3.370   1.00 46.58  ? 1570 ASP A C   1 
ATOM   583  O O   . ASP A 1 72  ? -3.554  5.503   3.533   1.00 46.55  ? 1570 ASP A O   1 
ATOM   584  C CB  . ASP A 1 72  ? -5.732  3.226   4.626   1.00 46.42  ? 1570 ASP A CB  1 
ATOM   585  C CG  . ASP A 1 72  ? -7.248  3.061   4.745   1.00 54.36  ? 1570 ASP A CG  1 
ATOM   586  O OD1 . ASP A 1 72  ? -7.987  3.669   3.923   1.00 52.63  ? 1570 ASP A OD1 1 
ATOM   587  O OD2 . ASP A 1 72  ? -7.695  2.330   5.660   1.00 57.96  ? 1570 ASP A OD2 1 
ATOM   588  N N   . ASP A 1 73  ? -2.845  3.362   3.196   1.00 40.96  ? 1571 ASP A N   1 
ATOM   589  C CA  . ASP A 1 73  ? -1.438  3.737   3.234   1.00 40.66  ? 1571 ASP A CA  1 
ATOM   590  C C   . ASP A 1 73  ? -0.985  4.444   1.936   1.00 43.96  ? 1571 ASP A C   1 
ATOM   591  O O   . ASP A 1 73  ? -0.235  5.410   2.039   1.00 43.88  ? 1571 ASP A O   1 
ATOM   592  C CB  . ASP A 1 73  ? -0.541  2.561   3.629   1.00 42.93  ? 1571 ASP A CB  1 
ATOM   593  C CG  . ASP A 1 73  ? -0.597  2.233   5.123   1.00 49.70  ? 1571 ASP A CG  1 
ATOM   594  O OD1 . ASP A 1 73  ? -0.781  3.163   5.936   1.00 49.66  ? 1571 ASP A OD1 1 
ATOM   595  O OD2 . ASP A 1 73  ? -0.409  1.060   5.480   1.00 55.00  ? 1571 ASP A OD2 1 
ATOM   596  N N   . VAL A 1 74  ? -1.503  4.048   0.749   1.00 40.58  ? 1572 VAL A N   1 
ATOM   597  C CA  . VAL A 1 74  ? -1.193  4.703   -0.549  1.00 39.07  ? 1572 VAL A CA  1 
ATOM   598  C C   . VAL A 1 74  ? -1.735  6.143   -0.525  1.00 42.12  ? 1572 VAL A C   1 
ATOM   599  O O   . VAL A 1 74  ? -1.057  7.068   -0.979  1.00 40.87  ? 1572 VAL A O   1 
ATOM   600  C CB  . VAL A 1 74  ? -1.814  3.913   -1.739  1.00 42.26  ? 1572 VAL A CB  1 
ATOM   601  C CG1 . VAL A 1 74  ? -1.709  4.683   -3.064  1.00 41.21  ? 1572 VAL A CG1 1 
ATOM   602  C CG2 . VAL A 1 74  ? -1.211  2.505   -1.857  1.00 42.39  ? 1572 VAL A CG2 1 
ATOM   603  N N   . ASN A 1 75  ? -2.968  6.316   -0.011  1.00 38.86  ? 1573 ASN A N   1 
ATOM   604  C CA  . ASN A 1 75  ? -3.614  7.618   0.065   1.00 38.64  ? 1573 ASN A CA  1 
ATOM   605  C C   . ASN A 1 75  ? -2.943  8.549   1.066   1.00 41.22  ? 1573 ASN A C   1 
ATOM   606  O O   . ASN A 1 75  ? -2.912  9.740   0.815   1.00 41.16  ? 1573 ASN A O   1 
ATOM   607  C CB  . ASN A 1 75  ? -5.111  7.482   0.306   1.00 39.47  ? 1573 ASN A CB  1 
ATOM   608  C CG  . ASN A 1 75  ? -5.836  6.988   -0.920  1.00 54.67  ? 1573 ASN A CG  1 
ATOM   609  O OD1 . ASN A 1 75  ? -5.600  7.431   -2.050  1.00 48.70  ? 1573 ASN A OD1 1 
ATOM   610  N ND2 . ASN A 1 75  ? -6.763  6.079   -0.729  1.00 47.25  ? 1573 ASN A ND2 1 
ATOM   611  N N   . LEU A 1 76  ? -2.369  8.011   2.160   1.00 38.70  ? 1574 LEU A N   1 
ATOM   612  C CA  . LEU A 1 76  ? -1.629  8.774   3.167   1.00 40.25  ? 1574 LEU A CA  1 
ATOM   613  C C   . LEU A 1 76  ? -0.379  9.447   2.535   1.00 45.44  ? 1574 LEU A C   1 
ATOM   614  O O   . LEU A 1 76  ? -0.074  10.573  2.900   1.00 49.03  ? 1574 LEU A O   1 
ATOM   615  C CB  . LEU A 1 76  ? -1.254  7.870   4.368   1.00 41.96  ? 1574 LEU A CB  1 
ATOM   616  C CG  . LEU A 1 76  ? -0.462  8.490   5.545   1.00 47.61  ? 1574 LEU A CG  1 
ATOM   617  C CD1 . LEU A 1 76  ? -1.221  9.672   6.171   1.00 46.92  ? 1574 LEU A CD1 1 
ATOM   618  C CD2 . LEU A 1 76  ? -0.202  7.446   6.613   1.00 50.91  ? 1574 LEU A CD2 1 
ATOM   619  N N   . ILE A 1 77  ? 0.278   8.797   1.546   1.00 39.90  ? 1575 ILE A N   1 
ATOM   620  C CA  . ILE A 1 77  ? 1.423   9.352   0.800   1.00 38.64  ? 1575 ILE A CA  1 
ATOM   621  C C   . ILE A 1 77  ? 0.954   10.618  0.083   1.00 43.49  ? 1575 ILE A C   1 
ATOM   622  O O   . ILE A 1 77  ? 1.568   11.684  0.278   1.00 44.11  ? 1575 ILE A O   1 
ATOM   623  C CB  . ILE A 1 77  ? 2.104   8.347   -0.179  1.00 40.45  ? 1575 ILE A CB  1 
ATOM   624  C CG1 . ILE A 1 77  ? 2.539   7.043   0.542   1.00 40.82  ? 1575 ILE A CG1 1 
ATOM   625  C CG2 . ILE A 1 77  ? 3.294   9.011   -0.946  1.00 39.07  ? 1575 ILE A CG2 1 
ATOM   626  C CD1 . ILE A 1 77  ? 3.062   5.906   -0.398  1.00 40.31  ? 1575 ILE A CD1 1 
ATOM   627  N N   . LEU A 1 78  ? -0.177  10.530  -0.674  1.00 38.39  ? 1576 LEU A N   1 
ATOM   628  C CA  . LEU A 1 78  ? -0.725  11.731  -1.319  1.00 38.76  ? 1576 LEU A CA  1 
ATOM   629  C C   . LEU A 1 78  ? -1.076  12.820  -0.297  1.00 39.83  ? 1576 LEU A C   1 
ATOM   630  O O   . LEU A 1 78  ? -0.626  13.961  -0.481  1.00 39.80  ? 1576 LEU A O   1 
ATOM   631  C CB  . LEU A 1 78  ? -1.910  11.435  -2.259  1.00 38.88  ? 1576 LEU A CB  1 
ATOM   632  C CG  . LEU A 1 78  ? -2.707  12.648  -2.833  1.00 43.99  ? 1576 LEU A CG  1 
ATOM   633  C CD1 . LEU A 1 78  ? -1.826  13.528  -3.758  1.00 43.96  ? 1576 LEU A CD1 1 
ATOM   634  C CD2 . LEU A 1 78  ? -3.936  12.150  -3.603  1.00 46.28  ? 1576 LEU A CD2 1 
ATOM   635  N N   . ALA A 1 79  ? -1.823  12.481  0.793   1.00 35.16  ? 1577 ALA A N   1 
ATOM   636  C CA  . ALA A 1 79  ? -2.210  13.550  1.776   1.00 36.54  ? 1577 ALA A CA  1 
ATOM   637  C C   . ALA A 1 79  ? -0.996  14.226  2.465   1.00 42.50  ? 1577 ALA A C   1 
ATOM   638  O O   . ALA A 1 79  ? -1.024  15.442  2.695   1.00 44.66  ? 1577 ALA A O   1 
ATOM   639  C CB  . ALA A 1 79  ? -3.219  13.037  2.802   1.00 36.54  ? 1577 ALA A CB  1 
ATOM   640  N N   . ASN A 1 80  ? 0.079   13.461  2.722   1.00 38.77  ? 1578 ASN A N   1 
ATOM   641  C CA  . ASN A 1 80  ? 1.298   14.011  3.321   1.00 41.03  ? 1578 ASN A CA  1 
ATOM   642  C C   . ASN A 1 80  ? 1.972   15.044  2.415   1.00 45.86  ? 1578 ASN A C   1 
ATOM   643  O O   . ASN A 1 80  ? 2.398   16.105  2.895   1.00 45.56  ? 1578 ASN A O   1 
ATOM   644  C CB  . ASN A 1 80  ? 2.270   12.901  3.715   1.00 40.48  ? 1578 ASN A CB  1 
ATOM   645  C CG  . ASN A 1 80  ? 1.826   12.155  4.948   1.00 53.81  ? 1578 ASN A CG  1 
ATOM   646  O OD1 . ASN A 1 80  ? 0.982   12.628  5.734   1.00 39.97  ? 1578 ASN A OD1 1 
ATOM   647  N ND2 . ASN A 1 80  ? 2.445   11.002  5.178   1.00 43.90  ? 1578 ASN A ND2 1 
ATOM   648  N N   . SER A 1 81  ? 1.984   14.757  1.092   1.00 42.63  ? 1579 SER A N   1 
ATOM   649  C CA  . SER A 1 81  ? 2.566   15.636  0.069   1.00 42.80  ? 1579 SER A CA  1 
ATOM   650  C C   . SER A 1 81  ? 1.747   16.903  -0.066  1.00 46.39  ? 1579 SER A C   1 
ATOM   651  O O   . SER A 1 81  ? 2.326   17.957  -0.259  1.00 50.04  ? 1579 SER A O   1 
ATOM   652  C CB  . SER A 1 81  ? 2.650   14.912  -1.276  1.00 44.16  ? 1579 SER A CB  1 
ATOM   653  O OG  . SER A 1 81  ? 3.320   15.724  -2.225  1.00 44.33  ? 1579 SER A OG  1 
ATOM   654  N N   . VAL A 1 82  ? 0.407   16.812  0.060   1.00 41.18  ? 1580 VAL A N   1 
ATOM   655  C CA  . VAL A 1 82  ? -0.521  17.942  -0.003  1.00 40.42  ? 1580 VAL A CA  1 
ATOM   656  C C   . VAL A 1 82  ? -0.234  18.894  1.196   1.00 45.40  ? 1580 VAL A C   1 
ATOM   657  O O   . VAL A 1 82  ? -0.151  20.110  1.010   1.00 48.22  ? 1580 VAL A O   1 
ATOM   658  C CB  . VAL A 1 82  ? -2.028  17.480  -0.043  1.00 43.20  ? 1580 VAL A CB  1 
ATOM   659  C CG1 . VAL A 1 82  ? -2.988  18.669  0.120   1.00 43.93  ? 1580 VAL A CG1 1 
ATOM   660  C CG2 . VAL A 1 82  ? -2.350  16.712  -1.319  1.00 41.60  ? 1580 VAL A CG2 1 
ATOM   661  N N   . LYS A 1 83  ? -0.059  18.322  2.408   1.00 40.40  ? 1581 LYS A N   1 
ATOM   662  C CA  . LYS A 1 83  ? 0.199   19.061  3.639   1.00 41.56  ? 1581 LYS A CA  1 
ATOM   663  C C   . LYS A 1 83  ? 1.593   19.691  3.615   1.00 50.84  ? 1581 LYS A C   1 
ATOM   664  O O   . LYS A 1 83  ? 1.704   20.907  3.696   1.00 51.80  ? 1581 LYS A O   1 
ATOM   665  C CB  . LYS A 1 83  ? 0.031   18.163  4.878   1.00 42.43  ? 1581 LYS A CB  1 
ATOM   666  C CG  . LYS A 1 83  ? 0.016   18.944  6.193   1.00 54.81  ? 1581 LYS A CG  1 
ATOM   667  C CD  . LYS A 1 83  ? -0.043  18.034  7.409   1.00 58.93  ? 1581 LYS A CD  1 
ATOM   668  C CE  . LYS A 1 83  ? -0.596  18.733  8.628   1.00 61.38  ? 1581 LYS A CE  1 
ATOM   669  N NZ  . LYS A 1 83  ? 0.461   19.455  9.370   1.00 74.22  ? 1581 LYS A NZ  1 
ATOM   670  N N   . TYR A 1 84  ? 2.653   18.870  3.454   1.00 49.42  ? 1582 TYR A N   1 
ATOM   671  C CA  . TYR A 1 84  ? 4.007   19.382  3.490   1.00 49.83  ? 1582 TYR A CA  1 
ATOM   672  C C   . TYR A 1 84  ? 4.377   20.259  2.271   1.00 53.03  ? 1582 TYR A C   1 
ATOM   673  O O   . TYR A 1 84  ? 4.968   21.314  2.474   1.00 53.60  ? 1582 TYR A O   1 
ATOM   674  C CB  . TYR A 1 84  ? 5.030   18.244  3.715   1.00 51.50  ? 1582 TYR A CB  1 
ATOM   675  C CG  . TYR A 1 84  ? 6.436   18.782  3.881   1.00 54.43  ? 1582 TYR A CG  1 
ATOM   676  C CD1 . TYR A 1 84  ? 6.784   19.547  4.991   1.00 58.21  ? 1582 TYR A CD1 1 
ATOM   677  C CD2 . TYR A 1 84  ? 7.392   18.610  2.883   1.00 54.35  ? 1582 TYR A CD2 1 
ATOM   678  C CE1 . TYR A 1 84  ? 8.042   20.121  5.110   1.00 58.12  ? 1582 TYR A CE1 1 
ATOM   679  C CE2 . TYR A 1 84  ? 8.645   19.217  2.972   1.00 56.47  ? 1582 TYR A CE2 1 
ATOM   680  C CZ  . TYR A 1 84  ? 8.966   19.969  4.093   1.00 64.03  ? 1582 TYR A CZ  1 
ATOM   681  O OH  . TYR A 1 84  ? 10.191  20.581  4.221   1.00 66.85  ? 1582 TYR A OH  1 
ATOM   682  N N   . ASN A 1 85  ? 4.057   19.837  1.024   1.00 48.25  ? 1583 ASN A N   1 
ATOM   683  C CA  . ASN A 1 85  ? 4.455   20.618  -0.166  1.00 47.00  ? 1583 ASN A CA  1 
ATOM   684  C C   . ASN A 1 85  ? 3.351   21.471  -0.807  1.00 49.67  ? 1583 ASN A C   1 
ATOM   685  O O   . ASN A 1 85  ? 3.645   22.295  -1.664  1.00 48.27  ? 1583 ASN A O   1 
ATOM   686  C CB  . ASN A 1 85  ? 5.080   19.719  -1.237  1.00 41.31  ? 1583 ASN A CB  1 
ATOM   687  C CG  . ASN A 1 85  ? 5.987   18.659  -0.715  1.00 53.03  ? 1583 ASN A CG  1 
ATOM   688  O OD1 . ASN A 1 85  ? 7.089   18.922  -0.254  1.00 43.19  ? 1583 ASN A OD1 1 
ATOM   689  N ND2 . ASN A 1 85  ? 5.553   17.422  -0.813  1.00 46.30  ? 1583 ASN A ND2 1 
ATOM   690  N N   . GLY A 1 86  ? 2.099   21.256  -0.431  1.00 47.82  ? 1584 GLY A N   1 
ATOM   691  C CA  . GLY A 1 86  ? 1.001   22.012  -1.017  1.00 47.59  ? 1584 GLY A CA  1 
ATOM   692  C C   . GLY A 1 86  ? 0.467   21.391  -2.292  1.00 49.99  ? 1584 GLY A C   1 
ATOM   693  O O   . GLY A 1 86  ? 1.158   20.590  -2.930  1.00 49.43  ? 1584 GLY A O   1 
ATOM   694  N N   . PRO A 1 87  ? -0.757  21.781  -2.698  1.00 46.62  ? 1585 PRO A N   1 
ATOM   695  C CA  . PRO A 1 87  ? -1.368  21.188  -3.895  1.00 46.23  ? 1585 PRO A CA  1 
ATOM   696  C C   . PRO A 1 87  ? -0.735  21.515  -5.250  1.00 54.30  ? 1585 PRO A C   1 
ATOM   697  O O   . PRO A 1 87  ? -0.944  20.766  -6.194  1.00 56.24  ? 1585 PRO A O   1 
ATOM   698  C CB  . PRO A 1 87  ? -2.812  21.710  -3.835  1.00 48.44  ? 1585 PRO A CB  1 
ATOM   699  C CG  . PRO A 1 87  ? -2.705  23.009  -3.103  1.00 53.77  ? 1585 PRO A CG  1 
ATOM   700  C CD  . PRO A 1 87  ? -1.689  22.730  -2.038  1.00 48.97  ? 1585 PRO A CD  1 
ATOM   701  N N   . GLU A 1 88  ? -0.032  22.627  -5.368  1.00 53.42  ? 1586 GLU A N   1 
ATOM   702  C CA  . GLU A 1 88  ? 0.583   23.072  -6.622  1.00 55.06  ? 1586 GLU A CA  1 
ATOM   703  C C   . GLU A 1 88  ? 1.949   22.410  -6.901  1.00 58.28  ? 1586 GLU A C   1 
ATOM   704  O O   . GLU A 1 88  ? 2.413   22.404  -8.051  1.00 59.76  ? 1586 GLU A O   1 
ATOM   705  C CB  . GLU A 1 88  ? 0.776   24.595  -6.590  1.00 58.27  ? 1586 GLU A CB  1 
ATOM   706  C CG  . GLU A 1 88  ? -0.508  25.402  -6.643  1.00 73.77  ? 1586 GLU A CG  1 
ATOM   707  C CD  . GLU A 1 88  ? -0.360  26.882  -6.330  1.00 101.19 ? 1586 GLU A CD  1 
ATOM   708  O OE1 . GLU A 1 88  ? -1.195  27.402  -5.553  1.00 108.48 ? 1586 GLU A OE1 1 
ATOM   709  O OE2 . GLU A 1 88  ? 0.584   27.523  -6.853  1.00 85.98  ? 1586 GLU A OE2 1 
ATOM   710  N N   . SER A 1 89  ? 2.600   21.899  -5.839  1.00 50.62  ? 1587 SER A N   1 
ATOM   711  C CA  . SER A 1 89  ? 3.916   21.274  -5.866  1.00 48.11  ? 1587 SER A CA  1 
ATOM   712  C C   . SER A 1 89  ? 4.049   20.161  -6.887  1.00 52.94  ? 1587 SER A C   1 
ATOM   713  O O   . SER A 1 89  ? 3.100   19.404  -7.097  1.00 52.59  ? 1587 SER A O   1 
ATOM   714  C CB  . SER A 1 89  ? 4.250   20.728  -4.487  1.00 46.64  ? 1587 SER A CB  1 
ATOM   715  O OG  . SER A 1 89  ? 5.563   20.197  -4.476  1.00 51.34  ? 1587 SER A OG  1 
ATOM   716  N N   . GLN A 1 90  ? 5.245   20.026  -7.487  1.00 50.19  ? 1588 GLN A N   1 
ATOM   717  C CA  . GLN A 1 90  ? 5.510   18.918  -8.412  1.00 49.64  ? 1588 GLN A CA  1 
ATOM   718  C C   . GLN A 1 90  ? 5.461   17.591  -7.664  1.00 49.71  ? 1588 GLN A C   1 
ATOM   719  O O   . GLN A 1 90  ? 5.038   16.599  -8.241  1.00 49.08  ? 1588 GLN A O   1 
ATOM   720  C CB  . GLN A 1 90  ? 6.851   19.082  -9.156  1.00 51.82  ? 1588 GLN A CB  1 
ATOM   721  C CG  . GLN A 1 90  ? 6.817   20.147  -10.264 1.00 68.45  ? 1588 GLN A CG  1 
ATOM   722  C CD  . GLN A 1 90  ? 6.033   19.839  -11.537 1.00 83.54  ? 1588 GLN A CD  1 
ATOM   723  O OE1 . GLN A 1 90  ? 6.302   20.433  -12.591 1.00 71.81  ? 1588 GLN A OE1 1 
ATOM   724  N NE2 . GLN A 1 90  ? 5.051   18.924  -11.496 1.00 76.70  ? 1588 GLN A NE2 1 
ATOM   725  N N   . TYR A 1 91  ? 5.828   17.597  -6.358  1.00 44.58  ? 1589 TYR A N   1 
ATOM   726  C CA  . TYR A 1 91  ? 5.813   16.419  -5.481  1.00 42.67  ? 1589 TYR A CA  1 
ATOM   727  C C   . TYR A 1 91  ? 4.391   15.872  -5.319  1.00 44.90  ? 1589 TYR A C   1 
ATOM   728  O O   . TYR A 1 91  ? 4.203   14.659  -5.259  1.00 43.56  ? 1589 TYR A O   1 
ATOM   729  C CB  . TYR A 1 91  ? 6.416   16.762  -4.105  1.00 42.61  ? 1589 TYR A CB  1 
ATOM   730  C CG  . TYR A 1 91  ? 7.916   16.926  -4.141  1.00 44.56  ? 1589 TYR A CG  1 
ATOM   731  C CD1 . TYR A 1 91  ? 8.760   15.815  -4.173  1.00 46.58  ? 1589 TYR A CD1 1 
ATOM   732  C CD2 . TYR A 1 91  ? 8.501   18.195  -4.137  1.00 45.11  ? 1589 TYR A CD2 1 
ATOM   733  C CE1 . TYR A 1 91  ? 10.145  15.963  -4.223  1.00 47.71  ? 1589 TYR A CE1 1 
ATOM   734  C CE2 . TYR A 1 91  ? 9.882   18.352  -4.177  1.00 45.81  ? 1589 TYR A CE2 1 
ATOM   735  C CZ  . TYR A 1 91  ? 10.702  17.234  -4.175  1.00 52.61  ? 1589 TYR A CZ  1 
ATOM   736  O OH  . TYR A 1 91  ? 12.066  17.383  -4.240  1.00 56.07  ? 1589 TYR A OH  1 
ATOM   737  N N   . THR A 1 92  ? 3.395   16.772  -5.249  1.00 40.99  ? 1590 THR A N   1 
ATOM   738  C CA  . THR A 1 92  ? 1.992   16.414  -5.101  1.00 39.42  ? 1590 THR A CA  1 
ATOM   739  C C   . THR A 1 92  ? 1.444   15.896  -6.400  1.00 44.05  ? 1590 THR A C   1 
ATOM   740  O O   . THR A 1 92  ? 0.682   14.925  -6.373  1.00 43.58  ? 1590 THR A O   1 
ATOM   741  C CB  . THR A 1 92  ? 1.212   17.594  -4.511  1.00 45.64  ? 1590 THR A CB  1 
ATOM   742  O OG1 . THR A 1 92  ? 1.766   17.850  -3.230  1.00 48.06  ? 1590 THR A OG1 1 
ATOM   743  C CG2 . THR A 1 92  ? -0.284  17.316  -4.364  1.00 40.52  ? 1590 THR A CG2 1 
ATOM   744  N N   . LYS A 1 93  ? 1.822   16.514  -7.543  1.00 41.58  ? 1591 LYS A N   1 
ATOM   745  C CA  . LYS A 1 93  ? 1.354   16.018  -8.843  1.00 42.27  ? 1591 LYS A CA  1 
ATOM   746  C C   . LYS A 1 93  ? 1.822   14.563  -9.057  1.00 46.37  ? 1591 LYS A C   1 
ATOM   747  O O   . LYS A 1 93  ? 1.021   13.714  -9.466  1.00 45.58  ? 1591 LYS A O   1 
ATOM   748  C CB  . LYS A 1 93  ? 1.787   16.935  -9.980  1.00 44.93  ? 1591 LYS A CB  1 
ATOM   749  C CG  . LYS A 1 93  ? 1.177   18.326  -9.847  1.00 61.41  ? 1591 LYS A CG  1 
ATOM   750  C CD  . LYS A 1 93  ? 1.762   19.303  -10.845 1.00 72.91  ? 1591 LYS A CD  1 
ATOM   751  C CE  . LYS A 1 93  ? 1.191   20.688  -10.697 1.00 81.10  ? 1591 LYS A CE  1 
ATOM   752  N NZ  . LYS A 1 93  ? 1.578   21.540  -11.845 1.00 89.82  ? 1591 LYS A NZ  1 
ATOM   753  N N   . THR A 1 94  ? 3.089   14.273  -8.677  1.00 42.03  ? 1592 THR A N   1 
ATOM   754  C CA  . THR A 1 94  ? 3.696   12.944  -8.751  1.00 40.74  ? 1592 THR A CA  1 
ATOM   755  C C   . THR A 1 94  ? 2.998   11.983  -7.797  1.00 44.13  ? 1592 THR A C   1 
ATOM   756  O O   . THR A 1 94  ? 2.575   10.903  -8.224  1.00 42.84  ? 1592 THR A O   1 
ATOM   757  C CB  . THR A 1 94  ? 5.224   13.027  -8.572  1.00 46.34  ? 1592 THR A CB  1 
ATOM   758  O OG1 . THR A 1 94  ? 5.733   13.769  -9.670  1.00 51.16  ? 1592 THR A OG1 1 
ATOM   759  C CG2 . THR A 1 94  ? 5.892   11.656  -8.584  1.00 42.21  ? 1592 THR A CG2 1 
ATOM   760  N N   . ALA A 1 95  ? 2.829   12.390  -6.524  1.00 41.76  ? 1593 ALA A N   1 
ATOM   761  C CA  . ALA A 1 95  ? 2.091   11.594  -5.526  1.00 40.40  ? 1593 ALA A CA  1 
ATOM   762  C C   . ALA A 1 95  ? 0.705   11.243  -6.068  1.00 41.02  ? 1593 ALA A C   1 
ATOM   763  O O   . ALA A 1 95  ? 0.241   10.119  -5.878  1.00 36.92  ? 1593 ALA A O   1 
ATOM   764  C CB  . ALA A 1 95  ? 1.936   12.384  -4.237  1.00 41.05  ? 1593 ALA A CB  1 
ATOM   765  N N   . GLN A 1 96  ? 0.041   12.208  -6.752  1.00 38.46  ? 1594 GLN A N   1 
ATOM   766  C CA  . GLN A 1 96  ? -1.291  11.956  -7.319  1.00 37.79  ? 1594 GLN A CA  1 
ATOM   767  C C   . GLN A 1 96  ? -1.235  10.870  -8.432  1.00 42.66  ? 1594 GLN A C   1 
ATOM   768  O O   . GLN A 1 96  ? -2.127  10.038  -8.506  1.00 43.17  ? 1594 GLN A O   1 
ATOM   769  C CB  . GLN A 1 96  ? -1.958  13.262  -7.793  1.00 38.98  ? 1594 GLN A CB  1 
ATOM   770  C CG  . GLN A 1 96  ? -3.318  13.080  -8.475  1.00 35.18  ? 1594 GLN A CG  1 
ATOM   771  C CD  . GLN A 1 96  ? -4.368  12.633  -7.514  1.00 47.43  ? 1594 GLN A CD  1 
ATOM   772  O OE1 . GLN A 1 96  ? -4.831  13.401  -6.691  1.00 44.10  ? 1594 GLN A OE1 1 
ATOM   773  N NE2 . GLN A 1 96  ? -4.756  11.374  -7.578  1.00 43.23  ? 1594 GLN A NE2 1 
ATOM   774  N N   . GLU A 1 97  ? -0.193  10.898  -9.272  1.00 41.36  ? 1595 GLU A N   1 
ATOM   775  C CA  . GLU A 1 97  ? 0.045   9.953   -10.371 1.00 42.53  ? 1595 GLU A CA  1 
ATOM   776  C C   . GLU A 1 97  ? 0.272   8.518   -9.845  1.00 45.18  ? 1595 GLU A C   1 
ATOM   777  O O   . GLU A 1 97  ? -0.171  7.555   -10.480 1.00 43.99  ? 1595 GLU A O   1 
ATOM   778  C CB  . GLU A 1 97  ? 1.244   10.431  -11.214 1.00 45.07  ? 1595 GLU A CB  1 
ATOM   779  C CG  . GLU A 1 97  ? 1.340   9.800   -12.596 1.00 58.35  ? 1595 GLU A CG  1 
ATOM   780  C CD  . GLU A 1 97  ? 2.209   10.548  -13.593 1.00 73.55  ? 1595 GLU A CD  1 
ATOM   781  O OE1 . GLU A 1 97  ? 3.004   9.886   -14.302 1.00 53.19  ? 1595 GLU A OE1 1 
ATOM   782  O OE2 . GLU A 1 97  ? 2.100   11.795  -13.663 1.00 63.15  ? 1595 GLU A OE2 1 
ATOM   783  N N   . ILE A 1 98  ? 0.954   8.402   -8.680  1.00 41.48  ? 1596 ILE A N   1 
ATOM   784  C CA  . ILE A 1 98  ? 1.246   7.154   -7.966  1.00 41.45  ? 1596 ILE A CA  1 
ATOM   785  C C   . ILE A 1 98  ? -0.089  6.532   -7.514  1.00 45.08  ? 1596 ILE A C   1 
ATOM   786  O O   . ILE A 1 98  ? -0.317  5.322   -7.672  1.00 47.04  ? 1596 ILE A O   1 
ATOM   787  C CB  . ILE A 1 98  ? 2.231   7.438   -6.775  1.00 43.96  ? 1596 ILE A CB  1 
ATOM   788  C CG1 . ILE A 1 98  ? 3.683   7.639   -7.289  1.00 43.84  ? 1596 ILE A CG1 1 
ATOM   789  C CG2 . ILE A 1 98  ? 2.168   6.348   -5.663  1.00 44.96  ? 1596 ILE A CG2 1 
ATOM   790  C CD1 . ILE A 1 98  ? 4.695   8.033   -6.205  1.00 39.87  ? 1596 ILE A CD1 1 
ATOM   791  N N   . VAL A 1 99  ? -0.977  7.373   -6.995  1.00 39.12  ? 1597 VAL A N   1 
ATOM   792  C CA  . VAL A 1 99  ? -2.318  6.966   -6.540  1.00 38.04  ? 1597 VAL A CA  1 
ATOM   793  C C   . VAL A 1 99  ? -3.161  6.518   -7.737  1.00 42.57  ? 1597 VAL A C   1 
ATOM   794  O O   . VAL A 1 99  ? -3.724  5.442   -7.673  1.00 42.45  ? 1597 VAL A O   1 
ATOM   795  C CB  . VAL A 1 99  ? -2.986  8.096   -5.697  1.00 40.58  ? 1597 VAL A CB  1 
ATOM   796  C CG1 . VAL A 1 99  ? -4.449  7.790   -5.378  1.00 39.06  ? 1597 VAL A CG1 1 
ATOM   797  C CG2 . VAL A 1 99  ? -2.203  8.320   -4.412  1.00 40.53  ? 1597 VAL A CG2 1 
ATOM   798  N N   . ASN A 1 100 ? -3.187  7.300   -8.842  1.00 41.24  ? 1598 ASN A N   1 
ATOM   799  C CA  . ASN A 1 100 ? -3.953  6.983   -10.062 1.00 42.02  ? 1598 ASN A CA  1 
ATOM   800  C C   . ASN A 1 100 ? -3.561  5.664   -10.698 1.00 48.61  ? 1598 ASN A C   1 
ATOM   801  O O   . ASN A 1 100 ? -4.445  4.916   -11.107 1.00 51.13  ? 1598 ASN A O   1 
ATOM   802  C CB  . ASN A 1 100 ? -3.873  8.123   -11.083 1.00 40.92  ? 1598 ASN A CB  1 
ATOM   803  C CG  . ASN A 1 100 ? -4.571  9.411   -10.653 1.00 59.13  ? 1598 ASN A CG  1 
ATOM   804  O OD1 . ASN A 1 100 ? -5.214  9.504   -9.601  1.00 55.50  ? 1598 ASN A OD1 1 
ATOM   805  N ND2 . ASN A 1 100 ? -4.502  10.428  -11.494 1.00 46.80  ? 1598 ASN A ND2 1 
ATOM   806  N N   . VAL A 1 101 ? -2.252  5.352   -10.755 1.00 44.71  ? 1599 VAL A N   1 
ATOM   807  C CA  . VAL A 1 101 ? -1.794  4.086   -11.319 1.00 45.02  ? 1599 VAL A CA  1 
ATOM   808  C C   . VAL A 1 101 ? -2.150  2.910   -10.396 1.00 46.72  ? 1599 VAL A C   1 
ATOM   809  O O   . VAL A 1 101 ? -2.433  1.832   -10.903 1.00 47.16  ? 1599 VAL A O   1 
ATOM   810  C CB  . VAL A 1 101 ? -0.291  4.090   -11.747 1.00 48.66  ? 1599 VAL A CB  1 
ATOM   811  C CG1 . VAL A 1 101 ? 0.634   4.026   -10.540 1.00 47.14  ? 1599 VAL A CG1 1 
ATOM   812  C CG2 . VAL A 1 101 ? 0.004   2.935   -12.698 1.00 50.19  ? 1599 VAL A CG2 1 
ATOM   813  N N   . CYS A 1 102 ? -2.108  3.117   -9.060  1.00 41.68  ? 1600 CYS A N   1 
ATOM   814  C CA  . CYS A 1 102 ? -2.426  2.096   -8.068  1.00 41.04  ? 1600 CYS A CA  1 
ATOM   815  C C   . CYS A 1 102 ? -3.908  1.718   -8.239  1.00 45.64  ? 1600 CYS A C   1 
ATOM   816  O O   . CYS A 1 102 ? -4.210  0.541   -8.374  1.00 47.02  ? 1600 CYS A O   1 
ATOM   817  C CB  . CYS A 1 102 ? -2.127  2.605   -6.659  1.00 40.57  ? 1600 CYS A CB  1 
ATOM   818  S SG  . CYS A 1 102 ? -2.637  1.486   -5.325  1.00 44.15  ? 1600 CYS A SG  1 
ATOM   819  N N   . TYR A 1 103 ? -4.812  2.717   -8.314  1.00 42.67  ? 1601 TYR A N   1 
ATOM   820  C CA  . TYR A 1 103 ? -6.235  2.457   -8.525  1.00 42.72  ? 1601 TYR A CA  1 
ATOM   821  C C   . TYR A 1 103 ? -6.460  1.806   -9.869  1.00 45.75  ? 1601 TYR A C   1 
ATOM   822  O O   . TYR A 1 103 ? -7.280  0.885   -9.952  1.00 45.74  ? 1601 TYR A O   1 
ATOM   823  C CB  . TYR A 1 103 ? -7.081  3.740   -8.425  1.00 44.09  ? 1601 TYR A CB  1 
ATOM   824  C CG  . TYR A 1 103 ? -7.518  4.070   -7.017  1.00 44.68  ? 1601 TYR A CG  1 
ATOM   825  C CD1 . TYR A 1 103 ? -8.604  3.422   -6.430  1.00 46.26  ? 1601 TYR A CD1 1 
ATOM   826  C CD2 . TYR A 1 103 ? -6.817  4.994   -6.251  1.00 44.33  ? 1601 TYR A CD2 1 
ATOM   827  C CE1 . TYR A 1 103 ? -8.997  3.712   -5.121  1.00 47.03  ? 1601 TYR A CE1 1 
ATOM   828  C CE2 . TYR A 1 103 ? -7.216  5.309   -4.954  1.00 44.80  ? 1601 TYR A CE2 1 
ATOM   829  C CZ  . TYR A 1 103 ? -8.304  4.667   -4.392  1.00 50.98  ? 1601 TYR A CZ  1 
ATOM   830  O OH  . TYR A 1 103 ? -8.662  4.988   -3.106  1.00 53.18  ? 1601 TYR A OH  1 
ATOM   831  N N   . GLN A 1 104 ? -5.701  2.243   -10.913 1.00 41.25  ? 1602 GLN A N   1 
ATOM   832  C CA  . GLN A 1 104 ? -5.846  1.671   -12.253 1.00 42.55  ? 1602 GLN A CA  1 
ATOM   833  C C   . GLN A 1 104 ? -5.483  0.182   -12.296 1.00 46.94  ? 1602 GLN A C   1 
ATOM   834  O O   . GLN A 1 104 ? -6.223  -0.601  -12.905 1.00 48.29  ? 1602 GLN A O   1 
ATOM   835  C CB  . GLN A 1 104 ? -5.070  2.474   -13.297 1.00 44.63  ? 1602 GLN A CB  1 
ATOM   836  C CG  . GLN A 1 104 ? -5.488  2.184   -14.739 1.00 64.97  ? 1602 GLN A CG  1 
ATOM   837  C CD  . GLN A 1 104 ? -4.404  2.511   -15.749 1.00 84.93  ? 1602 GLN A CD  1 
ATOM   838  O OE1 . GLN A 1 104 ? -3.206  2.266   -15.537 1.00 73.94  ? 1602 GLN A OE1 1 
ATOM   839  N NE2 . GLN A 1 104 ? -4.814  3.035   -16.898 1.00 82.69  ? 1602 GLN A NE2 1 
ATOM   840  N N   . THR A 1 105 ? -4.373  -0.210  -11.629 1.00 41.71  ? 1603 THR A N   1 
ATOM   841  C CA  . THR A 1 105 ? -3.936  -1.606  -11.590 1.00 42.15  ? 1603 THR A CA  1 
ATOM   842  C C   . THR A 1 105 ? -4.913  -2.449  -10.767 1.00 46.01  ? 1603 THR A C   1 
ATOM   843  O O   . THR A 1 105 ? -5.203  -3.567  -11.177 1.00 46.06  ? 1603 THR A O   1 
ATOM   844  C CB  . THR A 1 105 ? -2.483  -1.737  -11.123 1.00 47.48  ? 1603 THR A CB  1 
ATOM   845  O OG1 . THR A 1 105 ? -1.693  -0.692  -11.709 1.00 44.13  ? 1603 THR A OG1 1 
ATOM   846  C CG2 . THR A 1 105 ? -1.889  -3.118  -11.446 1.00 43.76  ? 1603 THR A CG2 1 
ATOM   847  N N   . LEU A 1 106 ? -5.450  -1.907  -9.632  1.00 41.85  ? 1604 LEU A N   1 
ATOM   848  C CA  . LEU A 1 106 ? -6.418  -2.669  -8.849  1.00 42.52  ? 1604 LEU A CA  1 
ATOM   849  C C   . LEU A 1 106 ? -7.664  -2.928  -9.695  1.00 49.03  ? 1604 LEU A C   1 
ATOM   850  O O   . LEU A 1 106 ? -8.136  -4.067  -9.717  1.00 49.34  ? 1604 LEU A O   1 
ATOM   851  C CB  . LEU A 1 106 ? -6.791  -1.990  -7.509  1.00 40.83  ? 1604 LEU A CB  1 
ATOM   852  C CG  . LEU A 1 106 ? -5.640  -1.766  -6.498  1.00 43.84  ? 1604 LEU A CG  1 
ATOM   853  C CD1 . LEU A 1 106 ? -6.093  -0.888  -5.380  1.00 43.56  ? 1604 LEU A CD1 1 
ATOM   854  C CD2 . LEU A 1 106 ? -5.114  -3.073  -5.908  1.00 42.18  ? 1604 LEU A CD2 1 
ATOM   855  N N   . THR A 1 107 ? -8.130  -1.906  -10.463 1.00 47.50  ? 1605 THR A N   1 
ATOM   856  C CA  . THR A 1 107 ? -9.299  -2.012  -11.361 1.00 49.62  ? 1605 THR A CA  1 
ATOM   857  C C   . THR A 1 107 ? -9.084  -3.095  -12.426 1.00 55.00  ? 1605 THR A C   1 
ATOM   858  O O   . THR A 1 107 ? -9.954  -3.943  -12.638 1.00 58.42  ? 1605 THR A O   1 
ATOM   859  C CB  . THR A 1 107 ? -9.665  -0.620  -11.938 1.00 56.20  ? 1605 THR A CB  1 
ATOM   860  O OG1 . THR A 1 107 ? -10.128 0.209   -10.867 1.00 51.59  ? 1605 THR A OG1 1 
ATOM   861  C CG2 . THR A 1 107 ? -10.736 -0.689  -13.044 1.00 55.93  ? 1605 THR A CG2 1 
ATOM   862  N N   . GLU A 1 108 ? -7.906  -3.101  -13.037 1.00 51.39  ? 1606 GLU A N   1 
ATOM   863  C CA  . GLU A 1 108 ? -7.489  -4.083  -14.043 1.00 52.81  ? 1606 GLU A CA  1 
ATOM   864  C C   . GLU A 1 108 ? -7.485  -5.538  -13.490 1.00 58.22  ? 1606 GLU A C   1 
ATOM   865  O O   . GLU A 1 108 ? -7.900  -6.466  -14.201 1.00 59.49  ? 1606 GLU A O   1 
ATOM   866  C CB  . GLU A 1 108 ? -6.127  -3.668  -14.634 1.00 53.95  ? 1606 GLU A CB  1 
ATOM   867  C CG  . GLU A 1 108 ? -6.246  -2.862  -15.920 1.00 60.62  ? 1606 GLU A CG  1 
ATOM   868  C CD  . GLU A 1 108 ? -5.207  -1.794  -16.234 1.00 70.76  ? 1606 GLU A CD  1 
ATOM   869  O OE1 . GLU A 1 108 ? -3.997  -2.016  -15.993 1.00 46.90  ? 1606 GLU A OE1 1 
ATOM   870  O OE2 . GLU A 1 108 ? -5.610  -0.748  -16.796 1.00 63.21  ? 1606 GLU A OE2 1 
ATOM   871  N N   . TYR A 1 109 ? -7.116  -5.712  -12.192 1.00 52.80  ? 1607 TYR A N   1 
ATOM   872  C CA  . TYR A 1 109 ? -7.053  -7.021  -11.514 1.00 52.37  ? 1607 TYR A CA  1 
ATOM   873  C C   . TYR A 1 109 ? -8.166  -7.263  -10.511 1.00 52.60  ? 1607 TYR A C   1 
ATOM   874  O O   . TYR A 1 109 ? -8.023  -8.116  -9.635  1.00 50.42  ? 1607 TYR A O   1 
ATOM   875  C CB  . TYR A 1 109 ? -5.679  -7.188  -10.825 1.00 53.77  ? 1607 TYR A CB  1 
ATOM   876  C CG  . TYR A 1 109 ? -5.032  -8.541  -11.046 1.00 58.63  ? 1607 TYR A CG  1 
ATOM   877  C CD1 . TYR A 1 109 ? -4.931  -9.090  -12.324 1.00 62.50  ? 1607 TYR A CD1 1 
ATOM   878  C CD2 . TYR A 1 109 ? -4.501  -9.264  -9.982  1.00 60.33  ? 1607 TYR A CD2 1 
ATOM   879  C CE1 . TYR A 1 109 ? -4.305  -10.318 -12.538 1.00 66.77  ? 1607 TYR A CE1 1 
ATOM   880  C CE2 . TYR A 1 109 ? -3.867  -10.492 -10.185 1.00 64.15  ? 1607 TYR A CE2 1 
ATOM   881  C CZ  . TYR A 1 109 ? -3.778  -11.019 -11.465 1.00 75.08  ? 1607 TYR A CZ  1 
ATOM   882  O OH  . TYR A 1 109 ? -3.151  -12.226 -11.683 1.00 81.49  ? 1607 TYR A OH  1 
ATOM   883  N N   . ASP A 1 110 ? -9.283  -6.521  -10.644 1.00 49.39  ? 1608 ASP A N   1 
ATOM   884  C CA  . ASP A 1 110 ? -10.426 -6.522  -9.730  1.00 48.30  ? 1608 ASP A CA  1 
ATOM   885  C C   . ASP A 1 110 ? -10.988 -7.927  -9.428  1.00 50.20  ? 1608 ASP A C   1 
ATOM   886  O O   . ASP A 1 110 ? -11.045 -8.302  -8.255  1.00 48.34  ? 1608 ASP A O   1 
ATOM   887  C CB  . ASP A 1 110 ? -11.538 -5.551  -10.213 1.00 50.20  ? 1608 ASP A CB  1 
ATOM   888  C CG  . ASP A 1 110 ? -12.750 -5.505  -9.308  1.00 56.91  ? 1608 ASP A CG  1 
ATOM   889  O OD1 . ASP A 1 110 ? -12.599 -5.088  -8.147  1.00 54.96  ? 1608 ASP A OD1 1 
ATOM   890  O OD2 . ASP A 1 110 ? -13.847 -5.950  -9.749  1.00 59.55  ? 1608 ASP A OD2 1 
ATOM   891  N N   . GLU A 1 111 ? -11.352 -8.699  -10.449 1.00 47.90  ? 1609 GLU A N   1 
ATOM   892  C CA  . GLU A 1 111 ? -11.905 -10.050 -10.215 1.00 50.37  ? 1609 GLU A CA  1 
ATOM   893  C C   . GLU A 1 111 ? -10.922 -11.022 -9.505  1.00 52.82  ? 1609 GLU A C   1 
ATOM   894  O O   . GLU A 1 111 ? -11.340 -11.758 -8.604  1.00 51.55  ? 1609 GLU A O   1 
ATOM   895  C CB  . GLU A 1 111 ? -12.468 -10.668 -11.497 1.00 54.16  ? 1609 GLU A CB  1 
ATOM   896  C CG  . GLU A 1 111 ? -13.740 -9.997  -11.984 1.00 64.69  ? 1609 GLU A CG  1 
ATOM   897  C CD  . GLU A 1 111 ? -14.067 -10.278 -13.439 1.00 91.34  ? 1609 GLU A CD  1 
ATOM   898  O OE1 . GLU A 1 111 ? -14.047 -11.462 -13.840 1.00 73.79  ? 1609 GLU A OE1 1 
ATOM   899  O OE2 . GLU A 1 111 ? -14.334 -9.308  -14.185 1.00 94.75  ? 1609 GLU A OE2 1 
ATOM   900  N N   . HIS A 1 112 ? -9.632  -10.991 -9.869  1.00 49.34  ? 1610 HIS A N   1 
ATOM   901  C CA  . HIS A 1 112 ? -8.616  -11.809 -9.197  1.00 49.51  ? 1610 HIS A CA  1 
ATOM   902  C C   . HIS A 1 112 ? -8.541  -11.442 -7.699  1.00 52.36  ? 1610 HIS A C   1 
ATOM   903  O O   . HIS A 1 112 ? -8.635  -12.313 -6.835  1.00 51.69  ? 1610 HIS A O   1 
ATOM   904  C CB  . HIS A 1 112 ? -7.240  -11.546 -9.806  1.00 49.12  ? 1610 HIS A CB  1 
ATOM   905  C CG  . HIS A 1 112 ? -6.973  -12.275 -11.068 1.00 54.30  ? 1610 HIS A CG  1 
ATOM   906  N ND1 . HIS A 1 112 ? -7.212  -11.695 -12.296 1.00 56.01  ? 1610 HIS A ND1 1 
ATOM   907  C CD2 . HIS A 1 112 ? -6.424  -13.503 -11.257 1.00 57.60  ? 1610 HIS A CD2 1 
ATOM   908  C CE1 . HIS A 1 112 ? -6.799  -12.584 -13.193 1.00 57.66  ? 1610 HIS A CE1 1 
ATOM   909  N NE2 . HIS A 1 112 ? -6.335  -13.690 -12.611 1.00 58.80  ? 1610 HIS A NE2 1 
ATOM   910  N N   . LEU A 1 113 ? -8.418  -10.143 -7.411  1.00 49.57  ? 1611 LEU A N   1 
ATOM   911  C CA  . LEU A 1 113 ? -8.291  -9.610  -6.049  1.00 49.05  ? 1611 LEU A CA  1 
ATOM   912  C C   . LEU A 1 113 ? -9.511  -9.857  -5.177  1.00 51.88  ? 1611 LEU A C   1 
ATOM   913  O O   . LEU A 1 113 ? -9.343  -10.261 -4.027  1.00 51.48  ? 1611 LEU A O   1 
ATOM   914  C CB  . LEU A 1 113 ? -7.905  -8.124  -6.046  1.00 47.48  ? 1611 LEU A CB  1 
ATOM   915  C CG  . LEU A 1 113 ? -6.573  -7.746  -6.653  1.00 51.71  ? 1611 LEU A CG  1 
ATOM   916  C CD1 . LEU A 1 113 ? -6.571  -6.262  -7.001  1.00 50.01  ? 1611 LEU A CD1 1 
ATOM   917  C CD2 . LEU A 1 113 ? -5.418  -8.086  -5.723  1.00 52.04  ? 1611 LEU A CD2 1 
ATOM   918  N N   . THR A 1 114 ? -10.726 -9.644  -5.719  1.00 49.79  ? 1612 THR A N   1 
ATOM   919  C CA  . THR A 1 114 ? -11.991 -9.916  -5.023  1.00 50.83  ? 1612 THR A CA  1 
ATOM   920  C C   . THR A 1 114 ? -11.995 -11.399 -4.583  1.00 57.90  ? 1612 THR A C   1 
ATOM   921  O O   . THR A 1 114 ? -12.273 -11.691 -3.420  1.00 58.14  ? 1612 THR A O   1 
ATOM   922  C CB  . THR A 1 114 ? -13.187 -9.659  -5.975  1.00 58.82  ? 1612 THR A CB  1 
ATOM   923  O OG1 . THR A 1 114 ? -13.321 -8.261  -6.194  1.00 60.03  ? 1612 THR A OG1 1 
ATOM   924  C CG2 . THR A 1 114 ? -14.521 -10.250 -5.463  1.00 53.57  ? 1612 THR A CG2 1 
ATOM   925  N N   . GLN A 1 115 ? -11.670 -12.316 -5.518  1.00 56.33  ? 1613 GLN A N   1 
ATOM   926  C CA  . GLN A 1 115 ? -11.623 -13.761 -5.266  1.00 58.70  ? 1613 GLN A CA  1 
ATOM   927  C C   . GLN A 1 115 ? -10.640 -14.092 -4.135  1.00 61.54  ? 1613 GLN A C   1 
ATOM   928  O O   . GLN A 1 115 ? -11.021 -14.826 -3.217  1.00 60.76  ? 1613 GLN A O   1 
ATOM   929  C CB  . GLN A 1 115 ? -11.284 -14.539 -6.559  1.00 61.65  ? 1613 GLN A CB  1 
ATOM   930  C CG  . GLN A 1 115 ? -11.433 -16.076 -6.487  1.00 71.20  ? 1613 GLN A CG  1 
ATOM   931  C CD  . GLN A 1 115 ? -12.707 -16.558 -5.842  1.00 84.32  ? 1613 GLN A CD  1 
ATOM   932  O OE1 . GLN A 1 115 ? -12.676 -17.306 -4.865  1.00 82.91  ? 1613 GLN A OE1 1 
ATOM   933  N NE2 . GLN A 1 115 ? -13.854 -16.111 -6.341  1.00 72.02  ? 1613 GLN A NE2 1 
ATOM   934  N N   . LEU A 1 116 ? -9.424  -13.484 -4.157  1.00 55.64  ? 1614 LEU A N   1 
ATOM   935  C CA  . LEU A 1 116 ? -8.432  -13.699 -3.095  1.00 56.80  ? 1614 LEU A CA  1 
ATOM   936  C C   . LEU A 1 116 ? -8.882  -13.141 -1.744  1.00 60.87  ? 1614 LEU A C   1 
ATOM   937  O O   . LEU A 1 116 ? -8.749  -13.833 -0.731  1.00 61.78  ? 1614 LEU A O   1 
ATOM   938  C CB  . LEU A 1 116 ? -7.046  -13.163 -3.463  1.00 56.49  ? 1614 LEU A CB  1 
ATOM   939  C CG  . LEU A 1 116 ? -6.314  -13.910 -4.567  1.00 62.87  ? 1614 LEU A CG  1 
ATOM   940  C CD1 . LEU A 1 116 ? -5.355  -13.009 -5.238  1.00 60.96  ? 1614 LEU A CD1 1 
ATOM   941  C CD2 . LEU A 1 116 ? -5.624  -15.190 -4.050  1.00 68.07  ? 1614 LEU A CD2 1 
ATOM   942  N N   . GLU A 1 117 ? -9.443  -11.914 -1.732  1.00 56.00  ? 1615 GLU A N   1 
ATOM   943  C CA  . GLU A 1 117 ? -9.947  -11.290 -0.510  1.00 54.89  ? 1615 GLU A CA  1 
ATOM   944  C C   . GLU A 1 117 ? -11.014 -12.178 0.102   1.00 58.35  ? 1615 GLU A C   1 
ATOM   945  O O   . GLU A 1 117 ? -10.952 -12.445 1.296   1.00 58.40  ? 1615 GLU A O   1 
ATOM   946  C CB  . GLU A 1 117 ? -10.497 -9.877  -0.766  1.00 53.74  ? 1615 GLU A CB  1 
ATOM   947  C CG  . GLU A 1 117 ? -9.434  -8.834  -1.066  1.00 58.14  ? 1615 GLU A CG  1 
ATOM   948  C CD  . GLU A 1 117 ? -9.958  -7.573  -1.733  1.00 71.10  ? 1615 GLU A CD  1 
ATOM   949  O OE1 . GLU A 1 117 ? -10.993 -7.646  -2.434  1.00 57.78  ? 1615 GLU A OE1 1 
ATOM   950  O OE2 . GLU A 1 117 ? -9.327  -6.507  -1.559  1.00 57.73  ? 1615 GLU A OE2 1 
ATOM   951  N N   . LYS A 1 118 ? -11.932 -12.707 -0.744  1.00 55.44  ? 1616 LYS A N   1 
ATOM   952  C CA  . LYS A 1 118 ? -13.025 -13.624 -0.389  1.00 55.89  ? 1616 LYS A CA  1 
ATOM   953  C C   . LYS A 1 118 ? -12.469 -14.943 0.184   1.00 61.36  ? 1616 LYS A C   1 
ATOM   954  O O   . LYS A 1 118 ? -13.064 -15.501 1.111   1.00 61.72  ? 1616 LYS A O   1 
ATOM   955  C CB  . LYS A 1 118 ? -13.895 -13.912 -1.635  1.00 58.11  ? 1616 LYS A CB  1 
ATOM   956  C CG  . LYS A 1 118 ? -15.236 -14.563 -1.367  1.00 78.12  ? 1616 LYS A CG  1 
ATOM   957  C CD  . LYS A 1 118 ? -15.939 -14.937 -2.678  1.00 91.21  ? 1616 LYS A CD  1 
ATOM   958  C CE  . LYS A 1 118 ? -17.248 -14.209 -2.908  1.00 98.59  ? 1616 LYS A CE  1 
ATOM   959  N NZ  . LYS A 1 118 ? -17.044 -12.777 -3.290  1.00 93.41  ? 1616 LYS A NZ  1 
ATOM   960  N N   . ASP A 1 119 ? -11.331 -15.428 -0.367  1.00 58.13  ? 1617 ASP A N   1 
ATOM   961  C CA  . ASP A 1 119 ? -10.678 -16.676 0.051   1.00 60.38  ? 1617 ASP A CA  1 
ATOM   962  C C   . ASP A 1 119 ? -9.927  -16.526 1.370   1.00 63.33  ? 1617 ASP A C   1 
ATOM   963  O O   . ASP A 1 119 ? -9.922  -17.461 2.178   1.00 63.26  ? 1617 ASP A O   1 
ATOM   964  C CB  . ASP A 1 119 ? -9.747  -17.206 -1.054  1.00 63.41  ? 1617 ASP A CB  1 
ATOM   965  C CG  . ASP A 1 119 ? -10.463 -17.758 -2.281  1.00 75.84  ? 1617 ASP A CG  1 
ATOM   966  O OD1 . ASP A 1 119 ? -11.677 -18.034 -2.191  1.00 75.97  ? 1617 ASP A OD1 1 
ATOM   967  O OD2 . ASP A 1 119 ? -9.817  -17.863 -3.345  1.00 86.99  ? 1617 ASP A OD2 1 
ATOM   968  N N   . ILE A 1 120 ? -9.310  -15.346 1.594   1.00 59.33  ? 1618 ILE A N   1 
ATOM   969  C CA  . ILE A 1 120 ? -8.595  -15.001 2.833   1.00 60.85  ? 1618 ILE A CA  1 
ATOM   970  C C   . ILE A 1 120 ? -9.611  -14.950 3.993   1.00 67.46  ? 1618 ILE A C   1 
ATOM   971  O O   . ILE A 1 120 ? -9.324  -15.436 5.095   1.00 66.61  ? 1618 ILE A O   1 
ATOM   972  C CB  . ILE A 1 120 ? -7.817  -13.664 2.668   1.00 61.11  ? 1618 ILE A CB  1 
ATOM   973  C CG1 . ILE A 1 120 ? -6.501  -13.882 1.888   1.00 61.46  ? 1618 ILE A CG1 1 
ATOM   974  C CG2 . ILE A 1 120 ? -7.553  -12.983 4.027   1.00 61.97  ? 1618 ILE A CG2 1 
ATOM   975  C CD1 . ILE A 1 120 ? -5.898  -12.557 1.259   1.00 65.35  ? 1618 ILE A CD1 1 
ATOM   976  N N   . CYS A 1 121 ? -10.788 -14.354 3.721   1.00 67.36  ? 1619 CYS A N   1 
ATOM   977  C CA  . CYS A 1 121 ? -11.904 -14.266 4.656   1.00 71.10  ? 1619 CYS A CA  1 
ATOM   978  C C   . CYS A 1 121 ? -12.362 -15.680 5.041   1.00 74.27  ? 1619 CYS A C   1 
ATOM   979  O O   . CYS A 1 121 ? -12.502 -15.963 6.229   1.00 75.19  ? 1619 CYS A O   1 
ATOM   980  C CB  . CYS A 1 121 ? -13.048 -13.452 4.055   1.00 72.44  ? 1619 CYS A CB  1 
ATOM   981  S SG  . CYS A 1 121 ? -14.551 -13.411 5.080   1.00 79.47  ? 1619 CYS A SG  1 
ATOM   982  N N   . THR A 1 122 ? -12.549 -16.562 4.041   1.00 70.35  ? 1620 THR A N   1 
ATOM   983  C CA  . THR A 1 122 ? -12.993 -17.948 4.231   1.00 73.67  ? 1620 THR A CA  1 
ATOM   984  C C   . THR A 1 122 ? -11.991 -18.767 5.049   1.00 80.64  ? 1620 THR A C   1 
ATOM   985  O O   . THR A 1 122 ? -12.416 -19.519 5.928   1.00 82.22  ? 1620 THR A O   1 
ATOM   986  C CB  . THR A 1 122 ? -13.345 -18.599 2.881   1.00 82.32  ? 1620 THR A CB  1 
ATOM   987  O OG1 . THR A 1 122 ? -14.214 -17.723 2.162   1.00 82.31  ? 1620 THR A OG1 1 
ATOM   988  C CG2 . THR A 1 122 ? -14.033 -19.953 3.037   1.00 81.33  ? 1620 THR A CG2 1 
ATOM   989  N N   . ALA A 1 123 ? -10.674 -18.590 4.794   1.00 77.81  ? 1621 ALA A N   1 
ATOM   990  C CA  . ALA A 1 123 ? -9.611  -19.308 5.512   1.00 81.05  ? 1621 ALA A CA  1 
ATOM   991  C C   . ALA A 1 123 ? -9.598  -18.966 7.009   1.00 86.07  ? 1621 ALA A C   1 
ATOM   992  O O   . ALA A 1 123 ? -9.443  -19.868 7.838   1.00 88.77  ? 1621 ALA A O   1 
ATOM   993  C CB  . ALA A 1 123 ? -8.258  -19.016 4.888   1.00 81.03  ? 1621 ALA A CB  1 
ATOM   994  N N   . LYS A 1 124 ? -9.815  -17.671 7.341   1.00 79.89  ? 1622 LYS A N   1 
ATOM   995  C CA  . LYS A 1 124 ? -9.859  -17.160 8.712   1.00 80.97  ? 1622 LYS A CA  1 
ATOM   996  C C   . LYS A 1 124 ? -11.060 -17.726 9.461   1.00 88.13  ? 1622 LYS A C   1 
ATOM   997  O O   . LYS A 1 124 ? -10.924 -18.099 10.628  1.00 91.14  ? 1622 LYS A O   1 
ATOM   998  C CB  . LYS A 1 124 ? -9.860  -15.622 8.726   1.00 79.89  ? 1622 LYS A CB  1 
ATOM   999  N N   . GLU A 1 125 ? -12.218 -17.837 8.775   1.00 84.06  ? 1623 GLU A N   1 
ATOM   1000 C CA  . GLU A 1 125 ? -13.446 -18.407 9.333   1.00 86.17  ? 1623 GLU A CA  1 
ATOM   1001 C C   . GLU A 1 125 ? -13.318 -19.934 9.462   1.00 94.44  ? 1623 GLU A C   1 
ATOM   1002 O O   . GLU A 1 125 ? -13.864 -20.513 10.403  1.00 96.73  ? 1623 GLU A O   1 
ATOM   1003 C CB  . GLU A 1 125 ? -14.678 -17.999 8.491   1.00 85.25  ? 1623 GLU A CB  1 
ATOM   1004 C CG  . GLU A 1 125 ? -16.032 -18.312 9.122   1.00 97.84  ? 1623 GLU A CG  1 
ATOM   1005 C CD  . GLU A 1 125 ? -16.323 -17.657 10.461  1.00 119.70 ? 1623 GLU A CD  1 
ATOM   1006 O OE1 . GLU A 1 125 ? -16.532 -16.423 10.492  1.00 114.03 ? 1623 GLU A OE1 1 
ATOM   1007 O OE2 . GLU A 1 125 ? -16.359 -18.384 11.480  1.00 117.02 ? 1623 GLU A OE2 1 
ATOM   1008 N N   . ALA A 1 126 ? -12.581 -20.575 8.532   1.00 92.28  ? 1624 ALA A N   1 
ATOM   1009 C CA  . ALA A 1 126 ? -12.328 -22.023 8.555   1.00 96.24  ? 1624 ALA A CA  1 
ATOM   1010 C C   . ALA A 1 126 ? -11.396 -22.386 9.719   1.00 105.35 ? 1624 ALA A C   1 
ATOM   1011 O O   . ALA A 1 126 ? -11.568 -23.442 10.332  1.00 108.35 ? 1624 ALA A O   1 
ATOM   1012 C CB  . ALA A 1 126 ? -11.724 -22.477 7.237   1.00 96.08  ? 1624 ALA A CB  1 
ATOM   1013 N N   . ALA A 1 127 ? -10.429 -21.489 10.035  1.00 102.54 ? 1625 ALA A N   1 
ATOM   1014 C CA  . ALA A 1 127 ? -9.471  -21.642 11.133  1.00 106.18 ? 1625 ALA A CA  1 
ATOM   1015 C C   . ALA A 1 127 ? -10.165 -21.585 12.504  1.00 114.73 ? 1625 ALA A C   1 
ATOM   1016 O O   . ALA A 1 127 ? -9.781  -22.324 13.413  1.00 118.61 ? 1625 ALA A O   1 
ATOM   1017 C CB  . ALA A 1 127 ? -8.401  -20.565 11.042  1.00 104.54 ? 1625 ALA A CB  1 
ATOM   1018 N N   . LEU A 1 128 ? -11.191 -20.718 12.640  1.00 110.54 ? 1626 LEU A N   1 
ATOM   1019 C CA  . LEU A 1 128 ? -11.949 -20.544 13.880  1.00 113.15 ? 1626 LEU A CA  1 
ATOM   1020 C C   . LEU A 1 128 ? -12.924 -21.685 14.158  1.00 121.75 ? 1626 LEU A C   1 
ATOM   1021 O O   . LEU A 1 128 ? -13.111 -22.034 15.325  1.00 125.09 ? 1626 LEU A O   1 
ATOM   1022 C CB  . LEU A 1 128 ? -12.653 -19.181 13.925  1.00 109.87 ? 1626 LEU A CB  1 
ATOM   1023 C CG  . LEU A 1 128 ? -11.725 -17.965 14.006  1.00 112.47 ? 1626 LEU A CG  1 
ATOM   1024 C CD1 . LEU A 1 128 ? -12.435 -16.703 13.563  1.00 108.79 ? 1626 LEU A CD1 1 
ATOM   1025 C CD2 . LEU A 1 128 ? -11.135 -17.799 15.401  1.00 118.32 ? 1626 LEU A CD2 1 
ATOM   1026 N N   . GLU A 1 129 ? -13.532 -22.275 13.104  1.00 118.25 ? 1627 GLU A N   1 
ATOM   1027 C CA  . GLU A 1 129 ? -14.444 -23.417 13.258  1.00 121.73 ? 1627 GLU A CA  1 
ATOM   1028 C C   . GLU A 1 129 ? -13.663 -24.716 13.537  1.00 130.82 ? 1627 GLU A C   1 
ATOM   1029 O O   . GLU A 1 129 ? -14.217 -25.652 14.121  1.00 133.61 ? 1627 GLU A O   1 
ATOM   1030 C CB  . GLU A 1 129 ? -15.437 -23.557 12.081  1.00 120.80 ? 1627 GLU A CB  1 
ATOM   1031 C CG  . GLU A 1 129 ? -14.805 -23.805 10.719  1.00 130.24 ? 1627 GLU A CG  1 
ATOM   1032 C CD  . GLU A 1 129 ? -15.661 -24.446 9.641   1.00 148.60 ? 1627 GLU A CD  1 
ATOM   1033 O OE1 . GLU A 1 129 ? -16.890 -24.586 9.837   1.00 135.96 ? 1627 GLU A OE1 1 
ATOM   1034 O OE2 . GLU A 1 129 ? -15.090 -24.815 8.589   1.00 143.36 ? 1627 GLU A OE2 1 
ATOM   1035 N N   . GLU A 1 130 ? -12.370 -24.751 13.129  1.00 128.27 ? 1628 GLU A N   1 
ATOM   1036 C CA  . GLU A 1 130 ? -11.434 -25.857 13.357  1.00 132.71 ? 1628 GLU A CA  1 
ATOM   1037 C C   . GLU A 1 130 ? -11.036 -25.873 14.836  1.00 141.52 ? 1628 GLU A C   1 
ATOM   1038 O O   . GLU A 1 130 ? -10.926 -26.944 15.435  1.00 145.59 ? 1628 GLU A O   1 
ATOM   1039 C CB  . GLU A 1 130 ? -10.183 -25.687 12.480  1.00 132.33 ? 1628 GLU A CB  1 
ATOM   1040 C CG  . GLU A 1 130 ? -10.182 -26.551 11.232  1.00 143.10 ? 1628 GLU A CG  1 
ATOM   1041 C CD  . GLU A 1 130 ? -9.509  -27.898 11.406  1.00 166.73 ? 1628 GLU A CD  1 
ATOM   1042 O OE1 . GLU A 1 130 ? -8.260  -27.951 11.331  1.00 157.66 ? 1628 GLU A OE1 1 
ATOM   1043 O OE2 . GLU A 1 130 ? -10.229 -28.902 11.608  1.00 164.81 ? 1628 GLU A OE2 1 
ATOM   1044 N N   . ALA A 1 131 ? -10.854 -24.666 15.423  1.00 137.46 ? 1629 ALA A N   1 
ATOM   1045 C CA  . ALA A 1 131 ? -10.498 -24.448 16.827  1.00 141.33 ? 1629 ALA A CA  1 
ATOM   1046 C C   . ALA A 1 131 ? -11.700 -24.643 17.784  1.00 149.51 ? 1629 ALA A C   1 
ATOM   1047 O O   . ALA A 1 131 ? -11.546 -24.491 19.000  1.00 153.42 ? 1629 ALA A O   1 
ATOM   1048 C CB  . ALA A 1 131 ? -9.891  -23.063 17.000  1.00 138.94 ? 1629 ALA A CB  1 
ATOM   1049 N N   . GLU A 1 132 ? -12.885 -24.994 17.234  1.00 144.81 ? 1630 GLU A N   1 
ATOM   1050 C CA  . GLU A 1 132 ? -14.123 -25.250 17.979  1.00 147.01 ? 1630 GLU A CA  1 
ATOM   1051 C C   . GLU A 1 132 ? -14.490 -26.735 17.944  1.00 155.16 ? 1630 GLU A C   1 
ATOM   1052 O O   . GLU A 1 132 ? -15.100 -27.236 18.892  1.00 158.43 ? 1630 GLU A O   1 
ATOM   1053 C CB  . GLU A 1 132 ? -15.277 -24.393 17.437  1.00 144.11 ? 1630 GLU A CB  1 
ATOM   1054 C CG  . GLU A 1 132 ? -15.275 -22.970 17.972  1.00 153.69 ? 1630 GLU A CG  1 
ATOM   1055 C CD  . GLU A 1 132 ? -16.264 -22.014 17.331  1.00 174.64 ? 1630 GLU A CD  1 
ATOM   1056 O OE1 . GLU A 1 132 ? -17.455 -22.382 17.197  1.00 169.79 ? 1630 GLU A OE1 1 
ATOM   1057 O OE2 . GLU A 1 132 ? -15.855 -20.877 17.001  1.00 165.98 ? 1630 GLU A OE2 1 
ATOM   1058 N N   . LEU A 1 133 ? -14.110 -27.437 16.855  1.00 151.55 ? 1631 LEU A N   1 
ATOM   1059 C CA  . LEU A 1 133 ? -14.352 -28.868 16.674  1.00 155.79 ? 1631 LEU A CA  1 
ATOM   1060 C C   . LEU A 1 133 ? -13.462 -29.719 17.591  1.00 165.88 ? 1631 LEU A C   1 
ATOM   1061 O O   . LEU A 1 133 ? -13.813 -30.867 17.879  1.00 170.12 ? 1631 LEU A O   1 
ATOM   1062 C CB  . LEU A 1 133 ? -14.146 -29.283 15.203  1.00 153.44 ? 1631 LEU A CB  1 
ATOM   1063 C CG  . LEU A 1 133 ? -15.336 -29.105 14.249  1.00 154.76 ? 1631 LEU A CG  1 
ATOM   1064 C CD1 . LEU A 1 133 ? -14.873 -29.118 12.806  1.00 151.90 ? 1631 LEU A CD1 1 
ATOM   1065 C CD2 . LEU A 1 133 ? -16.393 -30.190 14.454  1.00 160.28 ? 1631 LEU A CD2 1 
ATOM   1066 N N   . GLU A 1 134 ? -12.319 -29.155 18.044  1.00 162.38 ? 1632 GLU A N   1 
ATOM   1067 C CA  . GLU A 1 134 ? -11.337 -29.809 18.919  1.00 167.69 ? 1632 GLU A CA  1 
ATOM   1068 C C   . GLU A 1 134 ? -11.917 -30.270 20.278  1.00 177.08 ? 1632 GLU A C   1 
ATOM   1069 O O   . GLU A 1 134 ? -11.596 -31.376 20.720  1.00 179.65 ? 1632 GLU A O   1 
ATOM   1070 C CB  . GLU A 1 134 ? -10.078 -28.933 19.108  1.00 167.74 ? 1632 GLU A CB  1 
ATOM   1071 C CG  . GLU A 1 134 ? -10.334 -27.497 19.544  1.00 174.00 ? 1632 GLU A CG  1 
ATOM   1072 C CD  . GLU A 1 134 ? -10.082 -27.155 21.002  1.00 187.79 ? 1632 GLU A CD  1 
ATOM   1073 O OE1 . GLU A 1 134 ? -10.528 -27.916 21.890  1.00 184.44 ? 1632 GLU A OE1 1 
ATOM   1074 O OE2 . GLU A 1 134 ? -9.484  -26.085 21.254  1.00 181.34 ? 1632 GLU A OE2 1 
ATOM   1075 N N   . SER A 1 135 ? -12.783 -29.436 20.912  1.00 172.14 ? 1633 SER A N   1 
ATOM   1076 C CA  . SER A 1 135 ? -13.450 -29.678 22.203  1.00 186.92 ? 1633 SER A CA  1 
ATOM   1077 C C   . SER A 1 135 ? -12.499 -30.072 23.337  1.00 198.57 ? 1633 SER A C   1 
ATOM   1078 O O   . SER A 1 135 ? -12.249 -29.277 24.240  1.00 172.34 ? 1633 SER A O   1 
ATOM   1079 C CB  . SER A 1 135 ? -14.585 -30.691 22.065  1.00 189.78 ? 1633 SER A CB  1 
ATOM   1080 O OG  . SER A 1 135 ? -14.112 -32.004 21.811  1.00 194.07 ? 1633 SER A OG  1 
HETATM 1081 N N1  . 5LV B 2 .   ? 10.110  19.671  -1.097  1.00 60.02  ? 1701 5LV A N1  1 
HETATM 1082 N N3  . 5LV B 2 .   ? 7.608   24.195  5.935   1.00 76.31  ? 1701 5LV A N3  1 
HETATM 1083 C C4  . 5LV B 2 .   ? 12.823  16.550  -0.976  1.00 55.52  ? 1701 5LV A C4  1 
HETATM 1084 C C5  . 5LV B 2 .   ? 13.161  17.894  -1.031  1.00 57.26  ? 1701 5LV A C5  1 
HETATM 1085 C C6  . 5LV B 2 .   ? 10.963  18.649  -0.859  1.00 58.49  ? 1701 5LV A C6  1 
HETATM 1086 C C7  . 5LV B 2 .   ? 10.152  21.070  -0.663  1.00 63.19  ? 1701 5LV A C7  1 
HETATM 1087 C C8  . 5LV B 2 .   ? 10.649  21.122  0.788   1.00 64.84  ? 1701 5LV A C8  1 
HETATM 1088 C C10 . 5LV B 2 .   ? 8.584   23.913  2.218   1.00 71.28  ? 1701 5LV A C10 1 
HETATM 1089 C C13 . 5LV B 2 .   ? 8.557   22.940  -0.022  1.00 66.14  ? 1701 5LV A C13 1 
HETATM 1090 C C15 . 5LV B 2 .   ? 10.541  17.297  -0.558  1.00 54.43  ? 1701 5LV A C15 1 
HETATM 1091 C C17 . 5LV B 2 .   ? 13.879  15.522  -1.201  1.00 53.45  ? 1701 5LV A C17 1 
HETATM 1092 C C20 . 5LV B 2 .   ? 15.233  13.680  -0.407  1.00 53.17  ? 1701 5LV A C20 1 
HETATM 1093 C C21 . 5LV B 2 .   ? 15.550  12.651  0.637   1.00 53.70  ? 1701 5LV A C21 1 
HETATM 1094 C C22 . 5LV B 2 .   ? 14.228  14.615  -0.206  1.00 51.51  ? 1701 5LV A C22 1 
HETATM 1095 O O   . 5LV B 2 .   ? 7.462   15.588  -0.091  1.00 44.22  ? 1701 5LV A O   1 
HETATM 1096 C C16 . 5LV B 2 .   ? 8.676   15.734  -0.232  1.00 48.41  ? 1701 5LV A C16 1 
HETATM 1097 C C1  . 5LV B 2 .   ? 9.621   14.647  -0.405  1.00 49.71  ? 1701 5LV A C1  1 
HETATM 1098 C C   . 5LV B 2 .   ? 9.109   13.229  -0.391  1.00 46.80  ? 1701 5LV A C   1 
HETATM 1099 N N4  . 5LV B 2 .   ? 9.209   16.984  -0.304  1.00 50.82  ? 1701 5LV A N4  1 
HETATM 1100 C C3  . 5LV B 2 .   ? 11.473  16.244  -0.725  1.00 53.77  ? 1701 5LV A C3  1 
HETATM 1101 C C2  . 5LV B 2 .   ? 10.935  14.902  -0.628  1.00 51.88  ? 1701 5LV A C2  1 
HETATM 1102 N N   . 5LV B 2 .   ? 12.293  18.907  -0.937  1.00 58.27  ? 1701 5LV A N   1 
HETATM 1103 O O1  . 5LV B 2 .   ? 14.382  12.103  1.209   1.00 55.03  ? 1701 5LV A O1  1 
HETATM 1104 C C19 . 5LV B 2 .   ? 15.888  13.712  -1.627  1.00 54.64  ? 1701 5LV A C19 1 
HETATM 1105 N N5  . 5LV B 2 .   ? 15.591  14.573  -2.614  1.00 55.45  ? 1701 5LV A N5  1 
HETATM 1106 C C18 . 5LV B 2 .   ? 14.595  15.444  -2.394  1.00 54.49  ? 1701 5LV A C18 1 
HETATM 1107 C C14 . 5LV B 2 .   ? 8.726   21.636  -0.805  1.00 64.51  ? 1701 5LV A C14 1 
HETATM 1108 N N2  . 5LV B 2 .   ? 8.942   22.763  1.377   1.00 68.01  ? 1701 5LV A N2  1 
HETATM 1109 C C9  . 5LV B 2 .   ? 10.371  22.480  1.413   1.00 66.13  ? 1701 5LV A C9  1 
HETATM 1110 C C11 . 5LV B 2 .   ? 8.059   23.509  3.586   1.00 73.18  ? 1701 5LV A C11 1 
HETATM 1111 C C12 . 5LV B 2 .   ? 8.138   24.607  4.629   1.00 75.43  ? 1701 5LV A C12 1 
HETATM 1112 N N1  . 5LV C 2 .   ? 16.068  7.598   -10.608 1.00 43.22  ? 1702 5LV A N1  1 
HETATM 1113 N N3  . 5LV C 2 .   ? 14.187  5.230   -18.933 1.00 73.13  ? 1702 5LV A N3  1 
HETATM 1114 C C4  . 5LV C 2 .   ? 17.188  7.153   -6.615  1.00 35.45  ? 1702 5LV A C4  1 
HETATM 1115 C C5  . 5LV C 2 .   ? 16.600  6.176   -7.396  1.00 31.17  ? 1702 5LV A C5  1 
HETATM 1116 C C6  . 5LV C 2 .   ? 16.480  7.491   -9.329  1.00 35.91  ? 1702 5LV A C6  1 
HETATM 1117 C C7  . 5LV C 2 .   ? 15.906  6.551   -11.607 1.00 52.95  ? 1702 5LV A C7  1 
HETATM 1118 C C8  . 5LV C 2 .   ? 16.152  7.156   -12.982 1.00 58.91  ? 1702 5LV A C8  1 
HETATM 1119 C C10 . 5LV C 2 .   ? 14.102  4.793   -15.118 1.00 68.45  ? 1702 5LV A C10 1 
HETATM 1120 C C13 . 5LV C 2 .   ? 14.251  4.991   -12.696 1.00 61.09  ? 1702 5LV A C13 1 
HETATM 1121 C C15 . 5LV C 2 .   ? 17.035  8.574   -8.586  1.00 35.13  ? 1702 5LV A C15 1 
HETATM 1122 C C17 . 5LV C 2 .   ? 17.515  6.845   -5.193  1.00 45.39  ? 1702 5LV A C17 1 
HETATM 1123 C C20 . 5LV C 2 .   ? 18.210  5.275   -3.478  1.00 58.35  ? 1702 5LV A C20 1 
HETATM 1124 C C21 . 5LV C 2 .   ? 18.662  3.895   -3.068  1.00 64.44  ? 1702 5LV A C21 1 
HETATM 1125 C C22 . 5LV C 2 .   ? 17.847  5.552   -4.792  1.00 50.86  ? 1702 5LV A C22 1 
HETATM 1126 O O   . 5LV C 2 .   ? 17.814  11.971  -9.247  1.00 43.66  ? 1702 5LV A O   1 
HETATM 1127 C C16 . 5LV C 2 .   ? 17.752  10.912  -8.620  1.00 38.56  ? 1702 5LV A C16 1 
HETATM 1128 C C1  . 5LV C 2 .   ? 18.246  10.720  -7.271  1.00 36.09  ? 1702 5LV A C1  1 
HETATM 1129 C C   . 5LV C 2 .   ? 19.045  11.823  -6.627  1.00 35.44  ? 1702 5LV A C   1 
HETATM 1130 N N4  . 5LV C 2 .   ? 17.187  9.820   -9.191  1.00 35.53  ? 1702 5LV A N4  1 
HETATM 1131 C C3  . 5LV C 2 .   ? 17.443  8.388   -7.244  1.00 33.63  ? 1702 5LV A C3  1 
HETATM 1132 C C2  . 5LV C 2 .   ? 18.073  9.535   -6.633  1.00 34.12  ? 1702 5LV A C2  1 
HETATM 1133 N N   . 5LV C 2 .   ? 16.273  6.313   -8.692  1.00 33.84  ? 1702 5LV A N   1 
HETATM 1134 O O1  . 5LV C 2 .   ? 18.135  3.473   -1.813  1.00 68.71  ? 1702 5LV A O1  1 
HETATM 1135 C C19 . 5LV C 2 .   ? 18.196  6.339   -2.590  1.00 60.26  ? 1702 5LV A C19 1 
HETATM 1136 N N5  . 5LV C 2 .   ? 17.871  7.597   -2.927  1.00 58.84  ? 1702 5LV A N5  1 
HETATM 1137 C C18 . 5LV C 2 .   ? 17.543  7.828   -4.206  1.00 52.93  ? 1702 5LV A C18 1 
HETATM 1138 C C14 . 5LV C 2 .   ? 14.502  5.948   -11.521 1.00 57.08  ? 1702 5LV A C14 1 
HETATM 1139 N N2  . 5LV C 2 .   ? 14.445  5.673   -13.988 1.00 64.86  ? 1702 5LV A N2  1 
HETATM 1140 C C9  . 5LV C 2 .   ? 15.841  6.135   -14.077 1.00 63.23  ? 1702 5LV A C9  1 
HETATM 1141 C C11 . 5LV C 2 .   ? 13.970  5.508   -16.459 1.00 71.01  ? 1702 5LV A C11 1 
HETATM 1142 C C12 . 5LV C 2 .   ? 13.878  4.571   -17.652 1.00 72.82  ? 1702 5LV A C12 1 
HETATM 1143 O O   . HOH D 3 .   ? -7.240  13.341  -5.635  1.00 34.56  ? 1801 HOH A O   1 
HETATM 1144 O O   . HOH D 3 .   ? -9.871  -10.501 2.848   1.00 44.02  ? 1802 HOH A O   1 
HETATM 1145 O O   . HOH D 3 .   ? -13.827 -12.608 -8.970  1.00 55.26  ? 1803 HOH A O   1 
HETATM 1146 O O   . HOH D 3 .   ? 13.908  12.629  -11.430 1.00 53.89  ? 1804 HOH A O   1 
HETATM 1147 O O   . HOH D 3 .   ? -3.071  4.315   6.647   1.00 51.42  ? 1805 HOH A O   1 
HETATM 1148 O O   . HOH D 3 .   ? 10.755  -1.096  -9.806  1.00 49.95  ? 1806 HOH A O   1 
HETATM 1149 O O   . HOH D 3 .   ? 16.574  12.153  -11.617 1.00 54.77  ? 1807 HOH A O   1 
HETATM 1150 O O   . HOH D 3 .   ? -3.208  16.563  3.784   1.00 15.39  ? 1808 HOH A O   1 
HETATM 1151 O O   . HOH D 3 .   ? -5.088  11.231  0.306   1.00 22.54  ? 1809 HOH A O   1 
HETATM 1152 O O   . HOH D 3 .   ? 7.570   -6.979  -6.381  1.00 47.17  ? 1810 HOH A O   1 
HETATM 1153 O O   . HOH D 3 .   ? -1.615  13.165  6.271   1.00 45.93  ? 1811 HOH A O   1 
HETATM 1154 O O   . HOH D 3 .   ? 4.831   22.110  -14.127 1.00 50.41  ? 1812 HOH A O   1 
HETATM 1155 O O   . HOH D 3 .   ? 6.863   -7.384  -0.032  1.00 57.91  ? 1813 HOH A O   1 
HETATM 1156 O O   . HOH D 3 .   ? 9.183   9.545   0.910   1.00 34.05  ? 1814 HOH A O   1 
HETATM 1157 O O   . HOH D 3 .   ? 2.546   10.571  -16.889 1.00 47.78  ? 1815 HOH A O   1 
HETATM 1158 O O   . HOH D 3 .   ? 7.575   22.021  -4.427  1.00 24.18  ? 1816 HOH A O   1 
HETATM 1159 O O   . HOH D 3 .   ? 10.392  1.023   -2.302  1.00 51.67  ? 1817 HOH A O   1 
HETATM 1160 O O   . HOH D 3 .   ? 6.564   9.900   0.989   1.00 36.99  ? 1818 HOH A O   1 
HETATM 1161 O O   . HOH D 3 .   ? 5.507   14.325  1.444   1.00 29.69  ? 1819 HOH A O   1 
HETATM 1162 O O   . HOH D 3 .   ? -8.497  5.136   1.150   1.00 38.36  ? 1820 HOH A O   1 
HETATM 1163 O O   . HOH D 3 .   ? 13.164  8.014   -1.880  1.00 49.84  ? 1821 HOH A O   1 
HETATM 1164 O O   . HOH D 3 .   ? -3.155  -13.623 -14.028 1.00 56.55  ? 1822 HOH A O   1 
HETATM 1165 O O   . HOH D 3 .   ? 15.820  18.417  11.683  1.00 65.01  ? 1823 HOH A O   1 
HETATM 1166 O O   . HOH D 3 .   ? 3.408   3.266   -14.157 1.00 48.03  ? 1824 HOH A O   1 
HETATM 1167 O O   . HOH D 3 .   ? -13.627 -18.827 -0.447  1.00 52.41  ? 1825 HOH A O   1 
HETATM 1168 O O   . HOH D 3 .   ? -0.962  14.061  -11.318 1.00 61.13  ? 1826 HOH A O   1 
HETATM 1169 O O   . HOH D 3 .   ? -2.231  -0.175  -14.771 1.00 58.13  ? 1827 HOH A O   1 
HETATM 1170 O O   . HOH D 3 .   ? -4.261  16.062  -6.342  1.00 54.14  ? 1828 HOH A O   1 
HETATM 1171 O O   . HOH D 3 .   ? -14.003 -10.055 -2.053  1.00 52.29  ? 1829 HOH A O   1 
HETATM 1172 O O   . HOH D 3 .   ? 0.639   12.728  8.464   1.00 42.96  ? 1830 HOH A O   1 
HETATM 1173 O O   . HOH D 3 .   ? -11.258 4.137   -2.686  1.00 40.39  ? 1831 HOH A O   1 
HETATM 1174 O O   . HOH D 3 .   ? 2.079   24.260  -12.030 1.00 55.62  ? 1832 HOH A O   1 
HETATM 1175 O O   . HOH D 3 .   ? -15.042 -14.051 -13.879 1.00 44.02  ? 1833 HOH A O   1 
HETATM 1176 O O   . HOH D 3 .   ? -5.278  7.435   4.555   1.00 26.34  ? 1834 HOH A O   1 
HETATM 1177 O O   . HOH D 3 .   ? 14.487  6.930   -21.120 1.00 55.63  ? 1835 HOH A O   1 
HETATM 1178 O O   . HOH D 3 .   ? 12.876  20.219  -3.324  1.00 45.77  ? 1836 HOH A O   1 
HETATM 1179 O O   . HOH D 3 .   ? -3.431  0.406   6.606   1.00 49.63  ? 1837 HOH A O   1 
HETATM 1180 O O   . HOH D 3 .   ? 15.079  3.822   -9.085  1.00 45.49  ? 1838 HOH A O   1 
HETATM 1181 O O   . HOH D 3 .   ? -6.338  -5.714  6.111   1.00 37.49  ? 1839 HOH A O   1 
HETATM 1182 O O   . HOH D 3 .   ? 1.521   -5.492  -11.827 1.00 55.04  ? 1840 HOH A O   1 
HETATM 1183 O O   . HOH D 3 .   ? -2.247  11.682  9.290   1.00 66.48  ? 1841 HOH A O   1 
HETATM 1184 O O   . HOH D 3 .   ? -2.653  11.379  13.530  1.00 60.48  ? 1842 HOH A O   1 
HETATM 1185 O O   . HOH D 3 .   ? -7.042  9.258   -3.633  1.00 30.65  ? 1843 HOH A O   1 
HETATM 1186 O O   . HOH D 3 .   ? -0.655  -3.440  -16.511 1.00 32.84  ? 1844 HOH A O   1 
HETATM 1187 O O   . HOH D 3 .   ? -1.951  21.955  2.161   1.00 25.39  ? 1845 HOH A O   1 
HETATM 1188 O O   . HOH D 3 .   ? 10.856  5.566   -11.503 1.00 31.36  ? 1846 HOH A O   1 
HETATM 1189 O O   . HOH D 3 .   ? -1.056  -15.246 6.594   1.00 63.34  ? 1847 HOH A O   1 
HETATM 1190 O O   . HOH D 3 .   ? 8.318   14.182  -7.809  1.00 42.48  ? 1848 HOH A O   1 
HETATM 1191 O O   . HOH D 3 .   ? 12.931  9.700   0.214   1.00 62.18  ? 1849 HOH A O   1 
HETATM 1192 O O   . HOH D 3 .   ? -0.487  -7.669  2.394   1.00 33.83  ? 1850 HOH A O   1 
HETATM 1193 O O   . HOH D 3 .   ? -8.986  -30.605 21.693  1.00 53.13  ? 1851 HOH A O   1 
HETATM 1194 O O   . HOH D 3 .   ? -3.000  -6.781  9.936   1.00 68.13  ? 1852 HOH A O   1 
HETATM 1195 O O   . HOH D 3 .   ? 4.399   11.918  0.836   1.00 43.57  ? 1853 HOH A O   1 
HETATM 1196 O O   . HOH D 3 .   ? -6.994  5.959   -12.014 1.00 43.91  ? 1854 HOH A O   1 
HETATM 1197 O O   . HOH D 3 .   ? -13.915 -14.173 8.022   1.00 43.95  ? 1855 HOH A O   1 
HETATM 1198 O O   . HOH D 3 .   ? -7.779  6.587   3.954   1.00 46.53  ? 1856 HOH A O   1 
HETATM 1199 O O   . HOH D 3 .   ? 8.726   9.421   4.634   1.00 53.24  ? 1857 HOH A O   1 
HETATM 1200 O O   . HOH D 3 .   ? -13.912 -11.364 -16.796 1.00 38.45  ? 1858 HOH A O   1 
HETATM 1201 O O   . HOH D 3 .   ? 0.393   15.032  9.965   1.00 37.58  ? 1859 HOH A O   1 
HETATM 1202 O O   . HOH D 3 .   ? -4.760  -4.035  8.024   1.00 71.82  ? 1860 HOH A O   1 
HETATM 1203 O O   . HOH D 3 .   ? 1.099   22.505  6.171   1.00 42.85  ? 1861 HOH A O   1 
HETATM 1204 O O   . HOH D 3 .   ? 12.781  15.751  -6.671  1.00 39.79  ? 1862 HOH A O   1 
HETATM 1205 O O   . HOH D 3 .   ? 13.108  -5.797  -4.177  1.00 65.40  ? 1863 HOH A O   1 
HETATM 1206 O O   . HOH D 3 .   ? -12.942 -3.812  -13.105 1.00 48.31  ? 1864 HOH A O   1 
HETATM 1207 O O   . HOH D 3 .   ? -9.890  2.324   1.971   1.00 60.42  ? 1865 HOH A O   1 
HETATM 1208 O O   . HOH D 3 .   ? -7.198  10.156  -6.190  1.00 35.36  ? 1866 HOH A O   1 
HETATM 1209 O O   . HOH D 3 .   ? -10.002 7.747   -3.312  1.00 36.07  ? 1867 HOH A O   1 
HETATM 1210 O O   . HOH D 3 .   ? -5.366  13.402  -11.035 1.00 66.68  ? 1868 HOH A O   1 
HETATM 1211 O O   . HOH D 3 .   ? -8.663  -20.610 -4.398  1.00 59.65  ? 1869 HOH A O   1 
HETATM 1212 O O   . HOH D 3 .   ? -8.346  -21.411 -1.576  1.00 58.38  ? 1870 HOH A O   1 
HETATM 1213 O O   . HOH D 3 .   ? -2.684  26.938  -2.798  1.00 62.81  ? 1871 HOH A O   1 
HETATM 1214 O O   . HOH D 3 .   ? 6.981   -1.169  7.750   1.00 84.46  ? 1872 HOH A O   1 
HETATM 1215 O O   . HOH D 3 .   ? -2.358  9.814   -13.804 1.00 45.85  ? 1873 HOH A O   1 
HETATM 1216 O O   . HOH D 3 .   ? 11.939  -4.544  -10.050 1.00 69.12  ? 1874 HOH A O   1 
HETATM 1217 O O   . HOH D 3 .   ? -10.006 -1.302  -6.761  1.00 52.21  ? 1875 HOH A O   1 
HETATM 1218 O O   . HOH D 3 .   ? 1.738   20.530  -14.983 1.00 51.43  ? 1876 HOH A O   1 
HETATM 1219 O O   . HOH D 3 .   ? -13.507 -10.347 1.122   1.00 48.54  ? 1877 HOH A O   1 
HETATM 1220 O O   . HOH D 3 .   ? -0.517  22.075  11.150  1.00 54.15  ? 1878 HOH A O   1 
HETATM 1221 O O   . HOH D 3 .   ? -13.417 -15.148 10.524  1.00 58.87  ? 1879 HOH A O   1 
HETATM 1222 O O   . HOH D 3 .   ? 6.502   23.921  -2.390  1.00 44.58  ? 1880 HOH A O   1 
HETATM 1223 O O   . HOH D 3 .   ? -3.973  -18.283 -4.143  1.00 48.41  ? 1881 HOH A O   1 
HETATM 1224 O O   . HOH D 3 .   ? 14.791  3.060   -6.442  1.00 58.57  ? 1882 HOH A O   1 
HETATM 1225 O O   . HOH D 3 .   ? 10.194  25.537  -0.309  1.00 61.36  ? 1883 HOH A O   1 
HETATM 1226 O O   . HOH D 3 .   ? 11.527  -4.566  0.578   1.00 43.51  ? 1884 HOH A O   1 
HETATM 1227 O O   . HOH D 3 .   ? -2.219  -23.377 3.869   1.00 63.92  ? 1885 HOH A O   1 
HETATM 1228 O O   . HOH D 3 .   ? 17.681  0.005   -1.231  1.00 68.80  ? 1886 HOH A O   1 
HETATM 1229 O O   . HOH D 3 .   ? -11.540 -0.214  -3.732  1.00 53.60  ? 1887 HOH A O   1 
HETATM 1230 O O   . HOH D 3 .   ? -4.739  14.291  -0.402  1.00 22.00  ? 1888 HOH A O   1 
HETATM 1231 O O   . HOH D 3 .   ? -17.565 -6.181  -9.928  1.00 54.88  ? 1889 HOH A O   1 
HETATM 1232 O O   . HOH D 3 .   ? -3.147  5.860   -14.501 1.00 58.20  ? 1890 HOH A O   1 
HETATM 1233 O O   . HOH D 3 .   ? -15.967 -31.501 25.039  1.00 69.21  ? 1891 HOH A O   1 
HETATM 1234 O O   . HOH D 3 .   ? -4.624  11.482  11.284  1.00 60.52  ? 1892 HOH A O   1 
HETATM 1235 O O   . HOH D 3 .   ? -0.014  -23.908 5.379   1.00 73.94  ? 1893 HOH A O   1 
HETATM 1236 O O   . HOH D 3 .   ? -10.467 2.687   -0.631  1.00 45.76  ? 1894 HOH A O   1 
HETATM 1237 O O   . HOH D 3 .   ? -4.894  10.142  4.195   1.00 27.90  ? 1895 HOH A O   1 
HETATM 1238 O O   . HOH D 3 .   ? -7.088  10.982  -1.490  1.00 34.31  ? 1896 HOH A O   1 
HETATM 1239 O O   . HOH D 3 .   ? -15.811 -10.043 -8.600  1.00 41.68  ? 1897 HOH A O   1 
HETATM 1240 O O   . HOH D 3 .   ? -2.144  16.771  -8.327  1.00 36.86  ? 1898 HOH A O   1 
HETATM 1241 O O   . HOH D 3 .   ? -4.632  6.734   7.089   1.00 29.75  ? 1899 HOH A O   1 
HETATM 1242 O O   . HOH D 3 .   ? -2.134  21.581  4.737   1.00 42.91  ? 1900 HOH A O   1 
HETATM 1243 O O   . HOH D 3 .   ? -3.647  19.497  3.939   1.00 33.62  ? 1901 HOH A O   1 
HETATM 1244 O O   . HOH D 3 .   ? 12.173  -4.994  -6.856  1.00 56.53  ? 1902 HOH A O   1 
HETATM 1245 O O   . HOH D 3 .   ? -3.183  18.240  10.829  1.00 62.58  ? 1903 HOH A O   1 
HETATM 1246 O O   . HOH D 3 .   ? -3.069  15.696  6.276   1.00 17.85  ? 1904 HOH A O   1 
HETATM 1247 O O   . HOH D 3 .   ? 16.893  0.555   -4.499  1.00 66.76  ? 1905 HOH A O   1 
HETATM 1248 O O   . HOH D 3 .   ? -10.362 -2.166  -16.442 1.00 56.15  ? 1906 HOH A O   1 
HETATM 1249 O O   . HOH D 3 .   ? 6.315   24.320  -5.069  1.00 58.21  ? 1907 HOH A O   1 
HETATM 1250 O O   . HOH D 3 .   ? 6.263   -10.513 -0.138  1.00 51.46  ? 1908 HOH A O   1 
HETATM 1251 O O   . HOH D 3 .   ? -4.984  28.079  -3.718  1.00 61.09  ? 1909 HOH A O   1 
HETATM 1252 O O   . HOH D 3 .   ? 19.368  11.648  -3.166  1.00 59.02  ? 1910 HOH A O   1 
HETATM 1253 O O   . HOH D 3 .   ? -8.992  -27.357 26.391  1.00 57.79  ? 1911 HOH A O   1 
HETATM 1254 O O   . HOH D 3 .   ? -5.351  15.719  2.057   0.50 61.43  ? 1912 HOH A O   1 
HETATM 1255 O O   . HOH D 3 .   ? 11.779  -2.325  -7.594  1.00 60.09  ? 1913 HOH A O   1 
HETATM 1256 O O   . HOH D 3 .   ? -7.444  13.322  -3.074  1.00 34.79  ? 1914 HOH A O   1 
HETATM 1257 O O   . HOH D 3 .   ? -11.599 -28.583 28.700  1.00 78.94  ? 1915 HOH A O   1 
HETATM 1258 O O   . HOH D 3 .   ? -3.244  6.766   9.501   1.00 60.85  ? 1916 HOH A O   1 
HETATM 1259 O O   . HOH D 3 .   ? -4.557  17.986  -4.446  1.00 52.63  ? 1917 HOH A O   1 
HETATM 1260 O O   . HOH D 3 .   ? -5.932  15.501  -2.399  1.00 36.33  ? 1918 HOH A O   1 
HETATM 1261 O O   . HOH D 3 .   ? -4.187  17.288  8.205   1.00 45.45  ? 1919 HOH A O   1 
HETATM 1262 O O   . HOH D 3 .   ? -16.389 -31.864 28.097  1.00 68.86  ? 1920 HOH A O   1 
# 
